data_6E7P
#
_entry.id   6E7P
#
loop_
_entity.id
_entity.type
_entity.pdbx_description
1 polymer Mucolipin-1
2 non-polymer '(1R,2S,3S,4R,5S,6R)-5-{[(R)-[(2R)-2,3-bis{[(1S)-1-hydroxyoctyl]oxy}propoxy](hydroxy)phosphoryl]oxy}-2,4,6-trihydroxycyclohexane-1,3-diyl bis[dihydrogen (phosphate)]'
#
_entity_poly.entity_id   1
_entity_poly.type   'polypeptide(L)'
_entity_poly.pdbx_seq_one_letter_code
;MTAPAGPRGSETERLLTPNPGYGTQAGPSPAPPTPPEEEDLRRRLKYFFMSPCDKFRAKGRKPCKLMLQVVKILVVTVQL
ILFGLSNQLAVTFREENTIAFRHLFLLGYSDGADDTFAAYTREQLYQAIFHAVDQYLALPDVSLGRYAYVRGGGDPWTNG
SGLALCQRYYHRGHVDPANDTFDIDPMVVTDCIQVDPPERPPPPPSDDLTLLESSSSYKNLTLKFHKLVNVTIHFRLKTI
NLQSLINNEIPDCYTFSVLITFDNKAHSGRIPISLETQAHIQECKHPSVFQHGDNSFRLLFDVVVILTCSLSFLLCARSL
LRGFLLQNEFVGFMWRQRGRVISLWERLEFVNGWYILLVTSDVLTISGTIMKIGIEAKNLASYDVCSILLGTSTLLVWVG
VIRYLTFFHNYNILIATLRVALPSVMRFCCCVAVIYLGYCFCGWIVLGPYHVKFRSLSMVSECLFSLINGDDMFVTFAAM
QAQQGRSSLVWLFSQLYLYSFISLFIYMVLSLFIALITGAYDTIKHPGGAGAEESELQAYIAQCQDSPTSGKFRRGSGSA
CSLLCCCGRDPSEEHSLLVN
;
_entity_poly.pdbx_strand_id   A,B,C,D
#
# COMPACT_ATOMS: atom_id res chain seq x y z
N GLU A 38 -28.90 56.48 12.94
CA GLU A 38 -28.67 55.96 11.60
C GLU A 38 -29.55 56.67 10.58
N GLU A 39 -29.62 58.00 10.63
CA GLU A 39 -30.56 58.69 9.73
C GLU A 39 -29.98 58.90 8.33
N ASP A 40 -28.93 59.71 8.21
CA ASP A 40 -28.47 60.16 6.91
C ASP A 40 -27.40 59.29 6.30
N LEU A 41 -26.87 58.32 7.04
CA LEU A 41 -25.83 57.43 6.52
C LEU A 41 -26.43 56.13 6.02
N ARG A 42 -27.72 56.12 5.68
CA ARG A 42 -28.33 54.88 5.21
C ARG A 42 -27.91 54.54 3.79
N ARG A 43 -27.83 55.54 2.91
CA ARG A 43 -27.60 55.22 1.50
C ARG A 43 -26.14 54.86 1.25
N ARG A 44 -25.22 55.62 1.82
CA ARG A 44 -23.81 55.35 1.58
C ARG A 44 -23.31 54.11 2.30
N LEU A 45 -23.83 53.80 3.49
CA LEU A 45 -23.37 52.61 4.19
C LEU A 45 -24.06 51.34 3.71
N LYS A 46 -25.07 51.45 2.86
CA LYS A 46 -25.64 50.26 2.23
C LYS A 46 -25.13 50.04 0.80
N TYR A 47 -24.58 51.07 0.16
CA TYR A 47 -23.86 50.86 -1.09
C TYR A 47 -22.65 50.00 -0.88
N PHE A 48 -22.00 50.15 0.28
CA PHE A 48 -20.84 49.33 0.55
C PHE A 48 -21.22 47.88 0.81
N PHE A 49 -22.45 47.62 1.24
CA PHE A 49 -22.94 46.26 1.33
C PHE A 49 -23.86 45.98 0.14
N MET A 50 -23.23 45.75 -1.00
CA MET A 50 -23.94 45.41 -2.22
C MET A 50 -23.29 44.22 -2.89
N SER A 51 -23.89 43.81 -4.00
CA SER A 51 -23.42 42.72 -4.84
C SER A 51 -23.50 43.16 -6.30
N PRO A 52 -22.55 42.74 -7.13
CA PRO A 52 -22.57 43.13 -8.54
C PRO A 52 -23.71 42.52 -9.34
N CYS A 53 -24.44 41.55 -8.80
CA CYS A 53 -25.72 41.19 -9.38
C CYS A 53 -26.74 42.30 -9.20
N ASP A 54 -26.58 43.14 -8.18
CA ASP A 54 -27.51 44.22 -7.91
C ASP A 54 -26.87 45.58 -8.06
N LYS A 55 -25.54 45.66 -8.21
CA LYS A 55 -24.89 46.91 -8.55
C LYS A 55 -25.29 47.38 -9.94
N PHE A 56 -25.59 46.44 -10.84
CA PHE A 56 -26.07 46.76 -12.18
C PHE A 56 -27.38 47.53 -12.13
N ARG A 57 -28.25 47.19 -11.20
CA ARG A 57 -29.49 47.92 -11.00
C ARG A 57 -29.42 48.87 -9.82
N ALA A 58 -28.24 49.07 -9.24
CA ALA A 58 -28.15 50.03 -8.14
C ALA A 58 -28.08 51.45 -8.68
N LYS A 59 -27.01 51.78 -9.40
CA LYS A 59 -26.83 53.11 -9.94
C LYS A 59 -26.33 53.07 -11.37
N GLY A 60 -26.34 51.90 -12.02
CA GLY A 60 -25.84 51.80 -13.37
C GLY A 60 -24.33 51.95 -13.44
N ARG A 61 -23.60 50.95 -12.95
CA ARG A 61 -22.16 51.09 -12.81
C ARG A 61 -21.35 50.45 -13.93
N LYS A 62 -21.94 49.47 -14.66
CA LYS A 62 -21.31 48.68 -15.72
C LYS A 62 -20.05 48.01 -15.19
N PRO A 63 -20.19 46.96 -14.39
CA PRO A 63 -19.08 46.50 -13.54
C PRO A 63 -17.94 45.81 -14.26
N CYS A 64 -17.12 46.58 -14.95
CA CYS A 64 -15.84 46.05 -15.40
C CYS A 64 -14.78 46.09 -14.30
N LYS A 65 -15.09 46.68 -13.14
CA LYS A 65 -14.15 46.65 -12.03
C LYS A 65 -14.07 45.28 -11.37
N LEU A 66 -14.96 44.36 -11.74
CA LEU A 66 -14.85 42.96 -11.35
C LEU A 66 -14.38 42.07 -12.50
N MET A 67 -14.65 42.45 -13.75
CA MET A 67 -14.31 41.58 -14.87
C MET A 67 -12.82 41.50 -15.12
N LEU A 68 -12.06 42.53 -14.71
CA LEU A 68 -10.60 42.49 -14.85
C LEU A 68 -10.00 41.41 -13.97
N GLN A 69 -10.61 41.14 -12.82
CA GLN A 69 -10.17 40.05 -11.95
C GLN A 69 -10.33 38.69 -12.61
N VAL A 70 -11.27 38.55 -13.54
CA VAL A 70 -11.44 37.29 -14.24
C VAL A 70 -10.33 37.10 -15.28
N VAL A 71 -9.73 38.20 -15.74
CA VAL A 71 -8.65 38.10 -16.73
C VAL A 71 -7.43 37.42 -16.13
N LYS A 72 -7.19 37.62 -14.83
CA LYS A 72 -6.11 36.94 -14.12
C LYS A 72 -6.24 35.43 -14.16
N ILE A 73 -7.47 34.91 -14.14
CA ILE A 73 -7.69 33.47 -14.18
C ILE A 73 -7.14 32.88 -15.46
N LEU A 74 -7.27 33.60 -16.56
CA LEU A 74 -6.67 33.13 -17.81
C LEU A 74 -5.19 33.42 -17.88
N VAL A 75 -4.77 34.64 -17.55
CA VAL A 75 -3.44 35.08 -17.93
C VAL A 75 -2.39 34.47 -17.01
N VAL A 76 -2.67 34.40 -15.71
CA VAL A 76 -1.69 33.85 -14.77
C VAL A 76 -1.52 32.36 -14.97
N THR A 77 -2.59 31.64 -15.22
CA THR A 77 -2.51 30.21 -15.46
C THR A 77 -1.75 29.89 -16.75
N VAL A 78 -2.00 30.68 -17.81
CA VAL A 78 -1.25 30.49 -19.04
C VAL A 78 0.20 30.93 -18.86
N GLN A 79 0.43 31.96 -18.04
CA GLN A 79 1.78 32.28 -17.61
C GLN A 79 2.40 31.12 -16.84
N LEU A 80 1.60 30.41 -16.08
CA LEU A 80 2.10 29.27 -15.33
C LEU A 80 2.34 28.03 -16.19
N ILE A 81 1.42 27.68 -17.07
CA ILE A 81 1.51 26.41 -17.79
C ILE A 81 2.65 26.45 -18.80
N LEU A 82 2.78 27.55 -19.53
CA LEU A 82 3.91 27.63 -20.45
C LEU A 82 5.21 28.00 -19.77
N PHE A 83 5.20 28.18 -18.45
CA PHE A 83 6.45 28.16 -17.71
C PHE A 83 6.84 26.75 -17.31
N GLY A 84 5.87 25.92 -16.98
CA GLY A 84 6.13 24.57 -16.52
C GLY A 84 6.64 23.66 -17.61
N LEU A 85 6.07 23.77 -18.81
CA LEU A 85 6.46 22.88 -19.89
C LEU A 85 7.86 23.16 -20.41
N SER A 86 8.29 24.41 -20.42
CA SER A 86 9.67 24.71 -20.77
C SER A 86 10.64 24.32 -19.67
N ASN A 87 10.16 24.24 -18.44
CA ASN A 87 11.00 23.83 -17.31
C ASN A 87 11.05 22.32 -17.15
N GLN A 88 9.95 21.62 -17.41
CA GLN A 88 9.92 20.17 -17.28
C GLN A 88 10.88 19.50 -18.26
N LEU A 89 10.91 19.98 -19.50
CA LEU A 89 11.70 19.36 -20.53
C LEU A 89 13.19 19.52 -20.28
N ALA A 90 13.59 20.54 -19.54
CA ALA A 90 14.98 20.70 -19.15
C ALA A 90 15.35 19.85 -17.95
N VAL A 91 14.38 19.46 -17.13
CA VAL A 91 14.70 18.62 -15.98
C VAL A 91 14.98 17.20 -16.42
N THR A 92 14.20 16.69 -17.38
CA THR A 92 14.42 15.32 -17.85
C THR A 92 15.74 15.20 -18.60
N PHE A 93 16.25 16.29 -19.17
CA PHE A 93 17.61 16.25 -19.67
C PHE A 93 18.62 16.29 -18.54
N ARG A 94 18.29 16.94 -17.43
CA ARG A 94 19.22 16.97 -16.30
C ARG A 94 19.28 15.63 -15.59
N GLU A 95 18.12 15.03 -15.31
CA GLU A 95 18.08 13.83 -14.51
C GLU A 95 18.28 12.57 -15.32
N GLU A 96 18.67 12.67 -16.58
CA GLU A 96 18.95 11.48 -17.36
C GLU A 96 20.40 11.43 -17.81
N ASN A 97 21.11 12.55 -17.82
CA ASN A 97 22.56 12.48 -17.96
C ASN A 97 23.24 12.00 -16.70
N THR A 98 22.65 12.17 -15.54
CA THR A 98 23.23 11.62 -14.33
C THR A 98 23.10 10.11 -14.29
N ILE A 99 21.93 9.61 -14.70
CA ILE A 99 21.69 8.18 -14.83
C ILE A 99 22.63 7.60 -15.86
N ALA A 100 22.97 8.36 -16.89
CA ALA A 100 24.04 7.96 -17.77
C ALA A 100 25.39 7.95 -17.07
N PHE A 101 25.63 8.91 -16.20
CA PHE A 101 26.95 9.00 -15.60
C PHE A 101 27.19 7.93 -14.56
N ARG A 102 26.16 7.48 -13.88
CA ARG A 102 26.37 6.44 -12.86
C ARG A 102 26.67 5.11 -13.50
N HIS A 103 26.17 4.86 -14.70
CA HIS A 103 26.52 3.65 -15.42
C HIS A 103 27.84 3.75 -16.15
N LEU A 104 28.56 4.84 -16.01
CA LEU A 104 29.88 4.97 -16.59
C LEU A 104 30.97 5.19 -15.58
N PHE A 105 30.64 5.69 -14.38
CA PHE A 105 31.64 6.16 -13.45
C PHE A 105 31.63 5.41 -12.12
N LEU A 106 30.72 4.47 -11.93
CA LEU A 106 30.62 3.74 -10.68
C LEU A 106 30.76 2.25 -10.95
N LEU A 107 31.72 1.62 -10.30
CA LEU A 107 32.09 0.25 -10.62
C LEU A 107 31.04 -0.71 -10.07
N GLY A 108 30.27 -1.32 -10.95
CA GLY A 108 29.31 -2.32 -10.53
C GLY A 108 27.99 -1.77 -10.07
N TYR A 109 27.52 -0.68 -10.67
CA TYR A 109 26.28 -0.05 -10.26
C TYR A 109 25.16 -0.57 -11.13
N SER A 110 24.31 -1.41 -10.56
CA SER A 110 23.06 -1.70 -11.24
C SER A 110 22.03 -0.64 -10.90
N ASP A 111 20.84 -0.77 -11.46
CA ASP A 111 19.81 0.23 -11.23
C ASP A 111 19.22 0.09 -9.84
N GLY A 112 18.50 1.12 -9.43
CA GLY A 112 17.74 1.10 -8.20
C GLY A 112 18.51 1.35 -6.92
N ALA A 113 19.65 0.70 -6.75
CA ALA A 113 20.42 0.77 -5.51
C ALA A 113 21.21 2.07 -5.44
N ASP A 114 20.48 3.17 -5.25
CA ASP A 114 21.16 4.46 -5.10
C ASP A 114 21.84 4.56 -3.75
N ASP A 115 21.05 4.51 -2.69
CA ASP A 115 21.55 4.81 -1.36
C ASP A 115 22.20 3.63 -0.66
N THR A 116 22.12 2.43 -1.24
CA THR A 116 22.70 1.24 -0.64
C THR A 116 23.88 0.73 -1.44
N PHE A 117 24.62 1.64 -2.07
CA PHE A 117 25.79 1.29 -2.85
C PHE A 117 27.01 1.73 -2.07
N ALA A 118 27.85 0.77 -1.69
CA ALA A 118 28.96 1.05 -0.79
C ALA A 118 30.15 0.18 -1.14
N ALA A 119 31.26 0.43 -0.45
CA ALA A 119 32.49 -0.31 -0.67
C ALA A 119 33.01 -0.76 0.69
N TYR A 120 33.24 -2.05 0.85
CA TYR A 120 33.46 -2.61 2.18
C TYR A 120 34.90 -3.03 2.45
N THR A 121 35.58 -3.60 1.46
CA THR A 121 36.97 -3.99 1.66
C THR A 121 37.87 -2.80 1.39
N ARG A 122 39.17 -3.03 1.40
CA ARG A 122 40.12 -1.98 1.07
C ARG A 122 40.43 -1.95 -0.41
N GLU A 123 40.30 -3.08 -1.08
CA GLU A 123 40.53 -3.15 -2.51
C GLU A 123 39.26 -2.90 -3.31
N GLN A 124 38.08 -2.95 -2.69
CA GLN A 124 36.92 -2.39 -3.34
C GLN A 124 37.02 -0.89 -3.48
N LEU A 125 37.72 -0.24 -2.57
CA LEU A 125 37.87 1.20 -2.65
C LEU A 125 38.90 1.59 -3.68
N TYR A 126 39.96 0.80 -3.86
CA TYR A 126 40.91 1.10 -4.92
C TYR A 126 40.32 0.87 -6.31
N GLN A 127 39.60 -0.22 -6.51
CA GLN A 127 39.04 -0.46 -7.83
C GLN A 127 37.92 0.50 -8.15
N ALA A 128 37.28 1.08 -7.14
CA ALA A 128 36.25 2.07 -7.43
C ALA A 128 36.85 3.38 -7.87
N ILE A 129 38.00 3.76 -7.32
CA ILE A 129 38.60 5.04 -7.67
C ILE A 129 39.22 4.97 -9.06
N PHE A 130 39.89 3.87 -9.35
CA PHE A 130 40.66 3.78 -10.59
C PHE A 130 39.74 3.66 -11.79
N HIS A 131 38.64 2.92 -11.64
CA HIS A 131 37.64 2.80 -12.69
C HIS A 131 36.95 4.11 -12.96
N ALA A 132 36.86 4.99 -11.96
CA ALA A 132 36.27 6.30 -12.19
C ALA A 132 37.18 7.24 -12.96
N VAL A 133 38.49 7.09 -12.83
CA VAL A 133 39.45 7.92 -13.57
C VAL A 133 39.63 7.41 -14.98
N ASP A 134 39.70 6.09 -15.14
CA ASP A 134 40.01 5.48 -16.43
C ASP A 134 38.92 5.76 -17.46
N GLN A 135 37.67 5.71 -17.04
CA GLN A 135 36.58 6.04 -17.96
C GLN A 135 36.59 7.52 -18.33
N TYR A 136 37.07 8.36 -17.43
CA TYR A 136 37.21 9.78 -17.77
C TYR A 136 38.31 9.98 -18.80
N LEU A 137 39.38 9.21 -18.72
CA LEU A 137 40.45 9.35 -19.69
C LEU A 137 40.10 8.76 -21.03
N ALA A 138 39.04 7.95 -21.10
CA ALA A 138 38.68 7.25 -22.32
C ALA A 138 37.26 7.57 -22.74
N LEU A 139 36.79 8.78 -22.45
CA LEU A 139 35.37 9.10 -22.65
C LEU A 139 34.94 9.13 -24.11
N PRO A 140 35.61 9.78 -25.07
CA PRO A 140 35.07 9.79 -26.42
C PRO A 140 35.18 8.47 -27.15
N ASP A 141 35.90 7.50 -26.61
CA ASP A 141 35.99 6.21 -27.30
C ASP A 141 34.91 5.25 -26.88
N VAL A 142 34.46 5.29 -25.63
CA VAL A 142 33.54 4.28 -25.13
C VAL A 142 32.12 4.80 -24.92
N SER A 143 31.92 6.10 -24.73
CA SER A 143 30.61 6.62 -24.42
C SER A 143 29.99 7.29 -25.63
N LEU A 144 28.70 7.08 -25.81
CA LEU A 144 27.98 7.89 -26.77
C LEU A 144 27.44 9.12 -26.05
N GLY A 145 27.01 10.10 -26.84
CA GLY A 145 26.48 11.34 -26.31
C GLY A 145 27.33 12.55 -26.58
N ARG A 146 28.65 12.35 -26.80
CA ARG A 146 29.59 13.38 -27.25
C ARG A 146 29.68 14.54 -26.26
N TYR A 147 30.25 14.22 -25.12
CA TYR A 147 30.66 15.24 -24.17
C TYR A 147 32.03 15.78 -24.55
N ALA A 148 32.46 16.82 -23.87
CA ALA A 148 33.81 17.35 -24.06
C ALA A 148 34.29 17.98 -22.77
N TYR A 149 35.61 18.02 -22.63
CA TYR A 149 36.23 18.37 -21.37
C TYR A 149 36.12 19.87 -21.11
N VAL A 150 36.49 20.28 -19.89
CA VAL A 150 36.33 21.68 -19.51
C VAL A 150 37.57 22.51 -19.82
N ARG A 151 38.76 21.97 -19.58
CA ARG A 151 40.02 22.71 -19.53
C ARG A 151 39.85 23.94 -18.62
N GLY A 152 39.58 23.66 -17.35
CA GLY A 152 39.02 24.64 -16.45
C GLY A 152 40.04 25.61 -15.88
N GLY A 153 39.53 26.52 -15.04
CA GLY A 153 40.35 27.51 -14.37
C GLY A 153 39.86 27.86 -12.98
N GLY A 154 39.05 26.99 -12.39
CA GLY A 154 38.44 27.25 -11.10
C GLY A 154 39.38 26.96 -9.94
N ASP A 155 38.78 26.90 -8.74
CA ASP A 155 39.56 26.80 -7.52
C ASP A 155 40.07 25.39 -7.20
N PRO A 156 39.26 24.28 -7.25
CA PRO A 156 39.89 22.98 -7.03
C PRO A 156 40.46 22.38 -8.29
N TRP A 157 41.12 23.20 -9.11
CA TRP A 157 41.81 22.74 -10.30
C TRP A 157 42.95 23.71 -10.58
N THR A 158 44.16 23.19 -10.77
CA THR A 158 45.21 24.02 -11.32
C THR A 158 45.01 24.17 -12.82
N ASN A 159 45.84 25.01 -13.42
CA ASN A 159 45.59 25.43 -14.80
C ASN A 159 45.95 24.31 -15.77
N GLY A 160 45.01 24.00 -16.65
CA GLY A 160 45.15 22.86 -17.54
C GLY A 160 44.39 21.65 -17.03
N SER A 161 44.35 21.51 -15.70
CA SER A 161 43.77 20.34 -15.07
C SER A 161 42.26 20.37 -15.14
N GLY A 162 41.67 19.19 -15.36
CA GLY A 162 40.23 19.06 -15.37
C GLY A 162 39.69 18.12 -14.30
N LEU A 163 40.46 17.09 -13.97
CA LEU A 163 40.05 16.10 -12.99
C LEU A 163 40.99 16.19 -11.80
N ALA A 164 40.44 16.08 -10.60
CA ALA A 164 41.27 16.17 -9.39
C ALA A 164 40.68 15.27 -8.32
N LEU A 165 41.41 14.23 -7.94
CA LEU A 165 41.00 13.41 -6.83
C LEU A 165 41.79 13.83 -5.61
N CYS A 166 41.07 14.15 -4.53
CA CYS A 166 41.66 14.83 -3.38
C CYS A 166 41.31 14.09 -2.12
N GLN A 167 42.31 13.64 -1.38
CA GLN A 167 42.03 13.03 -0.10
C GLN A 167 41.64 14.08 0.93
N ARG A 168 41.20 13.62 2.08
CA ARG A 168 41.07 14.45 3.27
C ARG A 168 41.41 13.58 4.45
N TYR A 169 42.36 14.01 5.26
CA TYR A 169 42.65 13.27 6.47
C TYR A 169 43.14 14.23 7.53
N TYR A 170 43.25 13.72 8.75
CA TYR A 170 43.61 14.54 9.89
C TYR A 170 45.08 14.93 9.83
N HIS A 171 45.43 15.98 10.56
CA HIS A 171 46.83 16.42 10.60
C HIS A 171 47.70 15.39 11.31
N ARG A 172 47.33 15.06 12.54
CA ARG A 172 48.10 14.13 13.34
C ARG A 172 47.13 13.40 14.23
N GLY A 173 47.11 12.08 14.13
CA GLY A 173 46.22 11.26 14.91
C GLY A 173 46.64 9.81 14.95
N HIS A 174 46.71 9.26 16.16
CA HIS A 174 47.18 7.89 16.37
C HIS A 174 46.13 7.19 17.20
N VAL A 175 45.10 6.66 16.53
CA VAL A 175 44.10 5.87 17.22
C VAL A 175 44.53 4.41 17.20
N ASP A 176 44.39 3.76 18.33
CA ASP A 176 44.77 2.36 18.48
C ASP A 176 43.99 1.76 19.64
N PRO A 177 43.11 0.81 19.37
CA PRO A 177 42.50 0.04 20.46
C PRO A 177 43.51 -0.87 21.10
N ALA A 178 43.28 -1.17 22.38
CA ALA A 178 44.10 -1.91 23.35
C ALA A 178 45.40 -1.18 23.72
N ASN A 179 45.71 -0.04 23.11
CA ASN A 179 46.74 0.90 23.59
C ASN A 179 46.14 2.29 23.35
N ASP A 180 45.36 2.77 24.31
CA ASP A 180 44.44 3.88 24.09
C ASP A 180 45.09 5.24 24.37
N THR A 181 46.26 5.48 23.78
CA THR A 181 46.92 6.78 23.80
C THR A 181 46.60 7.44 22.47
N PHE A 182 45.42 8.04 22.39
CA PHE A 182 44.89 8.47 21.11
C PHE A 182 44.72 9.99 21.07
N ASP A 183 45.17 10.59 19.97
CA ASP A 183 45.13 12.02 19.77
C ASP A 183 44.20 12.38 18.62
N ILE A 184 43.35 13.38 18.85
CA ILE A 184 42.36 13.80 17.88
C ILE A 184 42.38 15.32 17.88
N ASP A 185 42.79 15.91 16.77
CA ASP A 185 42.71 17.36 16.59
C ASP A 185 42.24 17.67 15.18
N PRO A 186 41.14 18.39 15.02
CA PRO A 186 40.61 18.64 13.67
C PRO A 186 41.47 19.61 12.89
N MET A 187 42.24 19.10 11.95
CA MET A 187 43.02 19.94 11.05
C MET A 187 43.22 19.13 9.77
N VAL A 188 42.40 19.39 8.80
CA VAL A 188 42.31 18.54 7.63
C VAL A 188 43.15 19.12 6.51
N VAL A 189 43.79 18.24 5.74
CA VAL A 189 44.69 18.65 4.67
C VAL A 189 44.16 18.09 3.36
N THR A 190 44.07 18.94 2.35
CA THR A 190 43.51 18.59 1.05
C THR A 190 44.64 18.24 0.09
N ASP A 191 44.96 16.96 -0.03
CA ASP A 191 46.02 16.48 -0.92
C ASP A 191 45.41 16.10 -2.27
N CYS A 192 45.49 17.01 -3.23
CA CYS A 192 44.91 16.78 -4.53
C CYS A 192 45.94 16.19 -5.48
N ILE A 193 45.46 15.36 -6.39
CA ILE A 193 46.26 14.81 -7.47
C ILE A 193 45.70 15.37 -8.76
N GLN A 194 46.56 15.90 -9.61
CA GLN A 194 46.13 16.64 -10.77
C GLN A 194 46.25 15.78 -12.02
N VAL A 195 45.21 15.81 -12.84
CA VAL A 195 45.22 15.10 -14.11
C VAL A 195 44.34 15.87 -15.09
N ASP A 196 44.87 16.10 -16.28
CA ASP A 196 44.28 16.73 -17.43
C ASP A 196 44.01 15.69 -18.52
N PRO A 197 42.96 15.85 -19.31
CA PRO A 197 42.68 14.89 -20.36
C PRO A 197 43.68 15.02 -21.49
N PRO A 198 44.02 13.92 -22.15
CA PRO A 198 44.99 14.00 -23.25
C PRO A 198 44.36 14.66 -24.47
N GLU A 199 45.22 15.27 -25.29
CA GLU A 199 44.78 16.00 -26.46
C GLU A 199 44.54 15.09 -27.65
N ARG A 200 45.52 14.25 -27.99
CA ARG A 200 45.50 13.43 -29.18
C ARG A 200 45.70 11.95 -28.86
N PRO A 201 45.15 11.04 -29.70
CA PRO A 201 45.39 9.59 -29.54
C PRO A 201 46.84 9.20 -29.76
N SER A 216 48.79 10.21 -15.22
CA SER A 216 50.20 9.94 -15.02
C SER A 216 50.45 9.10 -13.78
N SER A 217 50.92 9.75 -12.71
CA SER A 217 51.34 9.07 -11.50
C SER A 217 50.20 8.81 -10.54
N TYR A 218 48.95 8.91 -11.00
CA TYR A 218 47.82 8.76 -10.09
C TYR A 218 47.63 7.33 -9.63
N LYS A 219 48.08 6.35 -10.41
CA LYS A 219 48.09 4.96 -9.96
C LYS A 219 49.00 4.80 -8.75
N ASN A 220 50.11 5.50 -8.72
CA ASN A 220 50.93 5.56 -7.52
C ASN A 220 50.17 6.40 -6.50
N LEU A 221 49.52 5.73 -5.55
CA LEU A 221 48.64 6.39 -4.59
C LEU A 221 48.49 5.53 -3.37
N THR A 222 48.61 6.14 -2.19
CA THR A 222 48.24 5.50 -0.94
C THR A 222 47.13 6.32 -0.30
N LEU A 223 46.39 5.72 0.64
CA LEU A 223 45.19 6.36 1.14
C LEU A 223 45.17 6.66 2.62
N LYS A 224 45.92 5.91 3.44
CA LYS A 224 46.04 6.12 4.89
C LYS A 224 44.67 6.03 5.58
N PHE A 225 44.13 4.82 5.57
CA PHE A 225 42.72 4.59 5.88
C PHE A 225 42.35 4.89 7.32
N HIS A 226 43.25 4.66 8.27
CA HIS A 226 42.96 4.88 9.68
C HIS A 226 42.76 6.35 10.04
N LYS A 227 43.09 7.26 9.12
CA LYS A 227 42.95 8.69 9.31
C LYS A 227 42.03 9.31 8.26
N LEU A 228 41.51 8.50 7.34
CA LEU A 228 40.83 9.00 6.14
C LEU A 228 39.45 9.55 6.45
N VAL A 229 39.10 10.67 5.83
CA VAL A 229 37.82 11.34 6.05
C VAL A 229 36.90 11.16 4.86
N ASN A 230 37.26 11.69 3.70
CA ASN A 230 36.52 11.46 2.48
C ASN A 230 37.40 11.73 1.29
N VAL A 231 37.13 11.04 0.20
CA VAL A 231 37.86 11.18 -1.05
C VAL A 231 36.87 11.68 -2.09
N THR A 232 37.14 12.83 -2.68
CA THR A 232 36.23 13.42 -3.64
C THR A 232 36.89 13.47 -5.00
N ILE A 233 36.06 13.58 -6.04
CA ILE A 233 36.51 13.64 -7.41
C ILE A 233 35.66 14.68 -8.12
N HIS A 234 36.33 15.66 -8.74
CA HIS A 234 35.66 16.81 -9.35
C HIS A 234 36.03 16.87 -10.83
N PHE A 235 35.03 17.01 -11.70
CA PHE A 235 35.29 17.38 -13.07
C PHE A 235 34.05 18.01 -13.67
N ARG A 236 34.21 18.57 -14.87
CA ARG A 236 33.16 19.31 -15.54
C ARG A 236 33.11 18.90 -16.99
N LEU A 237 31.92 18.99 -17.58
CA LEU A 237 31.70 18.54 -18.95
C LEU A 237 30.69 19.45 -19.61
N LYS A 238 31.07 20.08 -20.72
CA LYS A 238 30.12 20.80 -21.53
C LYS A 238 29.45 19.86 -22.51
N THR A 239 28.30 20.30 -23.03
CA THR A 239 27.58 19.57 -24.06
C THR A 239 26.64 20.51 -24.78
N ILE A 240 25.98 19.97 -25.79
CA ILE A 240 24.98 20.69 -26.56
C ILE A 240 23.68 19.91 -26.43
N ASN A 241 22.64 20.56 -25.94
CA ASN A 241 21.32 19.96 -26.01
C ASN A 241 20.89 19.92 -27.46
N LEU A 242 20.19 18.88 -27.84
CA LEU A 242 19.85 18.67 -29.24
C LEU A 242 18.35 18.43 -29.36
N GLN A 243 17.59 19.15 -28.55
CA GLN A 243 16.14 19.17 -28.63
C GLN A 243 15.68 20.51 -29.18
N SER A 244 16.41 21.01 -30.17
CA SER A 244 16.19 22.31 -30.77
C SER A 244 15.10 22.29 -31.83
N LEU A 245 14.44 21.17 -32.01
CA LEU A 245 13.50 21.00 -33.11
C LEU A 245 12.09 21.44 -32.75
N ILE A 246 11.60 21.00 -31.58
CA ILE A 246 10.28 21.44 -31.13
C ILE A 246 10.34 22.87 -30.56
N ASN A 247 11.52 23.35 -30.20
CA ASN A 247 11.73 24.77 -29.92
C ASN A 247 11.89 25.56 -31.20
N ASN A 248 12.30 24.89 -32.29
CA ASN A 248 12.52 25.37 -33.66
C ASN A 248 13.73 26.31 -33.76
N GLU A 249 14.38 26.67 -32.65
CA GLU A 249 15.51 27.58 -32.70
C GLU A 249 16.67 27.10 -31.83
N ILE A 250 17.67 27.98 -31.69
CA ILE A 250 19.00 27.65 -31.17
C ILE A 250 18.93 27.20 -29.72
N PRO A 251 19.39 25.99 -29.42
CA PRO A 251 19.13 25.39 -28.12
C PRO A 251 20.08 25.92 -27.05
N ASP A 252 19.88 25.43 -25.84
CA ASP A 252 20.72 25.76 -24.71
C ASP A 252 22.02 24.98 -24.81
N CYS A 253 23.01 25.36 -24.00
CA CYS A 253 24.33 24.73 -24.07
C CYS A 253 24.85 24.57 -22.65
N TYR A 254 24.93 23.33 -22.17
CA TYR A 254 25.07 23.01 -20.76
C TYR A 254 26.52 22.88 -20.32
N THR A 255 26.70 22.73 -19.01
CA THR A 255 28.01 22.46 -18.40
C THR A 255 27.74 21.74 -17.09
N PHE A 256 27.92 20.43 -17.07
CA PHE A 256 27.66 19.69 -15.86
C PHE A 256 28.85 19.79 -14.91
N SER A 257 28.59 19.50 -13.64
CA SER A 257 29.64 19.53 -12.63
C SER A 257 29.49 18.29 -11.75
N VAL A 258 30.35 17.31 -11.97
CA VAL A 258 30.23 16.01 -11.33
C VAL A 258 31.03 16.01 -10.04
N LEU A 259 30.45 15.46 -8.98
CA LEU A 259 31.15 15.24 -7.72
C LEU A 259 30.91 13.79 -7.29
N ILE A 260 31.92 12.95 -7.44
CA ILE A 260 31.87 11.58 -6.95
C ILE A 260 32.46 11.57 -5.55
N THR A 261 31.67 11.14 -4.58
CA THR A 261 32.00 11.31 -3.17
C THR A 261 32.19 9.96 -2.50
N PHE A 262 33.38 9.71 -2.00
CA PHE A 262 33.65 8.54 -1.19
C PHE A 262 33.64 8.93 0.28
N ASP A 263 32.45 9.04 0.85
CA ASP A 263 32.31 9.63 2.18
C ASP A 263 32.54 8.62 3.28
N ASN A 264 33.38 8.97 4.24
CA ASN A 264 33.61 8.15 5.42
C ASN A 264 33.52 9.05 6.66
N LYS A 265 32.32 9.31 7.12
CA LYS A 265 32.22 10.11 8.34
C LYS A 265 32.17 9.23 9.58
N ALA A 266 31.34 8.19 9.56
CA ALA A 266 31.06 7.43 10.75
C ALA A 266 32.22 6.54 11.19
N HIS A 267 33.21 6.34 10.32
CA HIS A 267 34.35 5.44 10.56
C HIS A 267 33.89 4.05 10.94
N SER A 268 32.85 3.58 10.27
CA SER A 268 32.17 2.38 10.68
C SER A 268 32.51 1.18 9.82
N GLY A 269 33.54 1.25 9.01
CA GLY A 269 33.85 0.14 8.14
C GLY A 269 32.92 0.01 6.96
N ARG A 270 32.33 1.11 6.52
CA ARG A 270 31.40 1.10 5.40
C ARG A 270 31.42 2.47 4.74
N ILE A 271 31.90 2.53 3.51
CA ILE A 271 32.00 3.81 2.82
C ILE A 271 30.92 3.92 1.75
N PRO A 272 29.96 4.84 1.88
CA PRO A 272 29.01 5.07 0.80
C PRO A 272 29.68 5.74 -0.39
N ILE A 273 29.05 5.59 -1.55
CA ILE A 273 29.50 6.18 -2.79
C ILE A 273 28.34 6.96 -3.40
N SER A 274 28.60 8.17 -3.86
CA SER A 274 27.54 9.06 -4.30
C SER A 274 27.90 9.69 -5.63
N LEU A 275 26.98 10.47 -6.18
CA LEU A 275 27.24 11.26 -7.38
C LEU A 275 26.28 12.44 -7.42
N GLU A 276 26.77 13.60 -7.86
CA GLU A 276 26.00 14.83 -7.89
C GLU A 276 26.26 15.57 -9.19
N THR A 277 25.28 16.34 -9.64
CA THR A 277 25.46 17.26 -10.76
C THR A 277 24.77 18.58 -10.48
N GLN A 278 25.28 19.64 -11.10
CA GLN A 278 24.59 20.94 -11.15
C GLN A 278 24.71 21.44 -12.57
N ALA A 279 23.59 21.49 -13.29
CA ALA A 279 23.63 21.98 -14.66
C ALA A 279 23.70 23.50 -14.69
N HIS A 280 24.91 24.03 -14.73
CA HIS A 280 25.10 25.47 -14.93
C HIS A 280 24.89 25.81 -16.39
N ILE A 281 23.80 26.51 -16.69
CA ILE A 281 23.39 26.76 -18.07
C ILE A 281 23.79 28.17 -18.43
N GLN A 282 24.30 28.34 -19.65
CA GLN A 282 24.38 29.64 -20.29
C GLN A 282 24.34 29.42 -21.79
N GLU A 283 24.14 30.51 -22.53
CA GLU A 283 24.09 30.42 -23.98
C GLU A 283 25.48 30.20 -24.55
N CYS A 284 25.51 29.58 -25.72
CA CYS A 284 26.75 29.26 -26.40
C CYS A 284 26.95 30.16 -27.60
N LYS A 285 28.19 30.19 -28.10
CA LYS A 285 28.62 31.19 -29.07
C LYS A 285 28.01 30.95 -30.45
N HIS A 286 27.52 32.02 -31.07
CA HIS A 286 26.94 31.99 -32.40
C HIS A 286 26.89 33.39 -33.00
N PRO A 287 27.17 33.55 -34.29
CA PRO A 287 26.80 34.79 -35.01
C PRO A 287 25.48 34.72 -35.76
N SER A 288 24.69 33.66 -35.59
CA SER A 288 23.50 33.43 -36.38
C SER A 288 22.31 34.20 -35.81
N VAL A 289 21.23 34.26 -36.59
CA VAL A 289 20.08 35.12 -36.36
C VAL A 289 18.82 34.29 -36.65
N PHE A 290 17.64 34.95 -36.66
CA PHE A 290 16.27 34.44 -36.88
C PHE A 290 15.70 33.68 -35.69
N GLN A 291 16.22 33.90 -34.48
CA GLN A 291 15.74 33.10 -33.35
C GLN A 291 14.42 33.65 -32.79
N HIS A 292 14.31 34.97 -32.65
CA HIS A 292 13.19 35.57 -31.94
C HIS A 292 12.06 35.99 -32.86
N GLY A 293 11.81 35.24 -33.94
CA GLY A 293 10.60 35.47 -34.72
C GLY A 293 9.34 35.08 -33.98
N ASP A 294 9.44 34.10 -33.09
CA ASP A 294 8.36 33.70 -32.22
C ASP A 294 8.74 33.72 -30.74
N ASN A 295 10.03 33.79 -30.42
CA ASN A 295 10.48 33.69 -29.04
C ASN A 295 10.19 34.94 -28.24
N SER A 296 10.22 36.11 -28.88
CA SER A 296 9.84 37.34 -28.20
C SER A 296 8.34 37.42 -27.95
N PHE A 297 7.53 36.58 -28.61
CA PHE A 297 6.12 36.43 -28.29
C PHE A 297 5.88 35.64 -27.01
N ARG A 298 6.94 35.09 -26.40
CA ARG A 298 6.88 34.70 -25.00
C ARG A 298 7.51 35.76 -24.10
N LEU A 299 8.57 36.42 -24.58
CA LEU A 299 9.30 37.40 -23.81
C LEU A 299 8.48 38.64 -23.51
N LEU A 300 7.48 38.93 -24.33
CA LEU A 300 6.57 40.03 -24.13
C LEU A 300 5.16 39.54 -23.87
N PHE A 301 5.03 38.39 -23.22
CA PHE A 301 3.75 37.99 -22.65
C PHE A 301 3.65 38.26 -21.17
N ASP A 302 4.75 38.09 -20.44
CA ASP A 302 4.76 38.41 -19.02
C ASP A 302 4.55 39.89 -18.75
N VAL A 303 4.80 40.76 -19.72
CA VAL A 303 4.49 42.17 -19.57
C VAL A 303 2.98 42.39 -19.48
N VAL A 304 2.19 41.49 -20.05
CA VAL A 304 0.75 41.53 -19.84
C VAL A 304 0.43 41.12 -18.42
N VAL A 305 1.18 40.15 -17.88
CA VAL A 305 1.03 39.78 -16.47
C VAL A 305 1.51 40.94 -15.60
N ILE A 306 2.55 41.65 -16.05
CA ILE A 306 3.00 42.85 -15.36
C ILE A 306 1.92 43.93 -15.40
N LEU A 307 1.19 44.04 -16.51
CA LEU A 307 0.14 45.05 -16.59
C LEU A 307 -1.06 44.69 -15.73
N THR A 308 -1.66 43.52 -15.97
CA THR A 308 -3.00 43.25 -15.47
C THR A 308 -3.02 43.05 -13.96
N CYS A 309 -2.00 42.41 -13.41
CA CYS A 309 -1.96 42.23 -11.97
C CYS A 309 -1.67 43.56 -11.27
N SER A 310 -0.88 44.42 -11.90
CA SER A 310 -0.61 45.72 -11.31
C SER A 310 -1.81 46.64 -11.43
N LEU A 311 -2.47 46.64 -12.58
CA LEU A 311 -3.67 47.47 -12.73
C LEU A 311 -4.79 46.98 -11.83
N SER A 312 -4.82 45.71 -11.48
CA SER A 312 -5.70 45.20 -10.45
C SER A 312 -5.19 45.45 -9.06
N PHE A 313 -3.88 45.56 -8.87
CA PHE A 313 -3.36 45.99 -7.58
C PHE A 313 -3.68 47.45 -7.32
N LEU A 314 -3.82 48.25 -8.37
CA LEU A 314 -4.25 49.63 -8.19
C LEU A 314 -5.74 49.70 -7.87
N LEU A 315 -6.53 48.85 -8.50
CA LEU A 315 -7.97 48.99 -8.41
C LEU A 315 -8.50 48.48 -7.08
N CYS A 316 -8.03 47.31 -6.65
CA CYS A 316 -8.63 46.67 -5.48
C CYS A 316 -8.23 47.40 -4.21
N ALA A 317 -7.04 48.01 -4.19
CA ALA A 317 -6.57 48.69 -3.00
C ALA A 317 -7.26 50.02 -2.83
N ARG A 318 -7.84 50.58 -3.89
CA ARG A 318 -8.62 51.79 -3.76
C ARG A 318 -9.88 51.53 -2.94
N SER A 319 -10.42 50.32 -3.04
CA SER A 319 -11.52 49.94 -2.18
C SER A 319 -11.05 49.73 -0.75
N LEU A 320 -9.82 49.24 -0.57
CA LEU A 320 -9.23 49.21 0.77
C LEU A 320 -9.04 50.63 1.28
N LEU A 321 -8.64 51.54 0.40
CA LEU A 321 -8.55 52.95 0.77
C LEU A 321 -9.93 53.52 1.06
N ARG A 322 -10.96 52.97 0.42
CA ARG A 322 -12.30 53.46 0.67
C ARG A 322 -12.85 52.92 1.99
N GLY A 323 -12.55 51.67 2.30
CA GLY A 323 -13.14 51.06 3.48
C GLY A 323 -12.57 51.62 4.77
N PHE A 324 -11.28 51.89 4.81
CA PHE A 324 -10.68 52.47 5.99
C PHE A 324 -11.09 53.92 6.18
N LEU A 325 -11.28 54.64 5.06
CA LEU A 325 -11.74 56.03 5.10
C LEU A 325 -13.14 56.14 5.68
N LEU A 326 -14.01 55.18 5.41
CA LEU A 326 -15.37 55.18 5.92
C LEU A 326 -15.48 54.60 7.31
N GLN A 327 -14.37 54.38 8.00
CA GLN A 327 -14.44 53.96 9.38
C GLN A 327 -14.52 55.13 10.35
N ASN A 328 -13.96 56.27 9.97
CA ASN A 328 -13.90 57.43 10.87
C ASN A 328 -15.29 57.98 11.17
N GLU A 329 -16.23 57.78 10.27
CA GLU A 329 -17.57 58.32 10.44
C GLU A 329 -18.44 57.47 11.36
N PHE A 330 -18.26 56.15 11.35
CA PHE A 330 -19.08 55.30 12.20
C PHE A 330 -18.63 55.31 13.65
N VAL A 331 -17.44 55.85 13.94
CA VAL A 331 -16.92 55.81 15.30
C VAL A 331 -17.72 56.75 16.22
N GLY A 332 -17.71 58.04 15.93
CA GLY A 332 -18.48 58.96 16.75
C GLY A 332 -19.95 58.83 16.45
N PHE A 333 -20.31 59.20 15.23
CA PHE A 333 -21.50 58.76 14.48
C PHE A 333 -22.84 59.30 15.00
N MET A 334 -22.91 59.66 16.30
CA MET A 334 -23.95 60.55 16.78
C MET A 334 -23.42 61.33 17.98
N TRP A 335 -22.10 61.54 18.04
CA TRP A 335 -21.39 62.11 19.20
C TRP A 335 -21.68 61.24 20.41
N ARG A 336 -20.95 60.13 20.54
CA ARG A 336 -21.41 58.77 20.81
C ARG A 336 -22.75 58.62 21.49
N GLN A 337 -23.62 57.86 20.83
CA GLN A 337 -24.90 57.41 21.35
C GLN A 337 -24.75 56.07 22.06
N ARG A 338 -24.30 55.05 21.33
CA ARG A 338 -24.00 53.74 21.90
C ARG A 338 -22.56 53.66 22.39
N GLY A 339 -21.61 54.13 21.57
CA GLY A 339 -20.26 54.37 22.05
C GLY A 339 -19.42 53.14 22.29
N ARG A 340 -19.80 52.36 23.30
CA ARG A 340 -19.07 51.16 23.70
C ARG A 340 -19.43 49.94 22.87
N VAL A 341 -20.37 50.07 21.93
CA VAL A 341 -20.79 48.93 21.13
C VAL A 341 -19.74 48.60 20.08
N ILE A 342 -19.09 49.61 19.52
CA ILE A 342 -17.91 49.39 18.69
C ILE A 342 -16.81 48.81 19.55
N SER A 343 -16.32 47.62 19.17
CA SER A 343 -15.49 46.85 20.08
C SER A 343 -14.32 46.16 19.40
N LEU A 344 -13.88 46.67 18.23
CA LEU A 344 -12.74 46.18 17.45
C LEU A 344 -12.93 44.76 16.89
N TRP A 345 -14.09 44.15 17.12
CA TRP A 345 -14.54 43.00 16.36
C TRP A 345 -15.76 43.31 15.53
N GLU A 346 -16.60 44.26 15.96
CA GLU A 346 -17.57 44.86 15.06
C GLU A 346 -16.93 45.83 14.08
N ARG A 347 -15.67 46.19 14.27
CA ARG A 347 -14.93 46.89 13.23
C ARG A 347 -14.43 45.96 12.15
N LEU A 348 -14.41 44.65 12.41
CA LEU A 348 -13.74 43.70 11.52
C LEU A 348 -14.49 43.48 10.23
N GLU A 349 -15.80 43.68 10.21
CA GLU A 349 -16.58 43.37 9.01
C GLU A 349 -16.61 44.52 8.03
N PHE A 350 -15.68 45.48 8.14
CA PHE A 350 -15.56 46.55 7.18
C PHE A 350 -14.65 46.17 6.02
N VAL A 351 -13.41 45.82 6.32
CA VAL A 351 -12.43 45.46 5.30
C VAL A 351 -12.77 44.06 4.81
N ASN A 352 -13.02 43.93 3.52
CA ASN A 352 -13.45 42.66 2.97
C ASN A 352 -12.28 41.70 2.85
N GLY A 353 -12.47 40.48 3.33
CA GLY A 353 -11.39 39.51 3.35
C GLY A 353 -11.02 38.99 1.98
N TRP A 354 -11.91 39.14 0.99
CA TRP A 354 -11.59 38.69 -0.34
C TRP A 354 -10.61 39.62 -1.02
N TYR A 355 -10.64 40.91 -0.68
CA TYR A 355 -9.77 41.85 -1.36
C TYR A 355 -8.33 41.74 -0.90
N ILE A 356 -8.12 41.50 0.40
CA ILE A 356 -6.77 41.38 0.92
C ILE A 356 -6.10 40.10 0.41
N LEU A 357 -6.89 39.10 0.04
CA LEU A 357 -6.35 37.93 -0.63
C LEU A 357 -6.00 38.25 -2.07
N LEU A 358 -6.77 39.11 -2.72
CA LEU A 358 -6.44 39.51 -4.08
C LEU A 358 -5.26 40.48 -4.11
N VAL A 359 -5.06 41.23 -3.03
CA VAL A 359 -3.85 42.05 -2.91
C VAL A 359 -2.64 41.15 -2.70
N THR A 360 -2.83 40.05 -1.97
CA THR A 360 -1.72 39.20 -1.56
C THR A 360 -1.08 38.51 -2.75
N SER A 361 -1.91 37.95 -3.64
CA SER A 361 -1.40 37.28 -4.82
C SER A 361 -0.67 38.23 -5.75
N ASP A 362 -1.23 39.43 -5.96
CA ASP A 362 -0.63 40.42 -6.84
C ASP A 362 0.70 40.94 -6.33
N VAL A 363 0.91 40.93 -5.02
CA VAL A 363 2.25 41.14 -4.50
C VAL A 363 3.16 40.01 -4.95
N LEU A 364 2.69 38.77 -4.82
CA LEU A 364 3.52 37.62 -5.15
C LEU A 364 3.67 37.45 -6.65
N THR A 365 2.61 37.76 -7.41
CA THR A 365 2.62 37.44 -8.83
C THR A 365 3.58 38.34 -9.59
N ILE A 366 3.50 39.65 -9.34
CA ILE A 366 4.41 40.54 -10.05
C ILE A 366 5.81 40.48 -9.44
N SER A 367 5.95 39.98 -8.21
CA SER A 367 7.27 39.62 -7.72
C SER A 367 7.73 38.31 -8.33
N GLY A 368 6.81 37.42 -8.66
CA GLY A 368 7.19 36.15 -9.23
C GLY A 368 7.65 36.29 -10.66
N THR A 369 6.83 36.90 -11.51
CA THR A 369 7.15 36.98 -12.93
C THR A 369 8.32 37.91 -13.22
N ILE A 370 8.63 38.84 -12.32
CA ILE A 370 9.82 39.66 -12.52
C ILE A 370 11.07 38.84 -12.20
N MET A 371 10.94 37.77 -11.41
CA MET A 371 12.04 36.85 -11.20
C MET A 371 12.12 35.84 -12.33
N LYS A 372 10.98 35.58 -12.98
CA LYS A 372 10.92 34.66 -14.11
C LYS A 372 11.61 35.24 -15.34
N ILE A 373 11.81 36.56 -15.38
CA ILE A 373 12.57 37.19 -16.45
C ILE A 373 14.02 36.71 -16.44
N GLY A 374 14.54 36.31 -15.29
CA GLY A 374 15.85 35.70 -15.20
C GLY A 374 15.95 34.31 -15.79
N ILE A 375 15.66 34.18 -17.08
CA ILE A 375 15.96 32.96 -17.83
C ILE A 375 16.66 33.26 -19.15
N GLU A 376 16.67 34.50 -19.64
CA GLU A 376 17.36 34.81 -20.89
C GLU A 376 18.87 34.92 -20.66
N ALA A 377 19.29 35.89 -19.85
CA ALA A 377 20.70 36.20 -19.71
C ALA A 377 21.16 36.31 -18.27
N LYS A 378 20.26 36.27 -17.29
CA LYS A 378 20.68 36.39 -15.92
C LYS A 378 21.26 35.07 -15.46
N ASN A 379 22.38 35.12 -14.74
CA ASN A 379 23.14 33.96 -14.32
C ASN A 379 22.54 33.24 -13.12
N LEU A 380 21.35 33.62 -12.67
CA LEU A 380 20.75 32.93 -11.55
C LEU A 380 20.28 31.55 -11.98
N ALA A 381 20.46 30.58 -11.08
CA ALA A 381 19.83 29.27 -11.21
C ALA A 381 18.74 29.09 -10.17
N SER A 382 18.15 30.19 -9.72
CA SER A 382 17.21 30.18 -8.60
C SER A 382 15.84 29.67 -9.04
N TYR A 383 15.80 28.38 -9.37
CA TYR A 383 14.60 27.73 -9.83
C TYR A 383 13.71 27.24 -8.70
N ASP A 384 13.91 27.75 -7.48
CA ASP A 384 13.04 27.43 -6.37
C ASP A 384 12.25 28.65 -5.90
N VAL A 385 12.93 29.79 -5.77
CA VAL A 385 12.28 31.01 -5.31
C VAL A 385 11.32 31.53 -6.35
N CYS A 386 11.66 31.47 -7.63
CA CYS A 386 10.76 31.90 -8.67
C CYS A 386 9.60 30.94 -8.88
N SER A 387 9.70 29.72 -8.38
CA SER A 387 8.67 28.71 -8.58
C SER A 387 7.65 28.68 -7.47
N ILE A 388 8.07 28.90 -6.23
CA ILE A 388 7.13 28.88 -5.11
C ILE A 388 6.20 30.08 -5.19
N LEU A 389 6.72 31.24 -5.63
CA LEU A 389 5.90 32.45 -5.70
C LEU A 389 4.82 32.33 -6.76
N LEU A 390 5.12 31.70 -7.89
CA LEU A 390 4.13 31.59 -8.95
C LEU A 390 3.07 30.55 -8.60
N GLY A 391 3.47 29.46 -7.97
CA GLY A 391 2.51 28.42 -7.62
C GLY A 391 1.58 28.84 -6.50
N THR A 392 2.14 29.48 -5.47
CA THR A 392 1.34 29.92 -4.33
C THR A 392 0.38 31.04 -4.72
N SER A 393 0.73 31.84 -5.72
CA SER A 393 -0.21 32.79 -6.29
C SER A 393 -1.38 32.06 -6.93
N THR A 394 -1.06 31.10 -7.82
CA THR A 394 -2.09 30.40 -8.57
C THR A 394 -2.93 29.51 -7.66
N LEU A 395 -2.34 28.97 -6.61
CA LEU A 395 -3.09 28.29 -5.57
C LEU A 395 -4.07 29.21 -4.88
N LEU A 396 -3.72 30.49 -4.80
CA LEU A 396 -4.52 31.46 -4.08
C LEU A 396 -5.29 32.39 -5.00
N VAL A 397 -4.97 32.41 -6.29
CA VAL A 397 -5.84 33.09 -7.25
C VAL A 397 -7.09 32.27 -7.48
N TRP A 398 -6.94 30.98 -7.74
CA TRP A 398 -8.07 30.10 -8.03
C TRP A 398 -9.05 29.93 -6.88
N VAL A 399 -8.63 30.09 -5.63
CA VAL A 399 -9.61 30.04 -4.55
C VAL A 399 -10.46 31.30 -4.51
N GLY A 400 -10.07 32.36 -5.21
CA GLY A 400 -10.89 33.55 -5.25
C GLY A 400 -12.13 33.41 -6.12
N VAL A 401 -12.22 32.32 -6.88
CA VAL A 401 -13.39 32.04 -7.69
C VAL A 401 -14.60 31.73 -6.84
N ILE A 402 -14.37 31.25 -5.61
CA ILE A 402 -15.46 30.85 -4.71
C ILE A 402 -16.32 32.04 -4.32
N ARG A 403 -15.74 33.24 -4.34
CA ARG A 403 -16.49 34.47 -4.12
C ARG A 403 -17.61 34.63 -5.14
N TYR A 404 -17.35 34.23 -6.38
CA TYR A 404 -18.36 34.38 -7.43
C TYR A 404 -19.46 33.33 -7.26
N LEU A 405 -19.14 32.24 -6.58
CA LEU A 405 -20.16 31.23 -6.32
C LEU A 405 -21.06 31.66 -5.18
N THR A 406 -20.55 32.51 -4.28
CA THR A 406 -21.36 32.95 -3.15
C THR A 406 -22.38 34.01 -3.54
N PHE A 407 -22.35 34.49 -4.78
CA PHE A 407 -23.37 35.42 -5.24
C PHE A 407 -24.69 34.72 -5.50
N PHE A 408 -24.67 33.40 -5.65
CA PHE A 408 -25.90 32.66 -5.86
C PHE A 408 -26.47 32.19 -4.52
N HIS A 409 -27.78 32.04 -4.48
CA HIS A 409 -28.45 31.79 -3.21
C HIS A 409 -28.30 30.35 -2.74
N ASN A 410 -27.95 29.44 -3.64
CA ASN A 410 -27.79 28.04 -3.28
C ASN A 410 -26.41 27.73 -2.74
N TYR A 411 -25.37 28.21 -3.43
CA TYR A 411 -24.00 27.87 -3.09
C TYR A 411 -23.51 28.59 -1.84
N ASN A 412 -24.18 29.65 -1.42
CA ASN A 412 -23.85 30.36 -0.20
C ASN A 412 -24.06 29.50 1.02
N ILE A 413 -24.98 28.53 0.96
CA ILE A 413 -25.31 27.72 2.12
C ILE A 413 -24.15 26.80 2.46
N LEU A 414 -23.54 26.20 1.45
CA LEU A 414 -22.48 25.24 1.70
C LEU A 414 -21.20 25.93 2.15
N ILE A 415 -20.93 27.12 1.61
CA ILE A 415 -19.70 27.82 1.96
C ILE A 415 -19.79 28.44 3.34
N ALA A 416 -20.92 29.06 3.66
CA ALA A 416 -21.10 29.60 5.00
C ALA A 416 -21.27 28.52 6.05
N THR A 417 -21.56 27.29 5.65
CA THR A 417 -21.48 26.17 6.57
C THR A 417 -20.05 25.93 7.00
N LEU A 418 -19.10 26.07 6.08
CA LEU A 418 -17.70 26.01 6.45
C LEU A 418 -17.30 27.18 7.32
N ARG A 419 -17.86 28.35 7.06
CA ARG A 419 -17.41 29.55 7.77
C ARG A 419 -17.89 29.54 9.22
N VAL A 420 -19.08 28.99 9.48
CA VAL A 420 -19.52 28.88 10.87
C VAL A 420 -18.93 27.68 11.58
N ALA A 421 -18.24 26.81 10.86
CA ALA A 421 -17.67 25.60 11.46
C ALA A 421 -16.15 25.62 11.52
N LEU A 422 -15.50 26.47 10.74
CA LEU A 422 -14.06 26.68 10.81
C LEU A 422 -13.56 27.14 12.18
N PRO A 423 -14.33 27.91 13.00
CA PRO A 423 -13.91 28.06 14.40
C PRO A 423 -13.90 26.76 15.18
N SER A 424 -15.00 25.99 15.12
CA SER A 424 -15.14 24.84 16.00
C SER A 424 -14.17 23.72 15.66
N VAL A 425 -13.78 23.61 14.39
CA VAL A 425 -12.77 22.62 14.02
C VAL A 425 -11.40 23.06 14.52
N MET A 426 -11.09 24.34 14.35
CA MET A 426 -9.77 24.84 14.73
C MET A 426 -9.61 24.93 16.23
N ARG A 427 -10.70 24.98 16.98
CA ARG A 427 -10.61 24.77 18.43
C ARG A 427 -10.19 23.35 18.74
N PHE A 428 -10.89 22.38 18.16
CA PHE A 428 -10.66 20.97 18.49
C PHE A 428 -9.37 20.45 17.88
N CYS A 429 -8.90 21.07 16.80
CA CYS A 429 -7.63 20.67 16.22
C CYS A 429 -6.46 20.97 17.15
N CYS A 430 -6.62 21.95 18.04
CA CYS A 430 -5.64 22.16 19.08
C CYS A 430 -5.76 21.12 20.18
N CYS A 431 -6.96 20.58 20.42
CA CYS A 431 -7.14 19.56 21.44
C CYS A 431 -6.55 18.23 21.02
N VAL A 432 -6.39 18.00 19.73
CA VAL A 432 -5.89 16.72 19.26
C VAL A 432 -4.38 16.79 19.11
N ALA A 433 -3.88 17.94 18.67
CA ALA A 433 -2.45 18.11 18.41
C ALA A 433 -1.62 18.01 19.68
N VAL A 434 -2.24 18.31 20.82
CA VAL A 434 -1.57 18.11 22.10
C VAL A 434 -1.35 16.63 22.36
N ILE A 435 -2.37 15.81 22.13
CA ILE A 435 -2.22 14.38 22.30
C ILE A 435 -1.37 13.79 21.20
N TYR A 436 -1.44 14.37 20.00
CA TYR A 436 -0.67 13.87 18.87
C TYR A 436 0.82 14.10 19.06
N LEU A 437 1.22 15.21 19.69
CA LEU A 437 2.62 15.36 20.01
C LEU A 437 3.04 14.47 21.16
N GLY A 438 2.08 13.96 21.94
CA GLY A 438 2.44 13.03 22.99
C GLY A 438 2.96 11.71 22.45
N TYR A 439 2.25 11.14 21.48
CA TYR A 439 2.70 9.88 20.90
C TYR A 439 3.93 10.04 20.04
N CYS A 440 4.16 11.22 19.48
CA CYS A 440 5.36 11.42 18.67
C CYS A 440 6.62 11.43 19.52
N PHE A 441 6.57 11.95 20.74
CA PHE A 441 7.75 11.88 21.59
C PHE A 441 7.89 10.53 22.27
N CYS A 442 6.78 9.85 22.52
CA CYS A 442 6.87 8.56 23.18
C CYS A 442 7.34 7.48 22.23
N GLY A 443 6.86 7.50 20.99
CA GLY A 443 7.26 6.49 20.04
C GLY A 443 8.63 6.67 19.47
N TRP A 444 9.21 7.86 19.60
CA TRP A 444 10.52 8.13 19.05
C TRP A 444 11.64 7.58 19.90
N ILE A 445 11.41 7.37 21.20
CA ILE A 445 12.43 6.85 22.08
C ILE A 445 12.33 5.34 22.23
N VAL A 446 11.12 4.84 22.41
CA VAL A 446 10.95 3.41 22.63
C VAL A 446 11.24 2.63 21.36
N LEU A 447 10.57 2.99 20.26
CA LEU A 447 10.68 2.27 19.02
C LEU A 447 11.76 2.83 18.12
N GLY A 448 12.51 3.82 18.60
CA GLY A 448 13.59 4.43 17.88
C GLY A 448 14.77 3.58 17.50
N PRO A 449 15.42 2.91 18.48
CA PRO A 449 16.61 2.14 18.13
C PRO A 449 16.34 0.93 17.27
N TYR A 450 15.19 0.31 17.40
CA TYR A 450 15.01 -1.01 16.82
C TYR A 450 14.48 -0.97 15.39
N HIS A 451 14.05 0.17 14.88
CA HIS A 451 13.35 0.17 13.61
C HIS A 451 13.90 1.27 12.73
N VAL A 452 13.24 1.48 11.58
CA VAL A 452 13.73 2.36 10.54
C VAL A 452 12.79 3.54 10.32
N LYS A 453 11.47 3.28 10.31
CA LYS A 453 10.50 4.35 10.10
C LYS A 453 10.46 5.31 11.28
N PHE A 454 10.83 4.88 12.47
CA PHE A 454 10.67 5.67 13.68
C PHE A 454 11.97 6.29 14.15
N ARG A 455 12.80 6.80 13.23
CA ARG A 455 14.13 7.22 13.61
C ARG A 455 14.23 8.70 13.98
N SER A 456 13.68 9.59 13.16
CA SER A 456 13.65 11.01 13.50
C SER A 456 12.21 11.47 13.67
N LEU A 457 12.04 12.67 14.24
CA LEU A 457 10.70 13.18 14.49
C LEU A 457 9.97 13.51 13.20
N SER A 458 10.70 13.95 12.19
CA SER A 458 10.10 14.25 10.90
C SER A 458 9.60 13.01 10.19
N MET A 459 10.06 11.81 10.57
CA MET A 459 9.45 10.60 10.06
C MET A 459 8.32 10.10 10.93
N VAL A 460 8.44 10.27 12.25
CA VAL A 460 7.40 9.80 13.15
C VAL A 460 6.13 10.61 12.98
N SER A 461 6.28 11.91 12.75
CA SER A 461 5.13 12.73 12.43
C SER A 461 4.55 12.45 11.05
N GLU A 462 5.26 11.71 10.21
CA GLU A 462 4.73 11.20 8.96
C GLU A 462 4.21 9.78 9.08
N CYS A 463 4.94 8.92 9.81
CA CYS A 463 4.53 7.53 9.91
C CYS A 463 3.32 7.37 10.80
N LEU A 464 3.09 8.30 11.72
CA LEU A 464 1.86 8.24 12.49
C LEU A 464 0.71 8.92 11.77
N PHE A 465 0.98 10.02 11.09
CA PHE A 465 -0.11 10.75 10.47
C PHE A 465 -0.62 10.04 9.23
N SER A 466 0.25 9.33 8.51
CA SER A 466 -0.21 8.51 7.41
C SER A 466 -0.87 7.24 7.90
N LEU A 467 -0.80 6.95 9.18
CA LEU A 467 -1.33 5.73 9.72
C LEU A 467 -2.78 5.87 10.16
N ILE A 468 -3.18 7.04 10.65
CA ILE A 468 -4.57 7.21 11.07
C ILE A 468 -5.51 7.34 9.88
N ASN A 469 -5.00 7.67 8.70
CA ASN A 469 -5.83 7.65 7.51
C ASN A 469 -5.95 6.25 6.94
N GLY A 470 -5.12 5.32 7.40
CA GLY A 470 -5.19 3.95 6.93
C GLY A 470 -4.27 3.66 5.77
N ASP A 471 -2.98 3.91 5.94
CA ASP A 471 -2.02 3.64 4.88
C ASP A 471 -0.69 3.29 5.51
N ASP A 472 -0.05 2.25 4.97
CA ASP A 472 1.14 1.62 5.53
C ASP A 472 0.94 1.29 7.00
N MET A 473 -0.08 0.47 7.24
CA MET A 473 -0.40 0.02 8.59
C MET A 473 0.10 -1.38 8.86
N PHE A 474 -0.17 -2.33 7.97
CA PHE A 474 0.30 -3.69 8.17
C PHE A 474 1.81 -3.80 8.04
N VAL A 475 2.43 -2.92 7.25
CA VAL A 475 3.87 -3.00 7.06
C VAL A 475 4.60 -2.60 8.33
N THR A 476 4.03 -1.68 9.11
CA THR A 476 4.64 -1.31 10.38
C THR A 476 4.36 -2.32 11.47
N PHE A 477 3.23 -3.02 11.42
CA PHE A 477 3.04 -4.14 12.32
C PHE A 477 3.94 -5.31 11.98
N ALA A 478 4.22 -5.53 10.70
CA ALA A 478 5.09 -6.63 10.32
C ALA A 478 6.54 -6.36 10.65
N ALA A 479 6.96 -5.11 10.70
CA ALA A 479 8.34 -4.80 11.03
C ALA A 479 8.62 -4.94 12.51
N MET A 480 7.59 -4.92 13.35
CA MET A 480 7.82 -5.10 14.78
C MET A 480 8.12 -6.54 15.12
N GLN A 481 7.65 -7.49 14.31
CA GLN A 481 7.74 -8.90 14.65
C GLN A 481 9.05 -9.54 14.21
N ALA A 482 10.08 -8.75 13.96
CA ALA A 482 11.44 -9.24 14.02
C ALA A 482 12.02 -9.10 15.42
N GLN A 483 11.19 -8.71 16.39
CA GLN A 483 11.60 -8.47 17.75
C GLN A 483 10.78 -9.27 18.75
N GLN A 484 10.13 -10.35 18.31
CA GLN A 484 9.36 -11.13 19.26
C GLN A 484 10.26 -12.01 20.11
N GLY A 485 11.47 -12.29 19.64
CA GLY A 485 12.48 -12.94 20.45
C GLY A 485 13.48 -11.94 21.01
N ARG A 486 13.96 -11.03 20.15
CA ARG A 486 14.87 -9.98 20.57
C ARG A 486 14.11 -8.94 21.39
N SER A 487 14.33 -8.94 22.71
CA SER A 487 13.82 -7.93 23.64
C SER A 487 12.29 -7.89 23.63
N SER A 488 11.70 -8.98 24.10
CA SER A 488 10.26 -9.19 24.14
C SER A 488 9.51 -8.21 25.01
N LEU A 489 10.08 -7.25 25.73
CA LEU A 489 9.28 -6.21 26.33
C LEU A 489 8.91 -5.14 25.32
N VAL A 490 9.85 -4.79 24.44
CA VAL A 490 9.63 -3.73 23.48
C VAL A 490 8.60 -4.15 22.45
N TRP A 491 8.49 -5.46 22.18
CA TRP A 491 7.43 -5.96 21.32
C TRP A 491 6.07 -5.74 21.96
N LEU A 492 5.94 -6.12 23.23
CA LEU A 492 4.66 -6.00 23.91
C LEU A 492 4.28 -4.54 24.15
N PHE A 493 5.26 -3.65 24.23
CA PHE A 493 4.91 -2.23 24.23
C PHE A 493 4.43 -1.78 22.87
N SER A 494 5.02 -2.32 21.80
CA SER A 494 4.69 -1.87 20.46
C SER A 494 3.30 -2.32 20.03
N GLN A 495 2.83 -3.46 20.54
CA GLN A 495 1.45 -3.85 20.28
C GLN A 495 0.49 -2.94 21.03
N LEU A 496 0.86 -2.51 22.22
CA LEU A 496 0.02 -1.64 23.02
C LEU A 496 0.14 -0.19 22.61
N TYR A 497 1.28 0.20 22.04
CA TYR A 497 1.42 1.55 21.52
C TYR A 497 0.58 1.75 20.28
N LEU A 498 0.68 0.83 19.32
CA LEU A 498 0.04 1.03 18.03
C LEU A 498 -1.46 0.84 18.11
N TYR A 499 -1.93 -0.23 18.76
CA TYR A 499 -3.36 -0.49 18.86
C TYR A 499 -4.12 0.59 19.59
N SER A 500 -3.53 1.20 20.60
CA SER A 500 -4.23 2.21 21.38
C SER A 500 -4.22 3.56 20.69
N PHE A 501 -3.46 3.71 19.61
CA PHE A 501 -3.37 4.94 18.87
C PHE A 501 -4.24 4.94 17.62
N ILE A 502 -4.15 3.89 16.82
CA ILE A 502 -4.96 3.83 15.62
C ILE A 502 -6.43 3.62 15.95
N SER A 503 -6.72 2.96 17.06
CA SER A 503 -8.09 2.82 17.51
C SER A 503 -8.54 3.96 18.38
N LEU A 504 -7.74 5.01 18.50
CA LEU A 504 -8.17 6.23 19.16
C LEU A 504 -8.58 7.30 18.19
N PHE A 505 -7.78 7.56 17.16
CA PHE A 505 -8.07 8.67 16.26
C PHE A 505 -9.14 8.35 15.23
N ILE A 506 -9.35 7.09 14.89
CA ILE A 506 -10.45 6.81 13.96
C ILE A 506 -11.78 6.77 14.69
N TYR A 507 -11.83 6.23 15.89
CA TYR A 507 -13.11 5.86 16.48
C TYR A 507 -13.65 6.89 17.45
N MET A 508 -12.82 7.82 17.93
CA MET A 508 -13.32 8.87 18.81
C MET A 508 -12.85 10.26 18.44
N VAL A 509 -11.95 10.42 17.47
CA VAL A 509 -11.48 11.72 17.06
C VAL A 509 -11.96 12.08 15.66
N LEU A 510 -11.90 11.12 14.73
CA LEU A 510 -12.48 11.32 13.42
C LEU A 510 -13.99 11.52 13.50
N SER A 511 -14.63 10.91 14.48
CA SER A 511 -16.07 11.06 14.64
C SER A 511 -16.51 12.45 15.06
N LEU A 512 -15.63 13.22 15.72
CA LEU A 512 -15.99 14.59 16.05
C LEU A 512 -16.06 15.44 14.81
N PHE A 513 -15.08 15.30 13.92
CA PHE A 513 -15.03 16.07 12.69
C PHE A 513 -16.20 15.78 11.77
N ILE A 514 -16.82 14.62 11.88
CA ILE A 514 -18.09 14.37 11.21
C ILE A 514 -19.25 14.94 12.02
N ALA A 515 -19.16 14.95 13.34
CA ALA A 515 -20.25 15.44 14.16
C ALA A 515 -20.34 16.95 14.22
N LEU A 516 -19.20 17.65 14.16
CA LEU A 516 -19.26 19.10 14.24
C LEU A 516 -19.84 19.70 12.97
N ILE A 517 -19.54 19.11 11.81
CA ILE A 517 -20.05 19.65 10.57
C ILE A 517 -21.54 19.36 10.44
N THR A 518 -21.97 18.18 10.86
CA THR A 518 -23.39 17.88 10.93
C THR A 518 -24.08 18.78 11.93
N GLY A 519 -23.44 19.01 13.08
CA GLY A 519 -23.98 19.91 14.07
C GLY A 519 -23.99 21.37 13.64
N ALA A 520 -23.16 21.73 12.66
CA ALA A 520 -23.20 23.08 12.13
C ALA A 520 -24.12 23.21 10.93
N TYR A 521 -24.38 22.12 10.21
CA TYR A 521 -25.27 22.20 9.06
C TYR A 521 -26.71 22.33 9.48
N ASP A 522 -27.06 21.86 10.67
CA ASP A 522 -28.40 22.10 11.18
C ASP A 522 -28.63 23.55 11.58
N THR A 523 -27.59 24.24 12.01
CA THR A 523 -27.78 25.61 12.46
C THR A 523 -27.99 26.56 11.30
N ILE A 524 -27.35 26.30 10.16
CA ILE A 524 -27.37 27.27 9.08
C ILE A 524 -28.70 27.22 8.34
N LYS A 525 -29.37 26.06 8.34
CA LYS A 525 -30.60 25.96 7.59
C LYS A 525 -31.83 26.00 8.48
N HIS A 526 -31.65 26.12 9.79
CA HIS A 526 -32.78 26.33 10.69
C HIS A 526 -32.41 27.31 11.79
N GLU B 38 -26.90 21.55 54.83
CA GLU B 38 -25.79 22.21 54.14
C GLU B 38 -25.63 23.64 54.62
N GLU B 39 -25.65 23.90 55.92
CA GLU B 39 -25.61 25.28 56.38
C GLU B 39 -24.20 25.84 56.44
N ASP B 40 -23.36 25.30 57.31
CA ASP B 40 -22.08 25.92 57.62
C ASP B 40 -20.94 25.41 56.77
N LEU B 41 -21.15 24.38 55.96
CA LEU B 41 -20.10 23.84 55.11
C LEU B 41 -20.19 24.37 53.69
N ARG B 42 -20.83 25.54 53.52
CA ARG B 42 -20.97 26.08 52.19
C ARG B 42 -19.66 26.68 51.68
N ARG B 43 -18.93 27.40 52.54
CA ARG B 43 -17.76 28.11 52.04
C ARG B 43 -16.59 27.17 51.79
N ARG B 44 -16.34 26.24 52.71
CA ARG B 44 -15.21 25.35 52.54
C ARG B 44 -15.44 24.30 51.46
N LEU B 45 -16.67 23.82 51.29
CA LEU B 45 -16.91 22.82 50.26
C LEU B 45 -17.10 23.42 48.88
N LYS B 46 -17.16 24.75 48.76
CA LYS B 46 -17.14 25.38 47.45
C LYS B 46 -15.79 25.94 47.07
N TYR B 47 -14.89 26.15 48.05
CA TYR B 47 -13.50 26.44 47.72
C TYR B 47 -12.85 25.27 47.01
N PHE B 48 -13.24 24.05 47.38
CA PHE B 48 -12.67 22.88 46.73
C PHE B 48 -13.19 22.75 45.31
N PHE B 49 -14.34 23.31 45.00
CA PHE B 49 -14.82 23.37 43.63
C PHE B 49 -14.59 24.78 43.09
N MET B 50 -13.34 25.06 42.76
CA MET B 50 -12.97 26.34 42.17
C MET B 50 -12.07 26.12 40.96
N SER B 51 -11.70 27.23 40.34
CA SER B 51 -10.83 27.29 39.20
C SER B 51 -9.81 28.39 39.41
N PRO B 52 -8.56 28.19 38.96
CA PRO B 52 -7.53 29.23 39.13
C PRO B 52 -7.76 30.49 38.32
N CYS B 53 -8.70 30.48 37.38
CA CYS B 53 -9.18 31.73 36.81
C CYS B 53 -9.96 32.53 37.84
N ASP B 54 -10.56 31.87 38.83
CA ASP B 54 -11.34 32.54 39.84
C ASP B 54 -10.74 32.40 41.23
N LYS B 55 -9.71 31.56 41.40
CA LYS B 55 -8.97 31.54 42.65
C LYS B 55 -8.21 32.84 42.87
N PHE B 56 -7.81 33.50 41.79
CA PHE B 56 -7.16 34.80 41.86
C PHE B 56 -8.06 35.85 42.50
N ARG B 57 -9.35 35.79 42.22
CA ARG B 57 -10.32 36.67 42.85
C ARG B 57 -11.08 35.98 43.97
N ALA B 58 -10.68 34.78 44.36
CA ALA B 58 -11.37 34.13 45.47
C ALA B 58 -10.88 34.69 46.81
N LYS B 59 -9.60 34.45 47.12
CA LYS B 59 -9.04 34.92 48.37
C LYS B 59 -7.65 35.51 48.16
N GLY B 60 -7.24 35.75 46.92
CA GLY B 60 -5.92 36.30 46.67
C GLY B 60 -4.83 35.28 46.95
N ARG B 61 -4.72 34.25 46.11
CA ARG B 61 -3.83 33.14 46.40
C ARG B 61 -2.49 33.21 45.67
N LYS B 62 -2.40 33.96 44.55
CA LYS B 62 -1.24 34.10 43.68
C LYS B 62 -0.77 32.71 43.21
N PRO B 63 -1.51 32.09 42.27
CA PRO B 63 -1.38 30.65 42.05
C PRO B 63 -0.10 30.20 41.36
N CYS B 64 1.00 30.20 42.11
CA CYS B 64 2.19 29.49 41.64
C CYS B 64 2.12 28.00 41.94
N LYS B 65 1.10 27.54 42.66
CA LYS B 65 0.93 26.11 42.88
C LYS B 65 0.45 25.37 41.64
N LEU B 66 0.07 26.10 40.59
CA LEU B 66 -0.19 25.54 39.28
C LEU B 66 0.92 25.82 38.28
N MET B 67 1.66 26.92 38.45
CA MET B 67 2.67 27.29 37.46
C MET B 67 3.87 26.36 37.49
N LEU B 68 4.13 25.71 38.63
CA LEU B 68 5.23 24.75 38.71
C LEU B 68 4.98 23.54 37.83
N GLN B 69 3.71 23.17 37.67
CA GLN B 69 3.33 22.09 36.77
C GLN B 69 3.64 22.41 35.31
N VAL B 70 3.67 23.69 34.95
CA VAL B 70 4.01 24.08 33.59
C VAL B 70 5.51 23.95 33.35
N VAL B 71 6.31 24.01 34.43
CA VAL B 71 7.76 23.88 34.29
C VAL B 71 8.14 22.48 33.83
N LYS B 72 7.37 21.47 34.23
CA LYS B 72 7.56 20.10 33.76
C LYS B 72 7.45 19.96 32.26
N ILE B 73 6.57 20.74 31.64
CA ILE B 73 6.38 20.68 30.19
C ILE B 73 7.66 21.06 29.48
N LEU B 74 8.40 22.02 30.01
CA LEU B 74 9.69 22.34 29.42
C LEU B 74 10.77 21.37 29.84
N VAL B 75 10.87 21.06 31.12
CA VAL B 75 12.07 20.43 31.63
C VAL B 75 12.12 18.95 31.26
N VAL B 76 10.98 18.26 31.35
CA VAL B 76 10.94 16.84 31.05
C VAL B 76 11.15 16.59 29.56
N THR B 77 10.56 17.42 28.70
CA THR B 77 10.73 17.28 27.27
C THR B 77 12.17 17.55 26.85
N VAL B 78 12.80 18.57 27.44
CA VAL B 78 14.21 18.83 27.15
C VAL B 78 15.09 17.74 27.75
N GLN B 79 14.70 17.20 28.91
CA GLN B 79 15.34 15.98 29.41
C GLN B 79 15.16 14.83 28.44
N LEU B 80 14.02 14.77 27.76
CA LEU B 80 13.77 13.71 26.79
C LEU B 80 14.51 13.91 25.48
N ILE B 81 14.50 15.11 24.92
CA ILE B 81 15.03 15.31 23.57
C ILE B 81 16.55 15.19 23.57
N LEU B 82 17.21 15.77 24.55
CA LEU B 82 18.65 15.60 24.62
C LEU B 82 19.07 14.26 25.19
N PHE B 83 18.12 13.40 25.55
CA PHE B 83 18.44 12.00 25.77
C PHE B 83 18.37 11.21 24.48
N GLY B 84 17.41 11.56 23.62
CA GLY B 84 17.21 10.82 22.38
C GLY B 84 18.31 11.04 21.37
N LEU B 85 18.80 12.28 21.25
CA LEU B 85 19.81 12.58 20.25
C LEU B 85 21.16 11.97 20.58
N SER B 86 21.51 11.87 21.85
CA SER B 86 22.72 11.16 22.23
C SER B 86 22.58 9.66 22.08
N ASN B 87 21.35 9.15 22.14
CA ASN B 87 21.10 7.73 21.98
C ASN B 87 20.96 7.32 20.53
N GLN B 88 20.36 8.18 19.69
CA GLN B 88 20.18 7.87 18.28
C GLN B 88 21.52 7.73 17.57
N LEU B 89 22.46 8.62 17.87
CA LEU B 89 23.73 8.64 17.18
C LEU B 89 24.58 7.43 17.52
N ALA B 90 24.36 6.82 18.67
CA ALA B 90 25.04 5.58 19.01
C ALA B 90 24.38 4.37 18.38
N VAL B 91 23.11 4.44 18.01
CA VAL B 91 22.46 3.30 17.40
C VAL B 91 22.91 3.15 15.96
N THR B 92 23.05 4.27 15.24
CA THR B 92 23.49 4.19 13.85
C THR B 92 24.93 3.74 13.74
N PHE B 93 25.73 3.93 14.78
CA PHE B 93 27.04 3.29 14.80
C PHE B 93 26.91 1.80 15.09
N ARG B 94 25.91 1.39 15.87
CA ARG B 94 25.74 -0.02 16.14
C ARG B 94 25.20 -0.76 14.93
N GLU B 95 24.18 -0.22 14.28
CA GLU B 95 23.51 -0.93 13.21
C GLU B 95 24.18 -0.74 11.86
N GLU B 96 25.38 -0.16 11.82
CA GLU B 96 26.09 -0.03 10.56
C GLU B 96 27.41 -0.78 10.57
N ASN B 97 27.94 -1.10 11.75
CA ASN B 97 29.03 -2.05 11.80
C ASN B 97 28.59 -3.48 11.57
N THR B 98 27.33 -3.81 11.85
CA THR B 98 26.84 -5.14 11.54
C THR B 98 26.66 -5.31 10.05
N ILE B 99 26.12 -4.28 9.38
CA ILE B 99 26.00 -4.27 7.93
C ILE B 99 27.37 -4.34 7.28
N ALA B 100 28.38 -3.77 7.93
CA ALA B 100 29.74 -4.01 7.50
C ALA B 100 30.15 -5.45 7.73
N PHE B 101 29.73 -6.06 8.82
CA PHE B 101 30.21 -7.39 9.13
C PHE B 101 29.58 -8.46 8.25
N ARG B 102 28.34 -8.25 7.80
CA ARG B 102 27.72 -9.24 6.95
C ARG B 102 28.33 -9.26 5.56
N HIS B 103 28.85 -8.14 5.10
CA HIS B 103 29.56 -8.10 3.83
C HIS B 103 31.00 -8.55 3.95
N LEU B 104 31.43 -8.98 5.12
CA LEU B 104 32.76 -9.51 5.28
C LEU B 104 32.79 -10.95 5.76
N PHE B 105 31.73 -11.43 6.37
CA PHE B 105 31.75 -12.71 7.06
C PHE B 105 30.75 -13.70 6.53
N LEU B 106 29.95 -13.35 5.54
CA LEU B 106 28.95 -14.23 4.99
C LEU B 106 29.18 -14.40 3.51
N LEU B 107 29.34 -15.64 3.07
CA LEU B 107 29.76 -15.91 1.70
C LEU B 107 28.61 -15.70 0.74
N GLY B 108 28.69 -14.65 -0.06
CA GLY B 108 27.68 -14.41 -1.07
C GLY B 108 26.46 -13.67 -0.58
N TYR B 109 26.62 -12.75 0.35
CA TYR B 109 25.49 -12.03 0.91
C TYR B 109 25.33 -10.73 0.17
N SER B 110 24.30 -10.62 -0.65
CA SER B 110 23.93 -9.33 -1.16
C SER B 110 23.02 -8.64 -0.14
N ASP B 111 22.60 -7.42 -0.47
CA ASP B 111 21.76 -6.68 0.45
C ASP B 111 20.35 -7.20 0.45
N GLY B 112 19.59 -6.80 1.46
CA GLY B 112 18.17 -7.08 1.55
C GLY B 112 17.79 -8.45 2.06
N ALA B 113 18.43 -9.50 1.55
CA ALA B 113 18.06 -10.87 1.87
C ALA B 113 18.61 -11.26 3.24
N ASP B 114 18.02 -10.69 4.29
CA ASP B 114 18.42 -11.05 5.64
C ASP B 114 17.91 -12.44 5.99
N ASP B 115 16.60 -12.60 6.02
CA ASP B 115 15.99 -13.80 6.57
C ASP B 115 15.89 -14.93 5.55
N THR B 116 16.21 -14.69 4.29
CA THR B 116 16.11 -15.72 3.26
C THR B 116 17.49 -16.11 2.75
N PHE B 117 18.48 -16.07 3.63
CA PHE B 117 19.84 -16.44 3.28
C PHE B 117 20.15 -17.77 3.93
N ALA B 118 20.40 -18.79 3.12
CA ALA B 118 20.52 -20.15 3.64
C ALA B 118 21.56 -20.91 2.84
N ALA B 119 21.83 -22.14 3.29
CA ALA B 119 22.81 -23.00 2.63
C ALA B 119 22.16 -24.36 2.45
N TYR B 120 22.15 -24.86 1.23
CA TYR B 120 21.32 -26.01 0.88
C TYR B 120 22.08 -27.29 0.63
N THR B 121 23.25 -27.22 0.00
CA THR B 121 24.04 -28.42 -0.23
C THR B 121 24.91 -28.68 0.99
N ARG B 122 25.79 -29.67 0.88
CA ARG B 122 26.72 -29.94 1.95
C ARG B 122 28.01 -29.16 1.80
N GLU B 123 28.37 -28.81 0.58
CA GLU B 123 29.55 -28.02 0.32
C GLU B 123 29.27 -26.52 0.34
N GLN B 124 28.01 -26.11 0.26
CA GLN B 124 27.70 -24.73 0.61
C GLN B 124 27.93 -24.46 2.08
N LEU B 125 27.78 -25.47 2.92
CA LEU B 125 28.00 -25.29 4.34
C LEU B 125 29.48 -25.27 4.68
N TYR B 126 30.30 -26.04 3.96
CA TYR B 126 31.74 -25.96 4.20
C TYR B 126 32.33 -24.64 3.72
N GLN B 127 31.93 -24.17 2.54
CA GLN B 127 32.50 -22.92 2.05
C GLN B 127 32.00 -21.72 2.86
N ALA B 128 30.85 -21.85 3.51
CA ALA B 128 30.39 -20.76 4.34
C ALA B 128 31.18 -20.66 5.63
N ILE B 129 31.59 -21.79 6.19
CA ILE B 129 32.31 -21.79 7.45
C ILE B 129 33.73 -21.30 7.24
N PHE B 130 34.37 -21.79 6.18
CA PHE B 130 35.79 -21.52 5.99
C PHE B 130 36.02 -20.06 5.61
N HIS B 131 35.13 -19.51 4.80
CA HIS B 131 35.19 -18.10 4.43
C HIS B 131 34.96 -17.19 5.63
N ALA B 132 34.23 -17.65 6.62
CA ALA B 132 34.04 -16.85 7.82
C ALA B 132 35.26 -16.83 8.72
N VAL B 133 36.06 -17.89 8.72
CA VAL B 133 37.27 -17.95 9.51
C VAL B 133 38.42 -17.21 8.82
N ASP B 134 38.52 -17.36 7.51
CA ASP B 134 39.64 -16.82 6.75
C ASP B 134 39.66 -15.30 6.77
N GLN B 135 38.48 -14.68 6.67
CA GLN B 135 38.41 -13.23 6.76
C GLN B 135 38.75 -12.74 8.15
N TYR B 136 38.47 -13.55 9.17
CA TYR B 136 38.87 -13.19 10.53
C TYR B 136 40.38 -13.25 10.68
N LEU B 137 41.03 -14.21 10.03
CA LEU B 137 42.47 -14.30 10.14
C LEU B 137 43.17 -13.24 9.31
N ALA B 138 42.46 -12.58 8.41
CA ALA B 138 43.06 -11.61 7.52
C ALA B 138 42.41 -10.25 7.63
N LEU B 139 41.93 -9.90 8.82
CA LEU B 139 41.12 -8.69 8.97
C LEU B 139 41.86 -7.39 8.75
N PRO B 140 43.06 -7.12 9.31
CA PRO B 140 43.67 -5.82 9.07
C PRO B 140 44.22 -5.63 7.68
N ASP B 141 44.28 -6.68 6.87
CA ASP B 141 44.78 -6.49 5.52
C ASP B 141 43.69 -6.15 4.52
N VAL B 142 42.48 -6.66 4.71
CA VAL B 142 41.44 -6.51 3.70
C VAL B 142 40.34 -5.54 4.11
N SER B 143 40.13 -5.31 5.39
CA SER B 143 39.01 -4.48 5.83
C SER B 143 39.50 -3.11 6.25
N LEU B 144 38.72 -2.10 5.90
CA LEU B 144 38.96 -0.80 6.49
C LEU B 144 38.13 -0.69 7.76
N GLY B 145 38.44 0.32 8.57
CA GLY B 145 37.74 0.55 9.81
C GLY B 145 38.58 0.32 11.05
N ARG B 146 39.62 -0.50 10.95
CA ARG B 146 40.65 -0.70 11.98
C ARG B 146 40.04 -1.25 13.28
N TYR B 147 39.60 -2.49 13.18
CA TYR B 147 39.23 -3.25 14.36
C TYR B 147 40.48 -3.88 14.96
N ALA B 148 40.31 -4.48 16.14
CA ALA B 148 41.40 -5.22 16.76
C ALA B 148 40.83 -6.34 17.61
N TYR B 149 41.63 -7.39 17.79
CA TYR B 149 41.15 -8.62 18.37
C TYR B 149 40.96 -8.47 19.88
N VAL B 150 40.35 -9.47 20.50
CA VAL B 150 40.02 -9.38 21.91
C VAL B 150 41.14 -9.92 22.80
N ARG B 151 41.76 -11.04 22.41
CA ARG B 151 42.62 -11.85 23.27
C ARG B 151 41.90 -12.13 24.60
N GLY B 152 40.78 -12.84 24.48
CA GLY B 152 39.78 -12.88 25.53
C GLY B 152 40.11 -13.84 26.66
N GLY B 153 39.19 -13.89 27.62
CA GLY B 153 39.32 -14.75 28.77
C GLY B 153 37.98 -15.28 29.28
N GLY B 154 36.96 -15.25 28.43
CA GLY B 154 35.62 -15.64 28.82
C GLY B 154 35.41 -17.14 28.79
N ASP B 155 34.13 -17.51 28.84
CA ASP B 155 33.76 -18.92 29.00
C ASP B 155 33.82 -19.74 27.71
N PRO B 156 33.26 -19.31 26.53
CA PRO B 156 33.48 -20.14 25.34
C PRO B 156 34.77 -19.79 24.63
N TRP B 157 35.84 -19.59 25.37
CA TRP B 157 37.17 -19.35 24.81
C TRP B 157 38.19 -19.82 25.83
N THR B 158 39.14 -20.65 25.40
CA THR B 158 40.30 -20.90 26.24
C THR B 158 41.26 -19.72 26.15
N ASN B 159 42.30 -19.77 26.97
CA ASN B 159 43.14 -18.59 27.16
C ASN B 159 44.02 -18.39 25.94
N GLY B 160 44.02 -17.17 25.42
CA GLY B 160 44.71 -16.86 24.19
C GLY B 160 43.77 -16.87 23.00
N SER B 161 42.78 -17.75 23.04
CA SER B 161 41.86 -17.96 21.93
C SER B 161 40.88 -16.81 21.81
N GLY B 162 40.59 -16.44 20.56
CA GLY B 162 39.59 -15.41 20.29
C GLY B 162 38.42 -15.90 19.48
N LEU B 163 38.65 -16.85 18.58
CA LEU B 163 37.63 -17.39 17.73
C LEU B 163 37.41 -18.86 18.06
N ALA B 164 36.16 -19.29 18.08
CA ALA B 164 35.86 -20.68 18.43
C ALA B 164 34.64 -21.13 17.64
N LEU B 165 34.83 -22.08 16.74
CA LEU B 165 33.70 -22.67 16.04
C LEU B 165 33.38 -23.99 16.72
N CYS B 166 32.11 -24.15 17.12
CA CYS B 166 31.72 -25.22 18.01
C CYS B 166 30.52 -25.95 17.43
N GLN B 167 30.66 -27.26 17.20
CA GLN B 167 29.51 -28.01 16.75
C GLN B 167 28.55 -28.25 17.90
N ARG B 168 27.39 -28.78 17.57
CA ARG B 168 26.48 -29.35 18.55
C ARG B 168 25.82 -30.54 17.90
N TYR B 169 25.91 -31.70 18.52
CA TYR B 169 25.19 -32.85 18.00
C TYR B 169 24.80 -33.75 19.16
N TYR B 170 23.97 -34.74 18.84
CA TYR B 170 23.43 -35.62 19.85
C TYR B 170 24.51 -36.57 20.36
N HIS B 171 24.26 -37.14 21.54
CA HIS B 171 25.20 -38.11 22.10
C HIS B 171 25.24 -39.37 21.27
N ARG B 172 24.09 -40.00 21.09
CA ARG B 172 24.00 -41.25 20.36
C ARG B 172 22.65 -41.27 19.67
N GLY B 173 22.67 -41.41 18.36
CA GLY B 173 21.44 -41.43 17.59
C GLY B 173 21.64 -42.01 16.21
N HIS B 174 20.80 -42.97 15.84
CA HIS B 174 20.91 -43.67 14.58
C HIS B 174 19.55 -43.59 13.89
N VAL B 175 19.31 -42.49 13.20
CA VAL B 175 18.10 -42.38 12.42
C VAL B 175 18.34 -42.90 11.02
N ASP B 176 17.39 -43.68 10.52
CA ASP B 176 17.50 -44.29 9.21
C ASP B 176 16.10 -44.61 8.71
N PRO B 177 15.64 -43.96 7.65
CA PRO B 177 14.39 -44.38 7.01
C PRO B 177 14.59 -45.70 6.28
N ALA B 178 13.48 -46.44 6.16
CA ALA B 178 13.33 -47.81 5.64
C ALA B 178 13.98 -48.87 6.53
N ASN B 179 14.68 -48.49 7.61
CA ASN B 179 15.07 -49.39 8.69
C ASN B 179 14.90 -48.56 9.97
N ASP B 180 13.68 -48.58 10.52
CA ASP B 180 13.28 -47.57 11.50
C ASP B 180 13.56 -48.00 12.93
N THR B 181 14.80 -48.40 13.18
CA THR B 181 15.30 -48.68 14.54
C THR B 181 16.07 -47.44 14.97
N PHE B 182 15.34 -46.44 15.43
CA PHE B 182 15.92 -45.12 15.62
C PHE B 182 15.89 -44.72 17.09
N ASP B 183 17.03 -44.20 17.56
CA ASP B 183 17.21 -43.80 18.96
C ASP B 183 17.41 -42.30 19.04
N ILE B 184 16.71 -41.67 19.97
CA ILE B 184 16.74 -40.22 20.16
C ILE B 184 16.82 -39.99 21.66
N ASP B 185 17.94 -39.44 22.12
CA ASP B 185 18.07 -39.01 23.51
C ASP B 185 18.78 -37.67 23.57
N PRO B 186 18.17 -36.66 24.14
CA PRO B 186 18.80 -35.33 24.16
C PRO B 186 19.99 -35.25 25.08
N MET B 187 21.18 -35.27 24.51
CA MET B 187 22.41 -35.08 25.27
C MET B 187 23.44 -34.49 24.30
N VAL B 188 23.58 -33.20 24.34
CA VAL B 188 24.34 -32.49 23.33
C VAL B 188 25.76 -32.25 23.82
N VAL B 189 26.72 -32.34 22.90
CA VAL B 189 28.13 -32.19 23.24
C VAL B 189 28.68 -31.02 22.44
N THR B 190 29.40 -30.14 23.12
CA THR B 190 29.93 -28.92 22.53
C THR B 190 31.39 -29.15 22.16
N ASP B 191 31.65 -29.51 20.90
CA ASP B 191 33.00 -29.75 20.41
C ASP B 191 33.55 -28.47 19.78
N CYS B 192 34.33 -27.73 20.53
CA CYS B 192 34.87 -26.47 20.07
C CYS B 192 36.24 -26.68 19.44
N ILE B 193 36.53 -25.85 18.45
CA ILE B 193 37.84 -25.79 17.83
C ILE B 193 38.42 -24.42 18.14
N GLN B 194 39.64 -24.39 18.62
CA GLN B 194 40.22 -23.17 19.14
C GLN B 194 41.17 -22.57 18.11
N VAL B 195 41.05 -21.25 17.92
CA VAL B 195 41.95 -20.52 17.06
C VAL B 195 42.09 -19.10 17.58
N ASP B 196 43.32 -18.65 17.68
CA ASP B 196 43.78 -17.34 18.08
C ASP B 196 44.34 -16.59 16.88
N PRO B 197 44.20 -15.26 16.82
CA PRO B 197 44.73 -14.52 15.69
C PRO B 197 46.24 -14.46 15.75
N PRO B 198 46.91 -14.44 14.60
CA PRO B 198 48.37 -14.38 14.61
C PRO B 198 48.85 -13.00 15.03
N GLU B 199 50.05 -12.97 15.59
CA GLU B 199 50.64 -11.74 16.09
C GLU B 199 51.30 -10.92 14.99
N ARG B 200 52.18 -11.54 14.21
CA ARG B 200 52.99 -10.85 13.22
C ARG B 200 52.84 -11.46 11.84
N PRO B 201 53.02 -10.66 10.77
CA PRO B 201 53.01 -11.17 9.39
C PRO B 201 54.16 -12.16 9.10
N SER B 216 45.00 -23.17 12.40
CA SER B 216 45.82 -24.36 12.30
C SER B 216 45.05 -25.52 11.68
N SER B 217 44.63 -26.46 12.51
CA SER B 217 44.02 -27.70 12.06
C SER B 217 42.52 -27.57 11.83
N TYR B 218 42.00 -26.34 11.74
CA TYR B 218 40.56 -26.17 11.63
C TYR B 218 40.03 -26.59 10.27
N LYS B 219 40.87 -26.54 9.24
CA LYS B 219 40.49 -27.09 7.94
C LYS B 219 40.23 -28.59 8.03
N ASN B 220 41.01 -29.29 8.84
CA ASN B 220 40.70 -30.68 9.15
C ASN B 220 39.48 -30.67 10.05
N LEU B 221 38.31 -30.95 9.47
CA LEU B 221 37.04 -30.86 10.18
C LEU B 221 36.01 -31.72 9.49
N THR B 222 35.26 -32.50 10.27
CA THR B 222 34.07 -33.18 9.79
C THR B 222 32.89 -32.68 10.59
N LEU B 223 31.68 -32.87 10.06
CA LEU B 223 30.52 -32.24 10.66
C LEU B 223 29.44 -33.18 11.17
N LYS B 224 29.33 -34.39 10.62
CA LYS B 224 28.37 -35.42 11.05
C LYS B 224 26.93 -34.92 10.94
N PHE B 225 26.51 -34.72 9.69
CA PHE B 225 25.30 -33.95 9.37
C PHE B 225 24.02 -34.61 9.85
N HIS B 226 23.94 -35.94 9.84
CA HIS B 226 22.73 -36.64 10.24
C HIS B 226 22.40 -36.49 11.72
N LYS B 227 23.32 -35.96 12.51
CA LYS B 227 23.16 -35.74 13.93
C LYS B 227 23.30 -34.27 14.30
N LEU B 228 23.58 -33.41 13.33
CA LEU B 228 24.00 -32.04 13.58
C LEU B 228 22.84 -31.16 14.04
N VAL B 229 23.11 -30.30 15.02
CA VAL B 229 22.09 -29.41 15.58
C VAL B 229 22.30 -27.97 15.15
N ASN B 230 23.43 -27.37 15.55
CA ASN B 230 23.79 -26.04 15.06
C ASN B 230 25.28 -25.84 15.25
N VAL B 231 25.84 -25.01 14.38
CA VAL B 231 27.26 -24.68 14.41
C VAL B 231 27.35 -23.18 14.65
N THR B 232 28.01 -22.79 15.72
CA THR B 232 28.10 -21.39 16.08
C THR B 232 29.56 -20.94 16.00
N ILE B 233 29.73 -19.63 15.87
CA ILE B 233 31.04 -19.01 15.77
C ILE B 233 31.02 -17.74 16.63
N HIS B 234 31.96 -17.65 17.55
CA HIS B 234 32.00 -16.57 18.55
C HIS B 234 33.33 -15.83 18.41
N PHE B 235 33.27 -14.50 18.33
CA PHE B 235 34.47 -13.69 18.52
C PHE B 235 34.07 -12.29 18.94
N ARG B 236 35.07 -11.51 19.34
CA ARG B 236 34.87 -10.18 19.87
C ARG B 236 35.87 -9.22 19.24
N LEU B 237 35.48 -7.96 19.12
CA LEU B 237 36.30 -6.96 18.47
C LEU B 237 36.12 -5.63 19.17
N LYS B 238 37.22 -5.06 19.66
CA LYS B 238 37.18 -3.70 20.17
C LYS B 238 37.39 -2.72 19.04
N THR B 239 37.00 -1.47 19.28
CA THR B 239 37.21 -0.38 18.36
C THR B 239 37.13 0.94 19.09
N ILE B 240 37.37 2.01 18.35
CA ILE B 240 37.28 3.37 18.84
C ILE B 240 36.25 4.09 17.98
N ASN B 241 35.21 4.61 18.59
CA ASN B 241 34.33 5.51 17.87
C ASN B 241 35.09 6.79 17.59
N LEU B 242 34.85 7.38 16.44
CA LEU B 242 35.62 8.53 16.00
C LEU B 242 34.66 9.65 15.60
N GLN B 243 33.58 9.77 16.35
CA GLN B 243 32.64 10.87 16.23
C GLN B 243 32.78 11.80 17.42
N SER B 244 34.02 12.02 17.85
CA SER B 244 34.36 12.81 19.01
C SER B 244 34.37 14.30 18.74
N LEU B 245 34.00 14.71 17.54
CA LEU B 245 34.15 16.10 17.13
C LEU B 245 32.93 16.94 17.47
N ILE B 246 31.74 16.44 17.18
CA ILE B 246 30.52 17.15 17.55
C ILE B 246 30.20 16.97 19.04
N ASN B 247 30.77 15.95 19.68
CA ASN B 247 30.77 15.86 21.14
C ASN B 247 31.85 16.74 21.75
N ASN B 248 32.89 17.06 20.97
CA ASN B 248 34.06 17.91 21.27
C ASN B 248 35.00 17.26 22.28
N GLU B 249 34.66 16.11 22.86
CA GLU B 249 35.51 15.48 23.85
C GLU B 249 35.67 13.98 23.63
N ILE B 250 36.28 13.31 24.60
CA ILE B 250 36.80 11.95 24.47
C ILE B 250 35.69 10.94 24.24
N PRO B 251 35.74 10.20 23.13
CA PRO B 251 34.58 9.42 22.70
C PRO B 251 34.50 8.11 23.47
N ASP B 252 33.46 7.35 23.15
CA ASP B 252 33.23 6.04 23.71
C ASP B 252 34.16 5.03 23.04
N CYS B 253 34.27 3.85 23.64
CA CYS B 253 35.19 2.84 23.13
C CYS B 253 34.53 1.47 23.23
N TYR B 254 34.19 0.89 22.08
CA TYR B 254 33.24 -0.22 22.00
C TYR B 254 33.92 -1.58 22.06
N THR B 255 33.09 -2.61 22.12
CA THR B 255 33.52 -4.01 22.07
C THR B 255 32.36 -4.82 21.53
N PHE B 256 32.43 -5.18 20.25
CA PHE B 256 31.33 -5.94 19.68
C PHE B 256 31.46 -7.41 20.01
N SER B 257 30.36 -8.14 19.90
CA SER B 257 30.34 -9.57 20.17
C SER B 257 29.56 -10.26 19.06
N VAL B 258 30.26 -10.89 18.15
CA VAL B 258 29.67 -11.46 16.94
C VAL B 258 29.28 -12.90 17.22
N LEU B 259 28.09 -13.29 16.77
CA LEU B 259 27.65 -14.68 16.79
C LEU B 259 27.12 -15.04 15.41
N ILE B 260 27.88 -15.80 14.66
CA ILE B 260 27.44 -16.33 13.37
C ILE B 260 26.82 -17.70 13.63
N THR B 261 25.56 -17.86 13.27
CA THR B 261 24.78 -19.02 13.68
C THR B 261 24.37 -19.83 12.46
N PHE B 262 24.80 -21.07 12.40
CA PHE B 262 24.35 -22.00 11.38
C PHE B 262 23.30 -22.92 11.98
N ASP B 263 22.08 -22.43 12.07
CA ASP B 263 21.04 -23.12 12.84
C ASP B 263 20.36 -24.20 12.01
N ASN B 264 20.25 -25.39 12.58
CA ASN B 264 19.52 -26.50 11.97
C ASN B 264 18.60 -27.10 13.03
N LYS B 265 17.44 -26.51 13.24
CA LYS B 265 16.53 -27.13 14.18
C LYS B 265 15.56 -28.07 13.50
N ALA B 266 14.97 -27.63 12.39
CA ALA B 266 13.87 -28.36 11.79
C ALA B 266 14.31 -29.64 11.10
N HIS B 267 15.62 -29.81 10.86
CA HIS B 267 16.19 -30.94 10.12
C HIS B 267 15.53 -31.10 8.75
N SER B 268 15.29 -29.98 8.10
CA SER B 268 14.47 -29.96 6.91
C SER B 268 15.28 -29.83 5.63
N GLY B 269 16.58 -30.02 5.68
CA GLY B 269 17.38 -29.84 4.49
C GLY B 269 17.58 -28.40 4.10
N ARG B 270 17.55 -27.49 5.08
CA ARG B 270 17.72 -26.07 4.82
C ARG B 270 18.28 -25.41 6.06
N ILE B 271 19.50 -24.91 6.00
CA ILE B 271 20.11 -24.30 7.16
C ILE B 271 20.15 -22.79 7.01
N PRO B 272 19.44 -22.04 7.84
CA PRO B 272 19.58 -20.58 7.83
C PRO B 272 20.92 -20.14 8.37
N ILE B 273 21.32 -18.94 8.00
CA ILE B 273 22.57 -18.33 8.44
C ILE B 273 22.24 -16.96 9.01
N SER B 274 22.80 -16.63 10.17
CA SER B 274 22.43 -15.41 10.87
C SER B 274 23.67 -14.67 11.34
N LEU B 275 23.46 -13.51 11.94
CA LEU B 275 24.55 -12.76 12.57
C LEU B 275 23.96 -11.85 13.64
N GLU B 276 24.66 -11.71 14.76
CA GLU B 276 24.21 -10.92 15.90
C GLU B 276 25.36 -10.11 16.46
N THR B 277 25.04 -8.96 17.05
CA THR B 277 26.02 -8.19 17.82
C THR B 277 25.40 -7.66 19.10
N GLN B 278 26.24 -7.43 20.10
CA GLN B 278 25.86 -6.70 21.29
C GLN B 278 27.00 -5.73 21.60
N ALA B 279 26.74 -4.44 21.44
CA ALA B 279 27.78 -3.45 21.73
C ALA B 279 27.93 -3.24 23.23
N HIS B 280 28.81 -3.99 23.86
CA HIS B 280 29.14 -3.76 25.26
C HIS B 280 30.07 -2.55 25.37
N ILE B 281 29.57 -1.45 25.90
CA ILE B 281 30.29 -0.19 25.91
C ILE B 281 30.90 0.01 27.29
N GLN B 282 32.14 0.49 27.32
CA GLN B 282 32.70 1.08 28.52
C GLN B 282 33.76 2.09 28.09
N GLU B 283 34.20 2.91 29.03
CA GLU B 283 35.21 3.90 28.71
C GLU B 283 36.56 3.25 28.56
N CYS B 284 37.42 3.90 27.78
CA CYS B 284 38.74 3.42 27.48
C CYS B 284 39.80 4.24 28.21
N LYS B 285 41.00 3.69 28.28
CA LYS B 285 42.04 4.21 29.17
C LYS B 285 42.62 5.53 28.67
N HIS B 286 42.77 6.49 29.59
CA HIS B 286 43.34 7.79 29.31
C HIS B 286 43.80 8.47 30.60
N PRO B 287 44.94 9.16 30.60
CA PRO B 287 45.26 10.11 31.68
C PRO B 287 44.89 11.56 31.37
N SER B 288 44.17 11.83 30.28
CA SER B 288 43.92 13.18 29.82
C SER B 288 42.71 13.79 30.56
N VAL B 289 42.55 15.11 30.40
CA VAL B 289 41.62 15.93 31.17
C VAL B 289 40.94 16.89 30.19
N PHE B 290 40.15 17.84 30.74
CA PHE B 290 39.35 18.89 30.07
C PHE B 290 38.06 18.37 29.45
N GLN B 291 37.55 17.23 29.88
CA GLN B 291 36.36 16.68 29.23
C GLN B 291 35.08 17.33 29.72
N HIS B 292 34.96 17.55 31.03
CA HIS B 292 33.70 17.98 31.62
C HIS B 292 33.61 19.49 31.79
N GLY B 293 34.19 20.27 30.88
CA GLY B 293 33.94 21.70 30.87
C GLY B 293 32.52 22.04 30.48
N ASP B 294 31.89 21.20 29.66
CA ASP B 294 30.49 21.32 29.29
C ASP B 294 29.69 20.06 29.55
N ASN B 295 30.35 18.93 29.79
CA ASN B 295 29.66 17.65 29.93
C ASN B 295 28.93 17.54 31.26
N SER B 296 29.46 18.14 32.32
CA SER B 296 28.75 18.17 33.60
C SER B 296 27.54 19.09 33.57
N PHE B 297 27.44 19.99 32.58
CA PHE B 297 26.22 20.75 32.35
C PHE B 297 25.10 19.92 31.73
N ARG B 298 25.35 18.67 31.38
CA ARG B 298 24.30 17.70 31.19
C ARG B 298 24.12 16.82 32.42
N LEU B 299 25.23 16.50 33.10
CA LEU B 299 25.21 15.60 34.25
C LEU B 299 24.49 16.20 35.44
N LEU B 300 24.39 17.53 35.50
CA LEU B 300 23.67 18.23 36.55
C LEU B 300 22.48 18.99 35.96
N PHE B 301 21.88 18.45 34.90
CA PHE B 301 20.57 18.93 34.48
C PHE B 301 19.44 18.04 34.96
N ASP B 302 19.66 16.73 35.00
CA ASP B 302 18.66 15.82 35.51
C ASP B 302 18.38 16.03 37.00
N VAL B 303 19.30 16.66 37.73
CA VAL B 303 19.03 17.01 39.12
C VAL B 303 17.94 18.08 39.20
N VAL B 304 17.77 18.88 38.16
CA VAL B 304 16.63 19.78 38.10
C VAL B 304 15.36 18.98 37.87
N VAL B 305 15.43 17.92 37.06
CA VAL B 305 14.31 17.02 36.89
C VAL B 305 14.05 16.28 38.20
N ILE B 306 15.12 15.96 38.93
CA ILE B 306 14.98 15.37 40.26
C ILE B 306 14.31 16.35 41.21
N LEU B 307 14.62 17.64 41.09
CA LEU B 307 13.99 18.62 41.97
C LEU B 307 12.54 18.84 41.63
N THR B 308 12.25 19.24 40.40
CA THR B 308 10.95 19.82 40.07
C THR B 308 9.83 18.79 40.09
N CYS B 309 10.11 17.57 39.63
CA CYS B 309 9.09 16.55 39.68
C CYS B 309 8.84 16.09 41.11
N SER B 310 9.88 16.09 41.95
CA SER B 310 9.69 15.71 43.34
C SER B 310 8.99 16.81 44.12
N LEU B 311 9.36 18.07 43.89
CA LEU B 311 8.68 19.17 44.56
C LEU B 311 7.23 19.29 44.12
N SER B 312 6.91 18.86 42.90
CA SER B 312 5.53 18.73 42.47
C SER B 312 4.89 17.45 42.98
N PHE B 313 5.66 16.41 43.23
CA PHE B 313 5.10 15.23 43.89
C PHE B 313 4.74 15.53 45.33
N LEU B 314 5.45 16.47 45.97
CA LEU B 314 5.09 16.89 47.30
C LEU B 314 3.84 17.76 47.27
N LEU B 315 3.71 18.60 46.27
CA LEU B 315 2.66 19.61 46.29
C LEU B 315 1.31 19.01 45.93
N CYS B 316 1.27 18.20 44.89
CA CYS B 316 -0.01 17.72 44.38
C CYS B 316 -0.63 16.70 45.31
N ALA B 317 0.21 15.94 46.02
CA ALA B 317 -0.31 14.92 46.92
C ALA B 317 -0.86 15.51 48.20
N ARG B 318 -0.46 16.74 48.52
CA ARG B 318 -1.04 17.42 49.67
C ARG B 318 -2.51 17.73 49.41
N SER B 319 -2.86 17.98 48.16
CA SER B 319 -4.26 18.13 47.80
C SER B 319 -4.98 16.79 47.86
N LEU B 320 -4.29 15.70 47.51
CA LEU B 320 -4.85 14.38 47.74
C LEU B 320 -5.03 14.12 49.22
N LEU B 321 -4.08 14.58 50.03
CA LEU B 321 -4.22 14.52 51.48
C LEU B 321 -5.36 15.41 51.96
N ARG B 322 -5.63 16.49 51.22
CA ARG B 322 -6.72 17.37 51.62
C ARG B 322 -8.06 16.78 51.23
N GLY B 323 -8.15 16.14 50.07
CA GLY B 323 -9.43 15.67 49.58
C GLY B 323 -9.96 14.48 50.37
N PHE B 324 -9.07 13.58 50.77
CA PHE B 324 -9.50 12.44 51.57
C PHE B 324 -9.85 12.87 52.99
N LEU B 325 -9.14 13.87 53.51
CA LEU B 325 -9.43 14.41 54.83
C LEU B 325 -10.80 15.04 54.91
N LEU B 326 -11.26 15.69 53.84
CA LEU B 326 -12.55 16.33 53.79
C LEU B 326 -13.67 15.36 53.41
N GLN B 327 -13.41 14.07 53.40
CA GLN B 327 -14.48 13.12 53.17
C GLN B 327 -15.18 12.72 54.45
N ASN B 328 -14.48 12.77 55.59
CA ASN B 328 -15.04 12.31 56.85
C ASN B 328 -16.19 13.20 57.32
N GLU B 329 -16.20 14.46 56.89
CA GLU B 329 -17.22 15.38 57.33
C GLU B 329 -18.51 15.27 56.55
N PHE B 330 -18.45 14.91 55.26
CA PHE B 330 -19.66 14.79 54.47
C PHE B 330 -20.39 13.48 54.74
N VAL B 331 -19.77 12.53 55.42
CA VAL B 331 -20.40 11.23 55.63
C VAL B 331 -21.57 11.34 56.60
N GLY B 332 -21.30 11.75 57.84
CA GLY B 332 -22.38 11.90 58.80
C GLY B 332 -23.19 13.13 58.48
N PHE B 333 -22.53 14.29 58.64
CA PHE B 333 -22.83 15.57 57.99
C PHE B 333 -24.10 16.27 58.48
N MET B 334 -25.07 15.52 59.00
CA MET B 334 -26.11 16.09 59.86
C MET B 334 -26.57 15.03 60.85
N TRP B 335 -25.71 14.07 61.18
CA TRP B 335 -26.03 12.89 61.98
C TRP B 335 -27.15 12.12 61.28
N ARG B 336 -26.78 11.32 60.27
CA ARG B 336 -27.35 11.25 58.92
C ARG B 336 -28.78 11.74 58.75
N GLN B 337 -28.92 12.67 57.82
CA GLN B 337 -30.21 13.16 57.33
C GLN B 337 -30.67 12.35 56.13
N ARG B 338 -29.86 12.34 55.07
CA ARG B 338 -30.13 11.54 53.89
C ARG B 338 -29.50 10.16 54.02
N GLY B 339 -28.24 10.10 54.45
CA GLY B 339 -27.64 8.85 54.88
C GLY B 339 -27.28 7.88 53.78
N ARG B 340 -28.31 7.34 53.12
CA ARG B 340 -28.16 6.33 52.08
C ARG B 340 -27.86 6.95 50.72
N VAL B 341 -27.81 8.28 50.63
CA VAL B 341 -27.58 8.93 49.34
C VAL B 341 -26.10 8.83 48.96
N ILE B 342 -25.21 8.91 49.94
CA ILE B 342 -23.80 8.59 49.70
C ILE B 342 -23.69 7.11 49.36
N SER B 343 -23.13 6.82 48.19
CA SER B 343 -23.25 5.48 47.64
C SER B 343 -21.98 4.98 46.96
N LEU B 344 -20.81 5.53 47.33
CA LEU B 344 -19.48 5.15 46.85
C LEU B 344 -19.27 5.43 45.35
N TRP B 345 -20.25 6.01 44.68
CA TRP B 345 -20.07 6.65 43.39
C TRP B 345 -20.29 8.14 43.47
N GLU B 346 -21.13 8.62 44.38
CA GLU B 346 -21.13 10.02 44.75
C GLU B 346 -19.94 10.40 45.62
N ARG B 347 -19.20 9.41 46.12
CA ARG B 347 -17.90 9.69 46.72
C ARG B 347 -16.81 9.91 45.69
N LEU B 348 -17.04 9.50 44.45
CA LEU B 348 -15.97 9.45 43.45
C LEU B 348 -15.56 10.83 42.97
N GLU B 349 -16.45 11.82 43.04
CA GLU B 349 -16.13 13.12 42.49
C GLU B 349 -15.39 14.01 43.49
N PHE B 350 -14.79 13.42 44.52
CA PHE B 350 -13.96 14.16 45.46
C PHE B 350 -12.52 14.22 45.00
N VAL B 351 -11.89 13.07 44.81
CA VAL B 351 -10.50 13.00 44.39
C VAL B 351 -10.44 13.34 42.91
N ASN B 352 -9.66 14.36 42.58
CA ASN B 352 -9.62 14.83 41.20
C ASN B 352 -8.77 13.90 40.35
N GLY B 353 -9.31 13.51 39.20
CA GLY B 353 -8.61 12.56 38.34
C GLY B 353 -7.39 13.14 37.67
N TRP B 354 -7.28 14.46 37.59
CA TRP B 354 -6.10 15.05 36.98
C TRP B 354 -4.90 14.96 37.89
N TYR B 355 -5.12 14.97 39.21
CA TYR B 355 -3.98 14.96 40.12
C TYR B 355 -3.34 13.60 40.21
N ILE B 356 -4.14 12.53 40.19
CA ILE B 356 -3.59 11.17 40.27
C ILE B 356 -2.82 10.84 39.01
N LEU B 357 -3.15 11.48 37.89
CA LEU B 357 -2.34 11.36 36.68
C LEU B 357 -1.03 12.12 36.82
N LEU B 358 -1.06 13.26 37.50
CA LEU B 358 0.17 14.00 37.73
C LEU B 358 1.04 13.34 38.79
N VAL B 359 0.43 12.58 39.71
CA VAL B 359 1.22 11.78 40.64
C VAL B 359 1.85 10.62 39.90
N THR B 360 1.15 10.07 38.91
CA THR B 360 1.58 8.85 38.23
C THR B 360 2.86 9.08 37.43
N SER B 361 2.91 10.19 36.68
CA SER B 361 4.09 10.50 35.89
C SER B 361 5.29 10.76 36.77
N ASP B 362 5.12 11.51 37.86
CA ASP B 362 6.21 11.83 38.76
C ASP B 362 6.78 10.62 39.47
N VAL B 363 5.96 9.58 39.68
CA VAL B 363 6.53 8.30 40.09
C VAL B 363 7.43 7.76 38.99
N LEU B 364 6.96 7.79 37.75
CA LEU B 364 7.72 7.23 36.64
C LEU B 364 8.91 8.11 36.26
N THR B 365 8.74 9.43 36.36
CA THR B 365 9.76 10.34 35.85
C THR B 365 11.01 10.32 36.71
N ILE B 366 10.83 10.42 38.03
CA ILE B 366 12.00 10.39 38.89
C ILE B 366 12.53 8.96 39.04
N SER B 367 11.70 7.94 38.75
CA SER B 367 12.24 6.60 38.59
C SER B 367 12.95 6.45 37.24
N GLY B 368 12.51 7.21 36.24
CA GLY B 368 13.14 7.10 34.94
C GLY B 368 14.51 7.74 34.91
N THR B 369 14.58 9.01 35.32
CA THR B 369 15.83 9.75 35.22
C THR B 369 16.88 9.26 36.20
N ILE B 370 16.48 8.60 37.28
CA ILE B 370 17.49 8.00 38.16
C ILE B 370 18.07 6.75 37.52
N MET B 371 17.36 6.15 36.57
CA MET B 371 17.92 5.05 35.80
C MET B 371 18.76 5.58 34.65
N LYS B 372 18.44 6.79 34.19
CA LYS B 372 19.18 7.45 33.12
C LYS B 372 20.56 7.88 33.57
N ILE B 373 20.79 7.99 34.88
CA ILE B 373 22.12 8.26 35.42
C ILE B 373 23.09 7.14 35.09
N GLY B 374 22.59 5.92 34.90
CA GLY B 374 23.41 4.81 34.45
C GLY B 374 23.84 4.89 32.99
N ILE B 375 24.57 5.96 32.65
CA ILE B 375 25.27 6.04 31.37
C ILE B 375 26.73 6.48 31.53
N GLU B 376 27.13 7.00 32.69
CA GLU B 376 28.52 7.40 32.88
C GLU B 376 29.40 6.19 33.15
N ALA B 377 29.14 5.51 34.27
CA ALA B 377 30.02 4.44 34.72
C ALA B 377 29.31 3.16 35.10
N LYS B 378 27.99 3.14 35.11
CA LYS B 378 27.27 1.92 35.46
C LYS B 378 27.29 0.98 34.27
N ASN B 379 27.54 -0.29 34.55
CA ASN B 379 27.70 -1.33 33.53
C ASN B 379 26.39 -1.82 32.94
N LEU B 380 25.27 -1.21 33.26
CA LEU B 380 24.01 -1.64 32.69
C LEU B 380 23.93 -1.26 31.23
N ALA B 381 23.37 -2.15 30.43
CA ALA B 381 22.99 -1.83 29.06
C ALA B 381 21.47 -1.76 28.93
N SER B 382 20.78 -1.46 30.02
CA SER B 382 19.32 -1.55 30.09
C SER B 382 18.68 -0.35 29.40
N TYR B 383 18.85 -0.31 28.07
CA TYR B 383 18.31 0.76 27.25
C TYR B 383 16.87 0.54 26.86
N ASP B 384 16.14 -0.32 27.55
CA ASP B 384 14.72 -0.50 27.31
C ASP B 384 13.90 -0.05 28.51
N VAL B 385 14.31 -0.43 29.71
CA VAL B 385 13.59 -0.07 30.93
C VAL B 385 13.70 1.42 31.20
N CYS B 386 14.86 2.01 30.97
CA CYS B 386 15.01 3.44 31.17
C CYS B 386 14.32 4.26 30.09
N SER B 387 13.98 3.64 28.97
CA SER B 387 13.37 4.35 27.85
C SER B 387 11.86 4.33 27.88
N ILE B 388 11.26 3.23 28.32
CA ILE B 388 9.81 3.14 28.39
C ILE B 388 9.28 4.07 29.46
N LEU B 389 10.00 4.18 30.58
CA LEU B 389 9.55 5.02 31.68
C LEU B 389 9.55 6.49 31.32
N LEU B 390 10.56 6.94 30.56
CA LEU B 390 10.64 8.35 30.20
C LEU B 390 9.61 8.70 29.14
N GLY B 391 9.38 7.79 28.19
CA GLY B 391 8.43 8.09 27.13
C GLY B 391 7.00 8.07 27.62
N THR B 392 6.66 7.08 28.45
CA THR B 392 5.30 6.97 28.98
C THR B 392 4.97 8.10 29.92
N SER B 393 5.98 8.66 30.60
CA SER B 393 5.78 9.88 31.37
C SER B 393 5.42 11.04 30.45
N THR B 394 6.22 11.24 29.40
CA THR B 394 6.03 12.37 28.51
C THR B 394 4.76 12.23 27.68
N LEU B 395 4.39 10.99 27.36
CA LEU B 395 3.08 10.71 26.76
C LEU B 395 1.95 11.11 27.69
N LEU B 396 2.18 11.02 29.00
CA LEU B 396 1.16 11.27 29.98
C LEU B 396 1.34 12.60 30.69
N VAL B 397 2.49 13.24 30.55
CA VAL B 397 2.62 14.62 31.00
C VAL B 397 1.89 15.56 30.04
N TRP B 398 2.12 15.39 28.74
CA TRP B 398 1.52 16.25 27.72
C TRP B 398 0.01 16.15 27.64
N VAL B 399 -0.61 15.04 28.02
CA VAL B 399 -2.07 15.01 28.04
C VAL B 399 -2.64 15.81 29.20
N GLY B 400 -1.82 16.18 30.18
CA GLY B 400 -2.28 17.00 31.27
C GLY B 400 -2.52 18.44 30.89
N VAL B 401 -2.07 18.84 29.70
CA VAL B 401 -2.30 20.19 29.19
C VAL B 401 -3.77 20.43 28.90
N ILE B 402 -4.53 19.36 28.63
CA ILE B 402 -5.93 19.46 28.27
C ILE B 402 -6.76 20.02 29.42
N ARG B 403 -6.29 19.82 30.66
CA ARG B 403 -6.93 20.42 31.82
C ARG B 403 -6.95 21.94 31.72
N TYR B 404 -5.89 22.53 31.17
CA TYR B 404 -5.82 23.98 31.08
C TYR B 404 -6.73 24.47 29.97
N LEU B 405 -7.05 23.60 29.01
CA LEU B 405 -7.98 24.00 27.97
C LEU B 405 -9.41 23.95 28.48
N THR B 406 -9.69 23.11 29.49
CA THR B 406 -11.04 23.02 30.02
C THR B 406 -11.41 24.19 30.91
N PHE B 407 -10.47 25.09 31.20
CA PHE B 407 -10.80 26.29 31.95
C PHE B 407 -11.55 27.29 31.10
N PHE B 408 -11.49 27.15 29.79
CA PHE B 408 -12.21 28.06 28.91
C PHE B 408 -13.58 27.49 28.58
N HIS B 409 -14.54 28.38 28.32
CA HIS B 409 -15.92 27.96 28.19
C HIS B 409 -16.22 27.31 26.86
N ASN B 410 -15.36 27.50 25.87
CA ASN B 410 -15.58 26.91 24.56
C ASN B 410 -15.03 25.49 24.46
N TYR B 411 -13.79 25.29 24.93
CA TYR B 411 -13.11 24.02 24.77
C TYR B 411 -13.65 22.94 25.70
N ASN B 412 -14.37 23.34 26.75
CA ASN B 412 -15.00 22.39 27.66
C ASN B 412 -16.07 21.57 26.97
N ILE B 413 -16.69 22.11 25.93
CA ILE B 413 -17.79 21.43 25.27
C ILE B 413 -17.28 20.21 24.52
N LEU B 414 -16.16 20.35 23.82
CA LEU B 414 -15.64 19.26 23.02
C LEU B 414 -15.06 18.16 23.89
N ILE B 415 -14.43 18.52 25.00
CA ILE B 415 -13.81 17.52 25.86
C ILE B 415 -14.86 16.75 26.65
N ALA B 416 -15.84 17.45 27.21
CA ALA B 416 -16.90 16.77 27.93
C ALA B 416 -17.83 16.01 27.00
N THR B 417 -17.79 16.29 25.70
CA THR B 417 -18.46 15.41 24.75
C THR B 417 -17.79 14.05 24.70
N LEU B 418 -16.46 14.02 24.79
CA LEU B 418 -15.76 12.75 24.91
C LEU B 418 -16.07 12.07 26.24
N ARG B 419 -16.23 12.85 27.30
CA ARG B 419 -16.39 12.25 28.62
C ARG B 419 -17.76 11.61 28.77
N VAL B 420 -18.79 12.21 28.17
CA VAL B 420 -20.11 11.57 28.22
C VAL B 420 -20.26 10.46 27.20
N ALA B 421 -19.31 10.30 26.28
CA ALA B 421 -19.40 9.29 25.25
C ALA B 421 -18.40 8.15 25.42
N LEU B 422 -17.34 8.35 26.19
CA LEU B 422 -16.39 7.31 26.55
C LEU B 422 -17.02 6.10 27.25
N PRO B 423 -18.12 6.23 28.05
CA PRO B 423 -18.83 5.01 28.44
C PRO B 423 -19.45 4.25 27.28
N SER B 424 -20.20 4.95 26.42
CA SER B 424 -20.98 4.27 25.40
C SER B 424 -20.11 3.63 24.34
N VAL B 425 -18.92 4.18 24.07
CA VAL B 425 -18.02 3.53 23.14
C VAL B 425 -17.41 2.29 23.78
N MET B 426 -17.01 2.38 25.05
CA MET B 426 -16.36 1.27 25.71
C MET B 426 -17.34 0.15 26.03
N ARG B 427 -18.64 0.44 26.08
CA ARG B 427 -19.62 -0.62 26.11
C ARG B 427 -19.63 -1.38 24.78
N PHE B 428 -19.73 -0.65 23.68
CA PHE B 428 -19.86 -1.27 22.37
C PHE B 428 -18.56 -1.88 21.88
N CYS B 429 -17.42 -1.39 22.37
CA CYS B 429 -16.14 -1.98 22.02
C CYS B 429 -16.01 -3.39 22.56
N CYS B 430 -16.72 -3.71 23.64
CA CYS B 430 -16.79 -5.09 24.09
C CYS B 430 -17.71 -5.91 23.21
N CYS B 431 -18.73 -5.30 22.61
CA CYS B 431 -19.64 -6.03 21.74
C CYS B 431 -18.99 -6.40 20.42
N VAL B 432 -17.95 -5.67 20.01
CA VAL B 432 -17.32 -5.94 18.73
C VAL B 432 -16.17 -6.92 18.93
N ALA B 433 -15.45 -6.78 20.04
CA ALA B 433 -14.28 -7.60 20.30
C ALA B 433 -14.64 -9.07 20.46
N VAL B 434 -15.87 -9.36 20.88
CA VAL B 434 -16.34 -10.73 20.93
C VAL B 434 -16.45 -11.32 19.53
N ILE B 435 -17.01 -10.55 18.59
CA ILE B 435 -17.10 -11.03 17.22
C ILE B 435 -15.73 -10.99 16.56
N TYR B 436 -14.89 -10.04 16.95
CA TYR B 436 -13.57 -9.92 16.36
C TYR B 436 -12.66 -11.07 16.76
N LEU B 437 -12.80 -11.59 17.97
CA LEU B 437 -12.06 -12.80 18.30
C LEU B 437 -12.65 -14.03 17.63
N GLY B 438 -13.89 -13.95 17.15
CA GLY B 438 -14.45 -15.07 16.42
C GLY B 438 -13.75 -15.30 15.09
N TYR B 439 -13.57 -14.23 14.32
CA TYR B 439 -12.89 -14.38 13.04
C TYR B 439 -11.41 -14.65 13.19
N CYS B 440 -10.79 -14.24 14.28
CA CYS B 440 -9.38 -14.53 14.48
C CYS B 440 -9.12 -16.01 14.73
N PHE B 441 -10.02 -16.71 15.42
CA PHE B 441 -9.83 -18.14 15.58
C PHE B 441 -10.28 -18.92 14.37
N CYS B 442 -11.26 -18.41 13.63
CA CYS B 442 -11.73 -19.13 12.45
C CYS B 442 -10.76 -19.01 11.30
N GLY B 443 -10.19 -17.83 11.09
CA GLY B 443 -9.26 -17.64 10.00
C GLY B 443 -7.90 -18.22 10.23
N TRP B 444 -7.56 -18.53 11.47
CA TRP B 444 -6.24 -19.05 11.78
C TRP B 444 -6.11 -20.53 11.46
N ILE B 445 -7.21 -21.26 11.43
CA ILE B 445 -7.17 -22.68 11.14
C ILE B 445 -7.42 -22.96 9.67
N VAL B 446 -8.40 -22.29 9.07
CA VAL B 446 -8.74 -22.56 7.69
C VAL B 446 -7.66 -22.05 6.76
N LEU B 447 -7.30 -20.77 6.90
CA LEU B 447 -6.35 -20.13 6.01
C LEU B 447 -4.94 -20.21 6.54
N GLY B 448 -4.73 -20.90 7.64
CA GLY B 448 -3.44 -21.08 8.26
C GLY B 448 -2.38 -21.84 7.46
N PRO B 449 -2.66 -23.06 7.01
CA PRO B 449 -1.62 -23.82 6.31
C PRO B 449 -1.24 -23.26 4.97
N TYR B 450 -2.16 -22.61 4.26
CA TYR B 450 -1.92 -22.31 2.87
C TYR B 450 -1.25 -20.97 2.65
N HIS B 451 -1.12 -20.12 3.66
CA HIS B 451 -0.68 -18.76 3.41
C HIS B 451 0.39 -18.37 4.42
N VAL B 452 0.76 -17.10 4.39
CA VAL B 452 1.89 -16.59 5.15
C VAL B 452 1.45 -15.57 6.19
N LYS B 453 0.55 -14.66 5.81
CA LYS B 453 0.07 -13.65 6.75
C LYS B 453 -0.77 -14.25 7.87
N PHE B 454 -1.39 -15.39 7.64
CA PHE B 454 -2.35 -15.96 8.58
C PHE B 454 -1.76 -17.10 9.38
N ARG B 455 -0.52 -17.00 9.83
CA ARG B 455 0.14 -18.15 10.42
C ARG B 455 0.01 -18.21 11.95
N SER B 456 0.27 -17.11 12.65
CA SER B 456 0.06 -17.09 14.09
C SER B 456 -1.04 -16.09 14.43
N LEU B 457 -1.52 -16.15 15.69
CA LEU B 457 -2.60 -15.26 16.10
C LEU B 457 -2.16 -13.82 16.17
N SER B 458 -0.90 -13.58 16.53
CA SER B 458 -0.36 -12.24 16.57
C SER B 458 -0.25 -11.60 15.20
N MET B 459 -0.26 -12.39 14.13
CA MET B 459 -0.36 -11.81 12.80
C MET B 459 -1.79 -11.66 12.33
N VAL B 460 -2.66 -12.61 12.70
CA VAL B 460 -4.04 -12.55 12.27
C VAL B 460 -4.75 -11.38 12.93
N SER B 461 -4.43 -11.12 14.18
CA SER B 461 -4.96 -9.94 14.84
C SER B 461 -4.36 -8.65 14.30
N GLU B 462 -3.30 -8.71 13.52
CA GLU B 462 -2.79 -7.57 12.80
C GLU B 462 -3.28 -7.52 11.36
N CYS B 463 -3.35 -8.67 10.69
CA CYS B 463 -3.76 -8.68 9.30
C CYS B 463 -5.25 -8.44 9.16
N LEU B 464 -6.03 -8.74 10.18
CA LEU B 464 -7.44 -8.38 10.12
C LEU B 464 -7.68 -6.96 10.58
N PHE B 465 -6.95 -6.51 11.59
CA PHE B 465 -7.22 -5.18 12.12
C PHE B 465 -6.71 -4.09 11.19
N SER B 466 -5.63 -4.36 10.47
CA SER B 466 -5.18 -3.43 9.45
C SER B 466 -6.04 -3.48 8.21
N LEU B 467 -6.93 -4.45 8.13
CA LEU B 467 -7.73 -4.64 6.94
C LEU B 467 -9.04 -3.88 7.01
N ILE B 468 -9.63 -3.72 8.20
CA ILE B 468 -10.88 -2.96 8.30
C ILE B 468 -10.66 -1.47 8.16
N ASN B 469 -9.44 -0.99 8.37
CA ASN B 469 -9.15 0.41 8.10
C ASN B 469 -8.87 0.65 6.62
N GLY B 470 -8.67 -0.41 5.85
CA GLY B 470 -8.44 -0.28 4.43
C GLY B 470 -6.98 -0.21 4.06
N ASP B 471 -6.21 -1.21 4.46
CA ASP B 471 -4.79 -1.24 4.13
C ASP B 471 -4.34 -2.68 3.99
N ASP B 472 -3.55 -2.95 2.94
CA ASP B 472 -3.17 -4.29 2.51
C ASP B 472 -4.39 -5.18 2.39
N MET B 473 -5.29 -4.76 1.52
CA MET B 473 -6.51 -5.51 1.25
C MET B 473 -6.43 -6.29 -0.05
N PHE B 474 -6.00 -5.64 -1.14
CA PHE B 474 -5.88 -6.36 -2.41
C PHE B 474 -4.76 -7.37 -2.39
N VAL B 475 -3.72 -7.14 -1.58
CA VAL B 475 -2.59 -8.06 -1.56
C VAL B 475 -3.00 -9.38 -0.91
N THR B 476 -3.91 -9.33 0.06
CA THR B 476 -4.40 -10.56 0.67
C THR B 476 -5.42 -11.27 -0.21
N PHE B 477 -6.19 -10.53 -0.99
CA PHE B 477 -7.02 -11.19 -1.99
C PHE B 477 -6.20 -11.81 -3.11
N ALA B 478 -5.09 -11.18 -3.49
CA ALA B 478 -4.26 -11.73 -4.54
C ALA B 478 -3.50 -12.97 -4.10
N ALA B 479 -3.19 -13.08 -2.80
CA ALA B 479 -2.47 -14.25 -2.33
C ALA B 479 -3.36 -15.47 -2.23
N MET B 480 -4.68 -15.29 -2.18
CA MET B 480 -5.56 -16.45 -2.13
C MET B 480 -5.66 -17.14 -3.48
N GLN B 481 -5.44 -16.41 -4.57
CA GLN B 481 -5.68 -16.95 -5.90
C GLN B 481 -4.49 -17.70 -6.47
N ALA B 482 -3.57 -18.14 -5.63
CA ALA B 482 -2.70 -19.24 -5.99
C ALA B 482 -3.30 -20.57 -5.59
N GLN B 483 -4.55 -20.56 -5.14
CA GLN B 483 -5.25 -21.75 -4.66
C GLN B 483 -6.57 -21.96 -5.39
N GLN B 484 -6.74 -21.38 -6.57
CA GLN B 484 -8.00 -21.59 -7.27
C GLN B 484 -8.04 -22.95 -7.93
N GLY B 485 -6.87 -23.56 -8.16
CA GLY B 485 -6.79 -24.94 -8.58
C GLY B 485 -6.46 -25.87 -7.42
N ARG B 486 -5.49 -25.48 -6.62
CA ARG B 486 -5.11 -26.25 -5.43
C ARG B 486 -6.18 -26.08 -4.37
N SER B 487 -6.98 -27.12 -4.15
CA SER B 487 -7.98 -27.22 -3.07
C SER B 487 -9.01 -26.09 -3.17
N SER B 488 -9.80 -26.17 -4.23
CA SER B 488 -10.84 -25.20 -4.57
C SER B 488 -11.94 -25.08 -3.55
N LEU B 489 -12.02 -25.82 -2.45
CA LEU B 489 -12.97 -25.46 -1.40
C LEU B 489 -12.44 -24.34 -0.52
N VAL B 490 -11.15 -24.37 -0.22
CA VAL B 490 -10.56 -23.38 0.66
C VAL B 490 -10.54 -22.02 -0.01
N TRP B 491 -10.47 -21.99 -1.34
CA TRP B 491 -10.61 -20.73 -2.06
C TRP B 491 -11.99 -20.15 -1.88
N LEU B 492 -13.03 -20.97 -2.08
CA LEU B 492 -14.39 -20.48 -1.98
C LEU B 492 -14.75 -20.12 -0.54
N PHE B 493 -14.10 -20.73 0.45
CA PHE B 493 -14.29 -20.24 1.80
C PHE B 493 -13.61 -18.90 2.00
N SER B 494 -12.45 -18.70 1.37
CA SER B 494 -11.70 -17.48 1.59
C SER B 494 -12.36 -16.27 0.96
N GLN B 495 -13.09 -16.46 -0.14
CA GLN B 495 -13.87 -15.37 -0.68
C GLN B 495 -15.03 -15.03 0.22
N LEU B 496 -15.63 -16.02 0.85
CA LEU B 496 -16.75 -15.80 1.75
C LEU B 496 -16.31 -15.37 3.13
N TYR B 497 -15.09 -15.75 3.54
CA TYR B 497 -14.56 -15.28 4.81
C TYR B 497 -14.23 -13.80 4.74
N LEU B 498 -13.51 -13.38 3.70
CA LEU B 498 -13.00 -12.02 3.66
C LEU B 498 -14.10 -11.02 3.34
N TYR B 499 -14.95 -11.30 2.35
CA TYR B 499 -16.01 -10.38 1.96
C TYR B 499 -17.02 -10.13 3.07
N SER B 500 -17.32 -11.15 3.86
CA SER B 500 -18.31 -11.00 4.91
C SER B 500 -17.76 -10.32 6.14
N PHE B 501 -16.45 -10.11 6.19
CA PHE B 501 -15.80 -9.46 7.32
C PHE B 501 -15.49 -8.01 7.06
N ILE B 502 -14.89 -7.70 5.91
CA ILE B 502 -14.57 -6.32 5.59
C ILE B 502 -15.84 -5.52 5.29
N SER B 503 -16.87 -6.17 4.79
CA SER B 503 -18.15 -5.51 4.57
C SER B 503 -19.04 -5.58 5.80
N LEU B 504 -18.53 -6.07 6.92
CA LEU B 504 -19.26 -5.99 8.17
C LEU B 504 -18.79 -4.86 9.06
N PHE B 505 -17.49 -4.70 9.23
CA PHE B 505 -16.99 -3.71 10.16
C PHE B 505 -16.98 -2.29 9.60
N ILE B 506 -16.94 -2.12 8.29
CA ILE B 506 -17.03 -0.75 7.77
C ILE B 506 -18.48 -0.28 7.73
N TYR B 507 -19.40 -1.15 7.36
CA TYR B 507 -20.72 -0.70 6.96
C TYR B 507 -21.76 -0.79 8.06
N MET B 508 -21.50 -1.54 9.12
CA MET B 508 -22.42 -1.60 10.24
C MET B 508 -21.78 -1.45 11.60
N VAL B 509 -20.46 -1.42 11.69
CA VAL B 509 -19.78 -1.27 12.97
C VAL B 509 -19.08 0.07 13.08
N LEU B 510 -18.41 0.49 12.00
CA LEU B 510 -17.84 1.84 11.96
C LEU B 510 -18.93 2.90 12.02
N SER B 511 -20.12 2.60 11.51
CA SER B 511 -21.21 3.56 11.53
C SER B 511 -21.75 3.81 12.93
N LEU B 512 -21.60 2.86 13.86
CA LEU B 512 -22.03 3.14 15.23
C LEU B 512 -21.13 4.17 15.88
N PHE B 513 -19.83 4.03 15.70
CA PHE B 513 -18.87 4.95 16.28
C PHE B 513 -19.02 6.37 15.76
N ILE B 514 -19.59 6.55 14.57
CA ILE B 514 -19.98 7.87 14.11
C ILE B 514 -21.33 8.26 14.68
N ALA B 515 -22.23 7.31 14.89
CA ALA B 515 -23.56 7.62 15.39
C ALA B 515 -23.59 7.90 16.88
N LEU B 516 -22.75 7.24 17.67
CA LEU B 516 -22.77 7.47 19.10
C LEU B 516 -22.22 8.84 19.46
N ILE B 517 -21.21 9.30 18.74
CA ILE B 517 -20.63 10.60 19.03
C ILE B 517 -21.58 11.71 18.60
N THR B 518 -22.23 11.53 17.44
CA THR B 518 -23.27 12.47 17.03
C THR B 518 -24.43 12.44 18.00
N GLY B 519 -24.82 11.24 18.44
CA GLY B 519 -25.86 11.11 19.44
C GLY B 519 -25.49 11.66 20.80
N ALA B 520 -24.21 11.77 21.10
CA ALA B 520 -23.79 12.39 22.35
C ALA B 520 -23.56 13.88 22.22
N TYR B 521 -23.27 14.37 21.01
CA TYR B 521 -23.03 15.80 20.84
C TYR B 521 -24.32 16.58 20.88
N ASP B 522 -25.44 15.95 20.58
CA ASP B 522 -26.72 16.61 20.75
C ASP B 522 -27.11 16.75 22.21
N THR B 523 -26.68 15.83 23.07
CA THR B 523 -27.07 15.88 24.47
C THR B 523 -26.33 16.98 25.21
N ILE B 524 -25.09 17.23 24.84
CA ILE B 524 -24.28 18.15 25.64
C ILE B 524 -24.65 19.60 25.35
N LYS B 525 -25.16 19.88 24.15
CA LYS B 525 -25.47 21.27 23.84
C LYS B 525 -26.95 21.55 23.89
N HIS B 526 -27.78 20.56 24.21
CA HIS B 526 -29.20 20.80 24.43
C HIS B 526 -29.70 19.96 25.60
N GLU C 38 -57.37 -14.01 26.65
CA GLU C 38 -56.08 -14.23 27.30
C GLU C 38 -56.25 -14.43 28.80
N GLU C 39 -57.21 -15.25 29.23
CA GLU C 39 -57.45 -15.36 30.67
C GLU C 39 -56.50 -16.33 31.36
N ASP C 40 -56.57 -17.61 31.02
CA ASP C 40 -55.89 -18.63 31.81
C ASP C 40 -54.51 -18.96 31.29
N LEU C 41 -54.12 -18.45 30.14
CA LEU C 41 -52.80 -18.71 29.57
C LEU C 41 -51.81 -17.61 29.90
N ARG C 42 -52.08 -16.83 30.95
CA ARG C 42 -51.18 -15.74 31.29
C ARG C 42 -49.90 -16.24 31.92
N ARG C 43 -49.98 -17.23 32.82
CA ARG C 43 -48.79 -17.61 33.56
C ARG C 43 -47.84 -18.44 32.71
N ARG C 44 -48.37 -19.39 31.96
CA ARG C 44 -47.51 -20.25 31.15
C ARG C 44 -46.93 -19.53 29.94
N LEU C 45 -47.68 -18.61 29.32
CA LEU C 45 -47.13 -17.90 28.17
C LEU C 45 -46.24 -16.74 28.55
N LYS C 46 -46.14 -16.39 29.83
CA LYS C 46 -45.15 -15.42 30.27
C LYS C 46 -43.91 -16.06 30.89
N TYR C 47 -44.00 -17.31 31.33
CA TYR C 47 -42.80 -18.04 31.69
C TYR C 47 -41.89 -18.23 30.50
N PHE C 48 -42.47 -18.41 29.31
CA PHE C 48 -41.65 -18.56 28.13
C PHE C 48 -40.98 -17.27 27.74
N PHE C 49 -41.54 -16.13 28.13
CA PHE C 49 -40.86 -14.85 27.95
C PHE C 49 -40.26 -14.42 29.29
N MET C 50 -39.15 -15.05 29.63
CA MET C 50 -38.41 -14.71 30.83
C MET C 50 -36.93 -14.58 30.53
N SER C 51 -36.18 -14.25 31.57
CA SER C 51 -34.74 -14.09 31.55
C SER C 51 -34.15 -14.78 32.76
N PRO C 52 -32.98 -15.41 32.62
CA PRO C 52 -32.35 -16.09 33.76
C PRO C 52 -31.86 -15.16 34.85
N CYS C 53 -31.83 -13.86 34.62
CA CYS C 53 -31.70 -12.93 35.73
C CYS C 53 -32.95 -12.92 36.60
N ASP C 54 -34.10 -13.27 36.03
CA ASP C 54 -35.36 -13.26 36.76
C ASP C 54 -35.94 -14.67 36.89
N LYS C 55 -35.39 -15.65 36.18
CA LYS C 55 -35.79 -17.05 36.41
C LYS C 55 -35.39 -17.52 37.79
N PHE C 56 -34.29 -16.96 38.32
CA PHE C 56 -33.84 -17.27 39.68
C PHE C 56 -34.89 -16.87 40.71
N ARG C 57 -35.57 -15.77 40.49
CA ARG C 57 -36.66 -15.35 41.36
C ARG C 57 -38.02 -15.67 40.78
N ALA C 58 -38.08 -16.43 39.68
CA ALA C 58 -39.39 -16.78 39.14
C ALA C 58 -39.99 -17.93 39.93
N LYS C 59 -39.35 -19.10 39.85
CA LYS C 59 -39.85 -20.29 40.55
C LYS C 59 -38.73 -21.04 41.23
N GLY C 60 -37.52 -20.46 41.33
CA GLY C 60 -36.41 -21.14 41.95
C GLY C 60 -35.91 -22.29 41.09
N ARG C 61 -35.26 -21.98 39.98
CA ARG C 61 -34.90 -23.00 39.01
C ARG C 61 -33.45 -23.46 39.09
N LYS C 62 -32.56 -22.65 39.68
CA LYS C 62 -31.11 -22.88 39.79
C LYS C 62 -30.52 -23.12 38.41
N PRO C 63 -30.36 -22.07 37.60
CA PRO C 63 -30.18 -22.25 36.15
C PRO C 63 -28.82 -22.78 35.73
N CYS C 64 -28.60 -24.07 35.93
CA CYS C 64 -27.48 -24.74 35.29
C CYS C 64 -27.80 -25.14 33.85
N LYS C 65 -29.04 -24.96 33.40
CA LYS C 65 -29.38 -25.23 32.01
C LYS C 65 -28.83 -24.16 31.07
N LEU C 66 -28.31 -23.06 31.60
CA LEU C 66 -27.56 -22.08 30.82
C LEU C 66 -26.06 -22.17 31.06
N MET C 67 -25.63 -22.62 32.23
CA MET C 67 -24.21 -22.63 32.56
C MET C 67 -23.44 -23.67 31.76
N LEU C 68 -24.10 -24.73 31.30
CA LEU C 68 -23.44 -25.74 30.47
C LEU C 68 -23.03 -25.17 29.13
N GLN C 69 -23.80 -24.20 28.62
CA GLN C 69 -23.46 -23.51 27.39
C GLN C 69 -22.18 -22.69 27.53
N VAL C 70 -21.85 -22.25 28.74
CA VAL C 70 -20.61 -21.52 28.96
C VAL C 70 -19.42 -22.47 28.94
N VAL C 71 -19.63 -23.75 29.23
CA VAL C 71 -18.55 -24.73 29.21
C VAL C 71 -18.01 -24.91 27.81
N LYS C 72 -18.87 -24.80 26.80
CA LYS C 72 -18.46 -24.86 25.40
C LYS C 72 -17.45 -23.78 25.03
N ILE C 73 -17.56 -22.60 25.63
CA ILE C 73 -16.66 -21.50 25.35
C ILE C 73 -15.23 -21.88 25.73
N LEU C 74 -15.08 -22.60 26.82
CA LEU C 74 -13.75 -23.08 27.18
C LEU C 74 -13.35 -24.31 26.39
N VAL C 75 -14.22 -25.29 26.27
CA VAL C 75 -13.78 -26.62 25.84
C VAL C 75 -13.55 -26.63 24.33
N VAL C 76 -14.43 -25.99 23.56
CA VAL C 76 -14.29 -26.00 22.11
C VAL C 76 -13.08 -25.20 21.66
N THR C 77 -12.84 -24.06 22.31
CA THR C 77 -11.68 -23.23 21.98
C THR C 77 -10.38 -23.94 22.33
N VAL C 78 -10.33 -24.62 23.46
CA VAL C 78 -9.14 -25.39 23.81
C VAL C 78 -9.01 -26.61 22.91
N GLN C 79 -10.14 -27.20 22.51
CA GLN C 79 -10.12 -28.20 21.44
C GLN C 79 -9.58 -27.61 20.14
N LEU C 80 -9.87 -26.35 19.88
CA LEU C 80 -9.39 -25.69 18.68
C LEU C 80 -7.92 -25.31 18.76
N ILE C 81 -7.48 -24.72 19.86
CA ILE C 81 -6.13 -24.15 19.91
C ILE C 81 -5.08 -25.27 19.93
N LEU C 82 -5.32 -26.31 20.70
CA LEU C 82 -4.37 -27.42 20.67
C LEU C 82 -4.56 -28.34 19.48
N PHE C 83 -5.51 -28.04 18.60
CA PHE C 83 -5.50 -28.65 17.28
C PHE C 83 -4.65 -27.86 16.31
N GLY C 84 -4.67 -26.53 16.44
CA GLY C 84 -3.95 -25.68 15.52
C GLY C 84 -2.45 -25.75 15.69
N LEU C 85 -1.98 -25.81 16.94
CA LEU C 85 -0.54 -25.82 17.18
C LEU C 85 0.13 -27.12 16.75
N SER C 86 -0.55 -28.24 16.88
CA SER C 86 -0.02 -29.48 16.34
C SER C 86 -0.08 -29.53 14.84
N ASN C 87 -0.99 -28.77 14.23
CA ASN C 87 -1.10 -28.73 12.78
C ASN C 87 -0.17 -27.71 12.15
N GLN C 88 0.06 -26.57 12.82
CA GLN C 88 0.96 -25.55 12.30
C GLN C 88 2.38 -26.05 12.18
N LEU C 89 2.84 -26.78 13.19
CA LEU C 89 4.22 -27.22 13.23
C LEU C 89 4.52 -28.26 12.16
N ALA C 90 3.50 -28.98 11.71
CA ALA C 90 3.68 -29.91 10.60
C ALA C 90 3.62 -29.23 9.24
N VAL C 91 3.02 -28.04 9.16
CA VAL C 91 2.98 -27.35 7.87
C VAL C 91 4.32 -26.73 7.57
N THR C 92 4.98 -26.17 8.57
CA THR C 92 6.29 -25.55 8.35
C THR C 92 7.33 -26.59 8.02
N PHE C 93 7.14 -27.84 8.43
CA PHE C 93 8.00 -28.89 7.92
C PHE C 93 7.65 -29.24 6.49
N ARG C 94 6.38 -29.12 6.11
CA ARG C 94 6.00 -29.42 4.73
C ARG C 94 6.48 -28.34 3.78
N GLU C 95 6.27 -27.08 4.13
CA GLU C 95 6.55 -25.99 3.21
C GLU C 95 8.00 -25.53 3.26
N GLU C 96 8.88 -26.26 3.94
CA GLU C 96 10.29 -25.90 3.94
C GLU C 96 11.15 -27.00 3.33
N ASN C 97 10.66 -28.22 3.24
CA ASN C 97 11.33 -29.20 2.41
C ASN C 97 11.13 -28.96 0.93
N THR C 98 10.06 -28.30 0.53
CA THR C 98 9.89 -27.96 -0.87
C THR C 98 10.84 -26.85 -1.27
N ILE C 99 10.99 -25.85 -0.41
CA ILE C 99 11.96 -24.77 -0.61
C ILE C 99 13.36 -25.34 -0.65
N ALA C 100 13.62 -26.41 0.11
CA ALA C 100 14.85 -27.14 -0.07
C ALA C 100 14.92 -27.83 -1.42
N PHE C 101 13.80 -28.37 -1.90
CA PHE C 101 13.86 -29.14 -3.13
C PHE C 101 14.02 -28.26 -4.35
N ARG C 102 13.51 -27.04 -4.33
CA ARG C 102 13.65 -26.18 -5.49
C ARG C 102 15.07 -25.69 -5.66
N HIS C 103 15.81 -25.56 -4.56
CA HIS C 103 17.21 -25.21 -4.64
C HIS C 103 18.10 -26.40 -4.94
N LEU C 104 17.54 -27.57 -5.15
CA LEU C 104 18.32 -28.74 -5.53
C LEU C 104 17.94 -29.31 -6.86
N PHE C 105 16.73 -29.04 -7.35
CA PHE C 105 16.19 -29.74 -8.51
C PHE C 105 15.86 -28.83 -9.67
N LEU C 106 16.04 -27.52 -9.53
CA LEU C 106 15.70 -26.58 -10.58
C LEU C 106 16.94 -25.78 -10.94
N LEU C 107 17.31 -25.79 -12.21
CA LEU C 107 18.59 -25.23 -12.63
C LEU C 107 18.48 -23.72 -12.67
N GLY C 108 19.17 -23.06 -11.74
CA GLY C 108 19.22 -21.61 -11.75
C GLY C 108 18.07 -20.94 -11.06
N TYR C 109 17.52 -21.53 -10.01
CA TYR C 109 16.38 -20.98 -9.32
C TYR C 109 16.86 -20.14 -8.15
N SER C 110 16.75 -18.84 -8.27
CA SER C 110 16.91 -18.00 -7.10
C SER C 110 15.58 -17.92 -6.36
N ASP C 111 15.58 -17.19 -5.25
CA ASP C 111 14.37 -17.09 -4.45
C ASP C 111 13.36 -16.15 -5.11
N GLY C 112 12.13 -16.23 -4.62
CA GLY C 112 11.08 -15.32 -5.04
C GLY C 112 10.39 -15.61 -6.35
N ALA C 113 11.16 -15.89 -7.39
CA ALA C 113 10.61 -16.07 -8.73
C ALA C 113 9.99 -17.46 -8.87
N ASP C 114 8.85 -17.65 -8.20
CA ASP C 114 8.13 -18.91 -8.34
C ASP C 114 7.47 -19.01 -9.69
N ASP C 115 6.53 -18.11 -9.97
CA ASP C 115 5.68 -18.24 -11.14
C ASP C 115 6.29 -17.67 -12.41
N THR C 116 7.43 -17.02 -12.32
CA THR C 116 8.08 -16.43 -13.48
C THR C 116 9.38 -17.14 -13.82
N PHE C 117 9.43 -18.44 -13.56
CA PHE C 117 10.60 -19.24 -13.84
C PHE C 117 10.28 -20.12 -15.04
N ALA C 118 10.99 -19.92 -16.13
CA ALA C 118 10.65 -20.59 -17.38
C ALA C 118 11.92 -20.92 -18.15
N ALA C 119 11.73 -21.62 -19.27
CA ALA C 119 12.83 -22.03 -20.13
C ALA C 119 12.46 -21.67 -21.56
N TYR C 120 13.33 -20.92 -22.23
CA TYR C 120 12.96 -20.28 -23.48
C TYR C 120 13.61 -20.88 -24.71
N THR C 121 14.88 -21.29 -24.62
CA THR C 121 15.53 -21.90 -25.76
C THR C 121 15.23 -23.39 -25.76
N ARG C 122 15.89 -24.11 -26.66
CA ARG C 122 15.74 -25.56 -26.70
C ARG C 122 16.77 -26.24 -25.84
N GLU C 123 17.91 -25.62 -25.63
CA GLU C 123 18.94 -26.17 -24.78
C GLU C 123 18.80 -25.72 -23.33
N GLN C 124 18.01 -24.69 -23.05
CA GLN C 124 17.59 -24.48 -21.66
C GLN C 124 16.70 -25.59 -21.17
N LEU C 125 15.95 -26.22 -22.06
CA LEU C 125 15.09 -27.31 -21.64
C LEU C 125 15.86 -28.59 -21.44
N TYR C 126 16.91 -28.84 -22.23
CA TYR C 126 17.73 -30.01 -21.99
C TYR C 126 18.53 -29.89 -20.70
N GLN C 127 19.13 -28.73 -20.44
CA GLN C 127 19.92 -28.61 -19.22
C GLN C 127 19.04 -28.58 -17.99
N ALA C 128 17.77 -28.22 -18.11
CA ALA C 128 16.91 -28.27 -16.96
C ALA C 128 16.51 -29.69 -16.61
N ILE C 129 16.34 -30.54 -17.61
CA ILE C 129 15.93 -31.92 -17.35
C ILE C 129 17.08 -32.72 -16.77
N PHE C 130 18.27 -32.55 -17.34
CA PHE C 130 19.40 -33.39 -16.97
C PHE C 130 19.89 -33.06 -15.57
N HIS C 131 19.89 -31.77 -15.22
CA HIS C 131 20.24 -31.34 -13.89
C HIS C 131 19.27 -31.83 -12.84
N ALA C 132 18.02 -32.05 -13.22
CA ALA C 132 17.05 -32.59 -12.28
C ALA C 132 17.25 -34.07 -12.02
N VAL C 133 17.75 -34.82 -12.97
CA VAL C 133 18.01 -36.24 -12.80
C VAL C 133 19.33 -36.48 -12.07
N ASP C 134 20.35 -35.68 -12.41
CA ASP C 134 21.68 -35.90 -11.88
C ASP C 134 21.74 -35.66 -10.37
N GLN C 135 21.03 -34.65 -9.89
CA GLN C 135 20.98 -34.42 -8.45
C GLN C 135 20.22 -35.52 -7.74
N TYR C 136 19.26 -36.14 -8.41
CA TYR C 136 18.57 -37.27 -7.83
C TYR C 136 19.50 -38.47 -7.73
N LEU C 137 20.37 -38.66 -8.70
CA LEU C 137 21.29 -39.79 -8.63
C LEU C 137 22.41 -39.56 -7.65
N ALA C 138 22.60 -38.33 -7.19
CA ALA C 138 23.70 -38.00 -6.31
C ALA C 138 23.22 -37.38 -5.01
N LEU C 139 22.04 -37.78 -4.55
CA LEU C 139 21.42 -37.10 -3.41
C LEU C 139 22.16 -37.26 -2.08
N PRO C 140 22.58 -38.46 -1.64
CA PRO C 140 23.22 -38.53 -0.32
C PRO C 140 24.62 -37.94 -0.29
N ASP C 141 25.20 -37.61 -1.43
CA ASP C 141 26.54 -37.04 -1.39
C ASP C 141 26.52 -35.53 -1.31
N VAL C 142 25.53 -34.86 -1.90
CA VAL C 142 25.55 -33.42 -1.99
C VAL C 142 24.54 -32.73 -1.08
N SER C 143 23.47 -33.40 -0.69
CA SER C 143 22.42 -32.77 0.09
C SER C 143 22.51 -33.16 1.54
N LEU C 144 22.27 -32.20 2.43
CA LEU C 144 22.06 -32.57 3.80
C LEU C 144 20.57 -32.79 4.03
N GLY C 145 20.23 -33.40 5.16
CA GLY C 145 18.87 -33.70 5.50
C GLY C 145 18.54 -35.17 5.52
N ARG C 146 19.30 -35.99 4.80
CA ARG C 146 19.25 -37.45 4.84
C ARG C 146 17.86 -37.99 4.44
N TYR C 147 17.58 -37.80 3.16
CA TYR C 147 16.44 -38.46 2.55
C TYR C 147 16.84 -39.87 2.13
N ALA C 148 15.86 -40.65 1.70
CA ALA C 148 16.12 -41.97 1.15
C ALA C 148 15.07 -42.32 0.12
N TYR C 149 15.44 -43.20 -0.80
CA TYR C 149 14.64 -43.45 -1.99
C TYR C 149 13.42 -44.30 -1.62
N VAL C 150 12.51 -44.44 -2.59
CA VAL C 150 11.26 -45.15 -2.32
C VAL C 150 11.37 -46.63 -2.62
N ARG C 151 12.04 -47.00 -3.72
CA ARG C 151 11.96 -48.34 -4.33
C ARG C 151 10.50 -48.77 -4.48
N GLY C 152 9.79 -48.01 -5.30
CA GLY C 152 8.34 -48.00 -5.28
C GLY C 152 7.70 -49.16 -6.03
N GLY C 153 6.37 -49.15 -6.02
CA GLY C 153 5.59 -50.16 -6.70
C GLY C 153 4.28 -49.62 -7.27
N GLY C 154 4.20 -48.31 -7.45
CA GLY C 154 2.98 -47.67 -7.90
C GLY C 154 2.79 -47.75 -9.41
N ASP C 155 1.86 -46.92 -9.90
CA ASP C 155 1.44 -47.01 -11.29
C ASP C 155 2.38 -46.32 -12.28
N PRO C 156 2.86 -45.05 -12.07
CA PRO C 156 3.84 -44.54 -13.04
C PRO C 156 5.26 -44.93 -12.68
N TRP C 157 5.46 -46.18 -12.27
CA TRP C 157 6.79 -46.71 -12.00
C TRP C 157 6.74 -48.21 -12.22
N THR C 158 7.67 -48.74 -13.01
CA THR C 158 7.85 -50.18 -13.02
C THR C 158 8.62 -50.61 -11.79
N ASN C 159 8.74 -51.92 -11.61
CA ASN C 159 9.24 -52.46 -10.36
C ASN C 159 10.73 -52.24 -10.24
N GLY C 160 11.16 -51.69 -9.12
CA GLY C 160 12.54 -51.30 -8.93
C GLY C 160 12.76 -49.82 -9.20
N SER C 161 12.00 -49.29 -10.15
CA SER C 161 12.17 -47.92 -10.60
C SER C 161 11.63 -46.93 -9.58
N GLY C 162 12.34 -45.82 -9.42
CA GLY C 162 11.89 -44.75 -8.55
C GLY C 162 11.66 -43.43 -9.26
N LEU C 163 12.43 -43.17 -10.30
CA LEU C 163 12.33 -41.93 -11.04
C LEU C 163 11.88 -42.25 -12.46
N ALA C 164 10.98 -41.43 -12.99
CA ALA C 164 10.47 -41.69 -14.35
C ALA C 164 10.18 -40.35 -15.02
N LEU C 165 10.92 -40.04 -16.07
CA LEU C 165 10.62 -38.86 -16.86
C LEU C 165 9.86 -39.30 -18.09
N CYS C 166 8.69 -38.68 -18.30
CA CYS C 166 7.73 -39.19 -19.27
C CYS C 166 7.30 -38.06 -20.18
N GLN C 167 7.51 -38.21 -21.49
CA GLN C 167 7.01 -37.21 -22.40
C GLN C 167 5.51 -37.34 -22.56
N ARG C 168 4.93 -36.36 -23.24
CA ARG C 168 3.56 -36.46 -23.74
C ARG C 168 3.54 -35.75 -25.07
N TYR C 169 3.10 -36.43 -26.12
CA TYR C 169 2.93 -35.75 -27.40
C TYR C 169 1.79 -36.40 -28.15
N TYR C 170 1.41 -35.76 -29.25
CA TYR C 170 0.26 -36.19 -30.02
C TYR C 170 0.60 -37.46 -30.78
N HIS C 171 -0.45 -38.18 -31.19
CA HIS C 171 -0.25 -39.40 -31.98
C HIS C 171 0.34 -39.08 -33.35
N ARG C 172 -0.34 -38.23 -34.09
CA ARG C 172 0.06 -37.88 -35.44
C ARG C 172 -0.37 -36.46 -35.69
N GLY C 173 0.59 -35.60 -36.01
CA GLY C 173 0.30 -34.22 -36.26
C GLY C 173 1.42 -33.52 -37.01
N HIS C 174 1.06 -32.81 -38.08
CA HIS C 174 2.02 -32.16 -38.95
C HIS C 174 1.59 -30.72 -39.09
N VAL C 175 1.98 -29.89 -38.14
CA VAL C 175 1.70 -28.47 -38.25
C VAL C 175 2.87 -27.79 -38.95
N ASP C 176 2.54 -26.91 -39.87
CA ASP C 176 3.54 -26.19 -40.65
C ASP C 176 2.93 -24.90 -41.16
N PRO C 177 3.41 -23.75 -40.71
CA PRO C 177 3.01 -22.50 -41.34
C PRO C 177 3.61 -22.37 -42.72
N ALA C 178 2.91 -21.61 -43.58
CA ALA C 178 3.11 -21.38 -45.02
C ALA C 178 2.87 -22.62 -45.88
N ASN C 179 2.60 -23.79 -45.28
CA ASN C 179 2.05 -24.95 -45.97
C ASN C 179 1.04 -25.55 -44.99
N ASP C 180 -0.20 -25.04 -45.04
CA ASP C 180 -1.15 -25.24 -43.94
C ASP C 180 -2.01 -26.48 -44.13
N THR C 181 -1.36 -27.62 -44.38
CA THR C 181 -2.01 -28.94 -44.41
C THR C 181 -1.73 -29.58 -43.05
N PHE C 182 -2.53 -29.19 -42.06
CA PHE C 182 -2.21 -29.52 -40.69
C PHE C 182 -3.29 -30.42 -40.09
N ASP C 183 -2.83 -31.47 -39.40
CA ASP C 183 -3.69 -32.48 -38.78
C ASP C 183 -3.55 -32.43 -37.28
N ILE C 184 -4.69 -32.45 -36.58
CA ILE C 184 -4.74 -32.36 -35.14
C ILE C 184 -5.76 -33.38 -34.68
N ASP C 185 -5.31 -34.40 -33.97
CA ASP C 185 -6.21 -35.37 -33.33
C ASP C 185 -5.70 -35.69 -31.94
N PRO C 186 -6.50 -35.48 -30.91
CA PRO C 186 -6.02 -35.71 -29.55
C PRO C 186 -5.87 -37.18 -29.22
N MET C 187 -4.63 -37.65 -29.21
CA MET C 187 -4.34 -39.02 -28.79
C MET C 187 -2.91 -39.01 -28.27
N VAL C 188 -2.78 -38.93 -26.97
CA VAL C 188 -1.50 -38.66 -26.35
C VAL C 188 -0.86 -39.98 -25.91
N VAL C 189 0.46 -40.07 -26.05
CA VAL C 189 1.20 -41.28 -25.72
C VAL C 189 2.20 -40.95 -24.62
N THR C 190 2.24 -41.77 -23.59
CA THR C 190 3.08 -41.56 -22.43
C THR C 190 4.34 -42.40 -22.56
N ASP C 191 5.42 -41.80 -23.08
CA ASP C 191 6.70 -42.48 -23.26
C ASP C 191 7.58 -42.23 -22.05
N CYS C 192 7.60 -43.18 -21.13
CA CYS C 192 8.37 -43.05 -19.91
C CYS C 192 9.75 -43.64 -20.06
N ILE C 193 10.70 -43.04 -19.37
CA ILE C 193 12.06 -43.56 -19.28
C ILE C 193 12.28 -43.96 -17.83
N GLN C 194 12.78 -45.15 -17.62
CA GLN C 194 12.85 -45.72 -16.29
C GLN C 194 14.27 -45.61 -15.76
N VAL C 195 14.38 -45.18 -14.50
CA VAL C 195 15.67 -45.12 -13.82
C VAL C 195 15.43 -45.33 -12.32
N ASP C 196 16.22 -46.21 -11.76
CA ASP C 196 16.30 -46.58 -10.37
C ASP C 196 17.59 -46.06 -9.74
N PRO C 197 17.58 -45.70 -8.46
CA PRO C 197 18.80 -45.19 -7.85
C PRO C 197 19.80 -46.31 -7.64
N PRO C 198 21.09 -46.02 -7.72
CA PRO C 198 22.09 -47.07 -7.52
C PRO C 198 22.18 -47.47 -6.06
N GLU C 199 22.60 -48.71 -5.84
CA GLU C 199 22.68 -49.26 -4.50
C GLU C 199 23.97 -48.85 -3.78
N ARG C 200 25.12 -49.06 -4.42
CA ARG C 200 26.43 -48.87 -3.82
C ARG C 200 27.29 -47.92 -4.63
N PRO C 201 28.23 -47.20 -3.97
CA PRO C 201 29.21 -46.36 -4.68
C PRO C 201 30.15 -47.15 -5.58
N SER C 216 21.02 -44.62 -16.81
CA SER C 216 21.61 -45.34 -17.93
C SER C 216 21.48 -44.56 -19.23
N SER C 217 20.55 -44.98 -20.08
CA SER C 217 20.41 -44.44 -21.42
C SER C 217 19.55 -43.19 -21.46
N TYR C 218 19.30 -42.55 -20.32
CA TYR C 218 18.40 -41.41 -20.30
C TYR C 218 19.00 -40.17 -20.95
N LYS C 219 20.33 -40.08 -20.98
CA LYS C 219 20.98 -39.02 -21.74
C LYS C 219 20.68 -39.14 -23.23
N ASN C 220 20.61 -40.36 -23.73
CA ASN C 220 20.11 -40.58 -25.08
C ASN C 220 18.62 -40.31 -25.05
N LEU C 221 18.22 -39.12 -25.53
CA LEU C 221 16.84 -38.68 -25.45
C LEU C 221 16.59 -37.60 -26.50
N THR C 222 15.48 -37.73 -27.22
CA THR C 222 14.98 -36.67 -28.07
C THR C 222 13.61 -36.26 -27.57
N LEU C 223 13.16 -35.07 -27.95
CA LEU C 223 11.94 -34.53 -27.35
C LEU C 223 10.79 -34.26 -28.31
N LYS C 224 11.06 -34.01 -29.59
CA LYS C 224 10.06 -33.78 -30.63
C LYS C 224 9.16 -32.58 -30.28
N PHE C 225 9.79 -31.41 -30.30
CA PHE C 225 9.22 -30.20 -29.71
C PHE C 225 7.97 -29.70 -30.41
N HIS C 226 7.86 -29.86 -31.72
CA HIS C 226 6.71 -29.38 -32.47
C HIS C 226 5.43 -30.11 -32.14
N LYS C 227 5.51 -31.22 -31.42
CA LYS C 227 4.37 -32.02 -31.02
C LYS C 227 4.26 -32.14 -29.50
N LEU C 228 5.20 -31.54 -28.76
CA LEU C 228 5.35 -31.78 -27.34
C LEU C 228 4.26 -31.11 -26.51
N VAL C 229 3.76 -31.81 -25.50
CA VAL C 229 2.70 -31.32 -24.65
C VAL C 229 3.21 -30.94 -23.27
N ASN C 230 3.73 -31.91 -22.51
CA ASN C 230 4.38 -31.63 -21.23
C ASN C 230 5.28 -32.79 -20.87
N VAL C 231 6.34 -32.47 -20.14
CA VAL C 231 7.30 -33.45 -19.67
C VAL C 231 7.24 -33.44 -18.16
N THR C 232 6.93 -34.57 -17.55
CA THR C 232 6.80 -34.65 -16.10
C THR C 232 7.88 -35.55 -15.54
N ILE C 233 8.15 -35.37 -14.25
CA ILE C 233 9.15 -36.15 -13.53
C ILE C 233 8.56 -36.50 -12.17
N HIS C 234 8.54 -37.79 -11.84
CA HIS C 234 7.90 -38.30 -10.64
C HIS C 234 8.93 -39.04 -9.80
N PHE C 235 9.00 -38.73 -8.51
CA PHE C 235 9.72 -39.58 -7.58
C PHE C 235 9.20 -39.35 -6.18
N ARG C 236 9.64 -40.20 -5.26
CA ARG C 236 9.17 -40.18 -3.89
C ARG C 236 10.35 -40.33 -2.94
N LEU C 237 10.21 -39.75 -1.75
CA LEU C 237 11.30 -39.74 -0.78
C LEU C 237 10.72 -39.87 0.61
N LYS C 238 11.14 -40.89 1.35
CA LYS C 238 10.80 -40.98 2.76
C LYS C 238 11.81 -40.20 3.59
N THR C 239 11.40 -39.88 4.81
CA THR C 239 12.28 -39.22 5.77
C THR C 239 11.75 -39.43 7.17
N ILE C 240 12.50 -38.93 8.14
CA ILE C 240 12.12 -38.98 9.54
C ILE C 240 12.07 -37.54 10.02
N ASN C 241 10.92 -37.11 10.53
CA ASN C 241 10.89 -35.85 11.23
C ASN C 241 11.67 -35.99 12.52
N LEU C 242 12.37 -34.93 12.91
CA LEU C 242 13.25 -34.99 14.05
C LEU C 242 12.92 -33.86 15.01
N GLN C 243 11.64 -33.57 15.14
CA GLN C 243 11.13 -32.63 16.12
C GLN C 243 10.40 -33.37 17.22
N SER C 244 10.96 -34.52 17.61
CA SER C 244 10.37 -35.41 18.59
C SER C 244 10.65 -34.99 20.01
N LEU C 245 11.28 -33.85 20.22
CA LEU C 245 11.73 -33.45 21.53
C LEU C 245 10.68 -32.66 22.31
N ILE C 246 10.05 -31.68 21.65
CA ILE C 246 8.96 -30.94 22.29
C ILE C 246 7.66 -31.75 22.30
N ASN C 247 7.55 -32.77 21.45
CA ASN C 247 6.50 -33.76 21.56
C ASN C 247 6.82 -34.81 22.62
N ASN C 248 8.12 -34.98 22.93
CA ASN C 248 8.75 -35.87 23.90
C ASN C 248 8.63 -37.34 23.50
N GLU C 249 7.93 -37.67 22.42
CA GLU C 249 7.77 -39.07 22.03
C GLU C 249 7.98 -39.27 20.53
N ILE C 250 7.67 -40.47 20.06
CA ILE C 250 8.07 -41.00 18.76
C ILE C 250 7.43 -40.21 17.62
N PRO C 251 8.23 -39.62 16.75
CA PRO C 251 7.71 -38.63 15.80
C PRO C 251 7.05 -39.30 14.61
N ASP C 252 6.54 -38.46 13.73
CA ASP C 252 5.92 -38.89 12.49
C ASP C 252 7.00 -39.29 11.49
N CYS C 253 6.60 -39.97 10.43
CA CYS C 253 7.57 -40.46 9.43
C CYS C 253 6.97 -40.28 8.05
N TYR C 254 7.54 -39.35 7.27
CA TYR C 254 6.92 -38.80 6.08
C TYR C 254 7.27 -39.56 4.81
N THR C 255 6.62 -39.16 3.72
CA THR C 255 6.91 -39.68 2.39
C THR C 255 6.46 -38.61 1.40
N PHE C 256 7.41 -37.86 0.87
CA PHE C 256 7.05 -36.81 -0.07
C PHE C 256 6.83 -37.38 -1.46
N SER C 257 6.13 -36.63 -2.29
CA SER C 257 5.86 -37.04 -3.67
C SER C 257 6.09 -35.84 -4.58
N VAL C 258 7.22 -35.84 -5.26
CA VAL C 258 7.66 -34.69 -6.05
C VAL C 258 7.13 -34.84 -7.47
N LEU C 259 6.61 -33.74 -8.03
CA LEU C 259 6.25 -33.67 -9.44
C LEU C 259 6.86 -32.42 -10.04
N ILE C 260 7.91 -32.59 -10.83
CA ILE C 260 8.51 -31.50 -11.58
C ILE C 260 7.84 -31.45 -12.93
N THR C 261 7.23 -30.32 -13.27
CA THR C 261 6.35 -30.23 -14.42
C THR C 261 6.92 -29.25 -15.43
N PHE C 262 7.21 -29.74 -16.63
CA PHE C 262 7.60 -28.88 -17.73
C PHE C 262 6.40 -28.68 -18.66
N ASP C 263 5.52 -27.77 -18.27
CA ASP C 263 4.22 -27.65 -18.93
C ASP C 263 4.30 -26.80 -20.18
N ASN C 264 3.76 -27.30 -21.29
CA ASN C 264 3.66 -26.54 -22.53
C ASN C 264 2.25 -26.70 -23.07
N LYS C 265 1.32 -25.91 -22.55
CA LYS C 265 -0.02 -25.99 -23.12
C LYS C 265 -0.23 -24.99 -24.23
N ALA C 266 0.18 -23.74 -24.02
CA ALA C 266 -0.17 -22.67 -24.92
C ALA C 266 0.59 -22.73 -26.24
N HIS C 267 1.65 -23.54 -26.32
CA HIS C 267 2.54 -23.64 -27.49
C HIS C 267 3.07 -22.27 -27.91
N SER C 268 3.41 -21.47 -26.91
CA SER C 268 3.71 -20.08 -27.15
C SER C 268 5.20 -19.78 -27.13
N GLY C 269 6.05 -20.78 -27.19
CA GLY C 269 7.47 -20.52 -27.11
C GLY C 269 7.95 -20.16 -25.72
N ARG C 270 7.27 -20.64 -24.69
CA ARG C 270 7.63 -20.36 -23.32
C ARG C 270 7.13 -21.48 -22.43
N ILE C 271 8.04 -22.23 -21.83
CA ILE C 271 7.65 -23.37 -21.01
C ILE C 271 7.84 -23.05 -19.54
N PRO C 272 6.78 -22.95 -18.75
CA PRO C 272 6.95 -22.82 -17.30
C PRO C 272 7.50 -24.08 -16.66
N ILE C 273 8.09 -23.91 -15.49
CA ILE C 273 8.65 -25.00 -14.71
C ILE C 273 8.07 -24.91 -13.31
N SER C 274 7.64 -26.04 -12.76
CA SER C 274 6.91 -26.05 -11.50
C SER C 274 7.45 -27.14 -10.59
N LEU C 275 6.93 -27.19 -9.37
CA LEU C 275 7.25 -28.28 -8.45
C LEU C 275 6.11 -28.41 -7.44
N GLU C 276 5.79 -29.65 -7.08
CA GLU C 276 4.68 -29.96 -6.19
C GLU C 276 5.10 -31.04 -5.20
N THR C 277 4.49 -31.02 -4.02
CA THR C 277 4.65 -32.10 -3.05
C THR C 277 3.31 -32.44 -2.40
N GLN C 278 3.18 -33.69 -1.96
CA GLN C 278 2.08 -34.10 -1.09
C GLN C 278 2.68 -34.95 0.02
N ALA C 279 2.68 -34.45 1.24
CA ALA C 279 3.22 -35.23 2.34
C ALA C 279 2.23 -36.30 2.79
N HIS C 280 2.35 -37.49 2.22
CA HIS C 280 1.58 -38.63 2.68
C HIS C 280 2.19 -39.18 3.96
N ILE C 281 1.50 -38.99 5.08
CA ILE C 281 2.05 -39.30 6.39
C ILE C 281 1.47 -40.64 6.85
N GLN C 282 2.31 -41.48 7.44
CA GLN C 282 1.86 -42.59 8.26
C GLN C 282 2.95 -42.89 9.28
N GLU C 283 2.61 -43.71 10.26
CA GLU C 283 3.56 -44.05 11.30
C GLU C 283 4.58 -45.03 10.76
N CYS C 284 5.76 -45.00 11.36
CA CYS C 284 6.88 -45.85 10.97
C CYS C 284 7.10 -46.96 11.99
N LYS C 285 7.87 -47.96 11.56
CA LYS C 285 7.96 -49.22 12.29
C LYS C 285 8.77 -49.08 13.58
N HIS C 286 8.23 -49.66 14.67
CA HIS C 286 8.89 -49.66 15.98
C HIS C 286 8.30 -50.75 16.87
N PRO C 287 9.12 -51.44 17.65
CA PRO C 287 8.59 -52.24 18.77
C PRO C 287 8.62 -51.53 20.12
N SER C 288 8.93 -50.24 20.16
CA SER C 288 9.13 -49.52 21.41
C SER C 288 7.80 -49.05 22.00
N VAL C 289 7.85 -48.60 23.26
CA VAL C 289 6.68 -48.32 24.08
C VAL C 289 6.96 -47.01 24.84
N PHE C 290 6.07 -46.65 25.78
CA PHE C 290 6.05 -45.44 26.65
C PHE C 290 5.60 -44.19 25.92
N GLN C 291 4.87 -44.30 24.80
CA GLN C 291 4.52 -43.10 24.06
C GLN C 291 3.30 -42.40 24.66
N HIS C 292 2.28 -43.17 25.04
CA HIS C 292 1.00 -42.58 25.44
C HIS C 292 0.87 -42.38 26.94
N GLY C 293 1.96 -42.04 27.63
CA GLY C 293 1.84 -41.63 29.02
C GLY C 293 1.17 -40.28 29.16
N ASP C 294 1.31 -39.41 28.17
CA ASP C 294 0.62 -38.14 28.10
C ASP C 294 -0.18 -37.95 26.82
N ASN C 295 0.06 -38.78 25.80
CA ASN C 295 -0.57 -38.58 24.49
C ASN C 295 -2.05 -38.98 24.51
N SER C 296 -2.42 -39.97 25.31
CA SER C 296 -3.83 -40.31 25.45
C SER C 296 -4.60 -39.27 26.24
N PHE C 297 -3.92 -38.38 26.97
CA PHE C 297 -4.56 -37.22 27.57
C PHE C 297 -4.91 -36.14 26.57
N ARG C 298 -4.53 -36.29 25.30
CA ARG C 298 -5.17 -35.57 24.22
C ARG C 298 -6.22 -36.41 23.52
N LEU C 299 -5.96 -37.72 23.40
CA LEU C 299 -6.85 -38.63 22.68
C LEU C 299 -8.17 -38.81 23.38
N LEU C 300 -8.23 -38.57 24.68
CA LEU C 300 -9.46 -38.64 25.46
C LEU C 300 -9.82 -37.26 26.01
N PHE C 301 -9.50 -36.21 25.28
CA PHE C 301 -10.07 -34.90 25.56
C PHE C 301 -11.22 -34.56 24.65
N ASP C 302 -11.16 -34.96 23.38
CA ASP C 302 -12.26 -34.73 22.47
C ASP C 302 -13.51 -35.49 22.87
N VAL C 303 -13.39 -36.55 23.67
CA VAL C 303 -14.56 -37.22 24.20
C VAL C 303 -15.33 -36.33 25.16
N VAL C 304 -14.66 -35.37 25.78
CA VAL C 304 -15.36 -34.36 26.56
C VAL C 304 -16.11 -33.42 25.61
N VAL C 305 -15.51 -33.10 24.46
CA VAL C 305 -16.20 -32.33 23.44
C VAL C 305 -17.36 -33.15 22.88
N ILE C 306 -17.16 -34.46 22.77
CA ILE C 306 -18.24 -35.36 22.36
C ILE C 306 -19.35 -35.36 23.41
N LEU C 307 -19.00 -35.28 24.69
CA LEU C 307 -20.03 -35.26 25.73
C LEU C 307 -20.79 -33.95 25.75
N THR C 308 -20.06 -32.84 25.95
CA THR C 308 -20.70 -31.59 26.34
C THR C 308 -21.53 -30.98 25.23
N CYS C 309 -21.05 -31.07 24.00
CA CYS C 309 -21.84 -30.53 22.89
C CYS C 309 -23.06 -31.39 22.62
N SER C 310 -22.95 -32.70 22.85
CA SER C 310 -24.11 -33.57 22.66
C SER C 310 -25.11 -33.41 23.78
N LEU C 311 -24.64 -33.31 25.03
CA LEU C 311 -25.54 -33.09 26.14
C LEU C 311 -26.21 -31.74 26.06
N SER C 312 -25.57 -30.75 25.43
CA SER C 312 -26.22 -29.50 25.12
C SER C 312 -27.07 -29.59 23.87
N PHE C 313 -26.77 -30.49 22.95
CA PHE C 313 -27.68 -30.72 21.83
C PHE C 313 -28.96 -31.39 22.30
N LEU C 314 -28.89 -32.16 23.38
CA LEU C 314 -30.09 -32.73 23.96
C LEU C 314 -30.90 -31.67 24.69
N LEU C 315 -30.22 -30.75 25.37
CA LEU C 315 -30.93 -29.85 26.27
C LEU C 315 -31.61 -28.74 25.49
N CYS C 316 -30.92 -28.15 24.53
CA CYS C 316 -31.45 -26.96 23.88
C CYS C 316 -32.59 -27.31 22.95
N ALA C 317 -32.57 -28.52 22.38
CA ALA C 317 -33.61 -28.92 21.45
C ALA C 317 -34.89 -29.29 22.17
N ARG C 318 -34.80 -29.59 23.47
CA ARG C 318 -36.00 -29.83 24.25
C ARG C 318 -36.82 -28.55 24.38
N SER C 319 -36.14 -27.41 24.41
CA SER C 319 -36.84 -26.14 24.38
C SER C 319 -37.42 -25.87 23.00
N LEU C 320 -36.74 -26.33 21.95
CA LEU C 320 -37.35 -26.29 20.62
C LEU C 320 -38.56 -27.20 20.56
N LEU C 321 -38.47 -28.36 21.22
CA LEU C 321 -39.62 -29.24 21.35
C LEU C 321 -40.70 -28.60 22.19
N ARG C 322 -40.33 -27.73 23.12
CA ARG C 322 -41.32 -27.07 23.95
C ARG C 322 -41.99 -25.93 23.19
N GLY C 323 -41.23 -25.20 22.38
CA GLY C 323 -41.79 -24.03 21.73
C GLY C 323 -42.77 -24.38 20.63
N PHE C 324 -42.48 -25.44 19.87
CA PHE C 324 -43.41 -25.86 18.83
C PHE C 324 -44.65 -26.48 19.41
N LEU C 325 -44.51 -27.18 20.54
CA LEU C 325 -45.64 -27.79 21.24
C LEU C 325 -46.61 -26.74 21.75
N LEU C 326 -46.12 -25.58 22.19
CA LEU C 326 -46.96 -24.50 22.69
C LEU C 326 -47.49 -23.60 21.59
N GLN C 327 -47.35 -24.00 20.33
CA GLN C 327 -47.96 -23.25 19.26
C GLN C 327 -49.39 -23.67 18.99
N ASN C 328 -49.73 -24.93 19.26
CA ASN C 328 -51.05 -25.46 18.95
C ASN C 328 -52.14 -24.79 19.78
N GLU C 329 -51.79 -24.29 20.95
CA GLU C 329 -52.77 -23.69 21.84
C GLU C 329 -53.09 -22.25 21.48
N PHE C 330 -52.14 -21.49 20.96
CA PHE C 330 -52.39 -20.11 20.61
C PHE C 330 -53.15 -19.97 19.29
N VAL C 331 -53.25 -21.05 18.51
CA VAL C 331 -53.90 -20.96 17.21
C VAL C 331 -55.40 -20.75 17.35
N GLY C 332 -56.10 -21.70 17.94
CA GLY C 332 -57.53 -21.56 18.14
C GLY C 332 -57.79 -20.55 19.23
N PHE C 333 -57.41 -20.93 20.46
CA PHE C 333 -57.10 -20.07 21.59
C PHE C 333 -58.30 -19.36 22.23
N MET C 334 -59.37 -19.14 21.48
CA MET C 334 -60.69 -18.88 22.07
C MET C 334 -61.77 -19.39 21.13
N TRP C 335 -61.45 -20.40 20.30
CA TRP C 335 -62.30 -20.90 19.23
C TRP C 335 -62.59 -19.76 18.27
N ARG C 336 -61.65 -19.47 17.36
CA ARG C 336 -61.07 -18.17 17.05
C ARG C 336 -61.89 -16.94 17.37
N GLN C 337 -61.29 -16.05 18.14
CA GLN C 337 -61.80 -14.72 18.44
C GLN C 337 -61.28 -13.72 17.42
N ARG C 338 -59.95 -13.57 17.34
CA ARG C 338 -59.32 -12.72 16.34
C ARG C 338 -59.03 -13.49 15.07
N GLY C 339 -58.49 -14.70 15.18
CA GLY C 339 -58.43 -15.63 14.08
C GLY C 339 -57.43 -15.30 12.99
N ARG C 340 -57.68 -14.21 12.27
CA ARG C 340 -56.86 -13.79 11.14
C ARG C 340 -55.64 -12.98 11.58
N VAL C 341 -55.49 -12.73 12.88
CA VAL C 341 -54.37 -11.93 13.36
C VAL C 341 -53.08 -12.75 13.34
N ILE C 342 -53.18 -14.04 13.65
CA ILE C 342 -52.05 -14.95 13.43
C ILE C 342 -51.78 -15.04 11.94
N SER C 343 -50.56 -14.70 11.53
CA SER C 343 -50.30 -14.47 10.12
C SER C 343 -48.96 -15.01 9.65
N LEU C 344 -48.40 -16.01 10.35
CA LEU C 344 -47.14 -16.70 10.04
C LEU C 344 -45.90 -15.80 10.11
N TRP C 345 -46.07 -14.54 10.49
CA TRP C 345 -44.98 -13.70 10.96
C TRP C 345 -45.14 -13.34 12.42
N GLU C 346 -46.36 -13.27 12.94
CA GLU C 346 -46.55 -13.29 14.37
C GLU C 346 -46.36 -14.67 14.97
N ARG C 347 -46.25 -15.72 14.15
CA ARG C 347 -45.79 -17.00 14.64
C ARG C 347 -44.28 -17.06 14.81
N LEU C 348 -43.55 -16.12 14.19
CA LEU C 348 -42.10 -16.22 14.11
C LEU C 348 -41.41 -15.97 15.43
N GLU C 349 -42.02 -15.22 16.33
CA GLU C 349 -41.35 -14.85 17.58
C GLU C 349 -41.53 -15.90 18.67
N PHE C 350 -41.90 -17.13 18.28
CA PHE C 350 -41.97 -18.24 19.23
C PHE C 350 -40.64 -18.96 19.36
N VAL C 351 -40.13 -19.47 18.25
CA VAL C 351 -38.87 -20.21 18.25
C VAL C 351 -37.73 -19.20 18.37
N ASN C 352 -36.92 -19.35 19.41
CA ASN C 352 -35.88 -18.38 19.68
C ASN C 352 -34.72 -18.58 18.72
N GLY C 353 -34.27 -17.49 18.11
CA GLY C 353 -33.20 -17.56 17.13
C GLY C 353 -31.86 -17.89 17.71
N TRP C 354 -31.67 -17.70 19.01
CA TRP C 354 -30.39 -18.02 19.62
C TRP C 354 -30.23 -19.53 19.77
N TYR C 355 -31.33 -20.26 19.95
CA TYR C 355 -31.21 -21.69 20.18
C TYR C 355 -30.88 -22.44 18.91
N ILE C 356 -31.46 -22.02 17.77
CA ILE C 356 -31.20 -22.70 16.51
C ILE C 356 -29.77 -22.46 16.06
N LEU C 357 -29.15 -21.37 16.50
CA LEU C 357 -27.73 -21.16 16.28
C LEU C 357 -26.90 -22.06 17.17
N LEU C 358 -27.36 -22.31 18.40
CA LEU C 358 -26.65 -23.23 19.27
C LEU C 358 -26.85 -24.68 18.85
N VAL C 359 -27.97 -24.99 18.19
CA VAL C 359 -28.13 -26.31 17.61
C VAL C 359 -27.22 -26.47 16.41
N THR C 360 -27.00 -25.38 15.66
CA THR C 360 -26.26 -25.44 14.41
C THR C 360 -24.79 -25.77 14.64
N SER C 361 -24.18 -25.13 15.61
CA SER C 361 -22.78 -25.39 15.93
C SER C 361 -22.57 -26.81 16.42
N ASP C 362 -23.45 -27.29 17.29
CA ASP C 362 -23.34 -28.63 17.85
C ASP C 362 -23.51 -29.73 16.81
N VAL C 363 -24.27 -29.45 15.74
CA VAL C 363 -24.22 -30.34 14.59
C VAL C 363 -22.83 -30.34 13.99
N LEU C 364 -22.25 -29.16 13.80
CA LEU C 364 -20.95 -29.06 13.15
C LEU C 364 -19.83 -29.50 14.08
N THR C 365 -19.96 -29.23 15.38
CA THR C 365 -18.84 -29.47 16.28
C THR C 365 -18.62 -30.96 16.50
N ILE C 366 -19.69 -31.70 16.78
CA ILE C 366 -19.50 -33.13 16.98
C ILE C 366 -19.32 -33.84 15.65
N SER C 367 -19.71 -33.22 14.53
CA SER C 367 -19.27 -33.72 13.24
C SER C 367 -17.82 -33.36 12.96
N GLY C 368 -17.36 -32.24 13.51
CA GLY C 368 -15.99 -31.83 13.27
C GLY C 368 -15.01 -32.68 14.04
N THR C 369 -15.20 -32.80 15.36
CA THR C 369 -14.23 -33.51 16.19
C THR C 369 -14.24 -35.01 15.94
N ILE C 370 -15.32 -35.57 15.41
CA ILE C 370 -15.31 -36.97 15.03
C ILE C 370 -14.48 -37.18 13.78
N MET C 371 -14.31 -36.13 12.96
CA MET C 371 -13.41 -36.19 11.83
C MET C 371 -11.98 -35.93 12.27
N LYS C 372 -11.82 -35.19 13.37
CA LYS C 372 -10.50 -34.89 13.92
C LYS C 372 -9.86 -36.13 14.55
N ILE C 373 -10.65 -37.15 14.87
CA ILE C 373 -10.12 -38.42 15.34
C ILE C 373 -9.25 -39.09 14.27
N GLY C 374 -9.51 -38.80 12.99
CA GLY C 374 -8.67 -39.27 11.91
C GLY C 374 -7.32 -38.58 11.82
N ILE C 375 -6.52 -38.70 12.88
CA ILE C 375 -5.11 -38.34 12.86
C ILE C 375 -4.21 -39.41 13.45
N GLU C 376 -4.74 -40.40 14.17
CA GLU C 376 -3.90 -41.46 14.72
C GLU C 376 -3.55 -42.49 13.64
N ALA C 377 -4.56 -43.16 13.10
CA ALA C 377 -4.33 -44.28 12.21
C ALA C 377 -5.14 -44.23 10.93
N LYS C 378 -6.06 -43.29 10.79
CA LYS C 378 -6.86 -43.22 9.58
C LYS C 378 -6.03 -42.58 8.47
N ASN C 379 -6.11 -43.16 7.28
CA ASN C 379 -5.30 -42.77 6.14
C ASN C 379 -5.80 -41.51 5.44
N LEU C 380 -6.78 -40.82 5.99
CA LEU C 380 -7.25 -39.60 5.37
C LEU C 380 -6.22 -38.49 5.52
N ALA C 381 -6.06 -37.69 4.48
CA ALA C 381 -5.32 -36.44 4.55
C ALA C 381 -6.27 -35.25 4.46
N SER C 382 -7.52 -35.44 4.85
CA SER C 382 -8.58 -34.46 4.64
C SER C 382 -8.47 -33.32 5.66
N TYR C 383 -7.40 -32.55 5.51
CA TYR C 383 -7.12 -31.43 6.41
C TYR C 383 -7.84 -30.16 6.01
N ASP C 384 -8.88 -30.25 5.19
CA ASP C 384 -9.69 -29.10 4.85
C ASP C 384 -11.11 -29.24 5.38
N VAL C 385 -11.71 -30.40 5.21
CA VAL C 385 -13.06 -30.65 5.68
C VAL C 385 -13.14 -30.66 7.19
N CYS C 386 -12.15 -31.25 7.86
CA CYS C 386 -12.12 -31.25 9.32
C CYS C 386 -11.78 -29.89 9.89
N SER C 387 -11.23 -28.99 9.08
CA SER C 387 -10.81 -27.68 9.56
C SER C 387 -11.87 -26.62 9.41
N ILE C 388 -12.65 -26.67 8.33
CA ILE C 388 -13.69 -25.67 8.13
C ILE C 388 -14.81 -25.86 9.14
N LEU C 389 -15.12 -27.11 9.49
CA LEU C 389 -16.19 -27.39 10.43
C LEU C 389 -15.87 -26.92 11.83
N LEU C 390 -14.61 -27.06 12.24
CA LEU C 390 -14.24 -26.63 13.59
C LEU C 390 -14.16 -25.11 13.69
N GLY C 391 -13.67 -24.46 12.64
CA GLY C 391 -13.53 -23.02 12.69
C GLY C 391 -14.88 -22.32 12.61
N THR C 392 -15.76 -22.80 11.73
CA THR C 392 -17.07 -22.19 11.56
C THR C 392 -17.94 -22.41 12.79
N SER C 393 -17.72 -23.50 13.52
CA SER C 393 -18.36 -23.66 14.82
C SER C 393 -17.89 -22.58 15.78
N THR C 394 -16.58 -22.43 15.92
CA THR C 394 -16.00 -21.50 16.88
C THR C 394 -16.30 -20.06 16.50
N LEU C 395 -16.37 -19.78 15.20
CA LEU C 395 -16.84 -18.48 14.73
C LEU C 395 -18.28 -18.23 15.14
N LEU C 396 -19.07 -19.29 15.26
CA LEU C 396 -20.48 -19.17 15.55
C LEU C 396 -20.82 -19.55 16.99
N VAL C 397 -19.89 -20.19 17.71
CA VAL C 397 -20.07 -20.35 19.14
C VAL C 397 -19.84 -19.02 19.86
N TRP C 398 -18.75 -18.34 19.53
CA TRP C 398 -18.39 -17.08 20.17
C TRP C 398 -19.37 -15.95 19.92
N VAL C 399 -20.11 -15.95 18.82
CA VAL C 399 -21.14 -14.92 18.66
C VAL C 399 -22.34 -15.15 19.56
N GLY C 400 -22.47 -16.35 20.14
CA GLY C 400 -23.55 -16.61 21.06
C GLY C 400 -23.38 -15.93 22.41
N VAL C 401 -22.19 -15.40 22.67
CA VAL C 401 -21.92 -14.67 23.91
C VAL C 401 -22.72 -13.38 23.96
N ILE C 402 -23.08 -12.82 22.80
CA ILE C 402 -23.78 -11.55 22.71
C ILE C 402 -25.15 -11.63 23.36
N ARG C 403 -25.75 -12.84 23.38
CA ARG C 403 -27.00 -13.07 24.09
C ARG C 403 -26.87 -12.73 25.56
N TYR C 404 -25.72 -13.03 26.16
CA TYR C 404 -25.54 -12.77 27.58
C TYR C 404 -25.35 -11.29 27.83
N LEU C 405 -24.91 -10.55 26.81
CA LEU C 405 -24.79 -9.11 26.95
C LEU C 405 -26.15 -8.44 26.84
N THR C 406 -27.09 -9.06 26.14
CA THR C 406 -28.42 -8.46 25.99
C THR C 406 -29.27 -8.59 27.25
N PHE C 407 -28.79 -9.32 28.26
CA PHE C 407 -29.52 -9.38 29.52
C PHE C 407 -29.38 -8.11 30.31
N PHE C 408 -28.38 -7.29 29.99
CA PHE C 408 -28.21 -6.02 30.69
C PHE C 408 -28.94 -4.92 29.95
N HIS C 409 -29.37 -3.90 30.71
CA HIS C 409 -30.25 -2.89 30.15
C HIS C 409 -29.51 -1.89 29.27
N ASN C 410 -28.20 -1.80 29.41
CA ASN C 410 -27.42 -0.85 28.62
C ASN C 410 -27.04 -1.43 27.27
N TYR C 411 -26.53 -2.67 27.25
CA TYR C 411 -26.00 -3.27 26.04
C TYR C 411 -27.08 -3.68 25.05
N ASN C 412 -28.33 -3.80 25.53
CA ASN C 412 -29.45 -4.12 24.66
C ASN C 412 -29.72 -3.02 23.66
N ILE C 413 -29.38 -1.78 23.99
CA ILE C 413 -29.68 -0.66 23.12
C ILE C 413 -28.84 -0.72 21.86
N LEU C 414 -27.56 -1.05 22.00
CA LEU C 414 -26.66 -1.06 20.85
C LEU C 414 -26.94 -2.24 19.94
N ILE C 415 -27.30 -3.39 20.52
CA ILE C 415 -27.53 -4.58 19.73
C ILE C 415 -28.86 -4.49 18.99
N ALA C 416 -29.91 -4.05 19.67
CA ALA C 416 -31.19 -3.87 18.99
C ALA C 416 -31.19 -2.70 18.03
N THR C 417 -30.21 -1.81 18.11
CA THR C 417 -30.01 -0.83 17.06
C THR C 417 -29.57 -1.52 15.77
N LEU C 418 -28.72 -2.54 15.88
CA LEU C 418 -28.39 -3.33 14.70
C LEU C 418 -29.59 -4.12 14.20
N ARG C 419 -30.43 -4.59 15.10
CA ARG C 419 -31.52 -5.46 14.69
C ARG C 419 -32.60 -4.68 13.96
N VAL C 420 -32.85 -3.43 14.35
CA VAL C 420 -33.81 -2.63 13.61
C VAL C 420 -33.23 -2.02 12.36
N ALA C 421 -31.91 -2.12 12.16
CA ALA C 421 -31.27 -1.52 11.00
C ALA C 421 -30.75 -2.54 10.01
N LEU C 422 -30.58 -3.79 10.42
CA LEU C 422 -30.22 -4.89 9.52
C LEU C 422 -31.22 -5.10 8.38
N PRO C 423 -32.55 -4.84 8.52
CA PRO C 423 -33.37 -4.80 7.30
C PRO C 423 -32.98 -3.68 6.33
N SER C 424 -32.85 -2.45 6.83
CA SER C 424 -32.67 -1.31 5.94
C SER C 424 -31.33 -1.33 5.23
N VAL C 425 -30.31 -1.92 5.85
CA VAL C 425 -29.03 -2.06 5.16
C VAL C 425 -29.12 -3.12 4.08
N MET C 426 -29.76 -4.25 4.39
CA MET C 426 -29.84 -5.35 3.45
C MET C 426 -30.80 -5.06 2.31
N ARG C 427 -31.72 -4.11 2.48
CA ARG C 427 -32.45 -3.59 1.34
C ARG C 427 -31.52 -2.83 0.41
N PHE C 428 -30.76 -1.88 0.96
CA PHE C 428 -29.93 -1.00 0.15
C PHE C 428 -28.72 -1.71 -0.40
N CYS C 429 -28.26 -2.78 0.25
CA CYS C 429 -27.15 -3.56 -0.25
C CYS C 429 -27.51 -4.26 -1.56
N CYS C 430 -28.79 -4.53 -1.78
CA CYS C 430 -29.22 -5.01 -3.09
C CYS C 430 -29.26 -3.90 -4.11
N CYS C 431 -29.49 -2.65 -3.68
CA CYS C 431 -29.52 -1.53 -4.61
C CYS C 431 -28.13 -1.18 -5.11
N VAL C 432 -27.10 -1.52 -4.35
CA VAL C 432 -25.74 -1.16 -4.74
C VAL C 432 -25.13 -2.28 -5.56
N ALA C 433 -25.44 -3.53 -5.21
CA ALA C 433 -24.85 -4.68 -5.88
C ALA C 433 -25.28 -4.78 -7.33
N VAL C 434 -26.44 -4.21 -7.67
CA VAL C 434 -26.86 -4.14 -9.06
C VAL C 434 -25.93 -3.22 -9.84
N ILE C 435 -25.62 -2.05 -9.28
CA ILE C 435 -24.69 -1.14 -9.95
C ILE C 435 -23.28 -1.68 -9.88
N TYR C 436 -22.94 -2.39 -8.81
CA TYR C 436 -21.60 -2.93 -8.65
C TYR C 436 -21.32 -4.03 -9.66
N LEU C 437 -22.32 -4.84 -9.99
CA LEU C 437 -22.09 -5.80 -11.07
C LEU C 437 -22.06 -5.13 -12.43
N GLY C 438 -22.56 -3.90 -12.54
CA GLY C 438 -22.47 -3.19 -13.80
C GLY C 438 -21.03 -2.84 -14.15
N TYR C 439 -20.30 -2.27 -13.20
CA TYR C 439 -18.92 -1.92 -13.46
C TYR C 439 -18.01 -3.14 -13.58
N CYS C 440 -18.36 -4.25 -12.95
CA CYS C 440 -17.54 -5.45 -13.08
C CYS C 440 -17.61 -6.05 -14.47
N PHE C 441 -18.75 -5.98 -15.14
CA PHE C 441 -18.80 -6.46 -16.51
C PHE C 441 -18.26 -5.45 -17.50
N CYS C 442 -18.38 -4.16 -17.19
CA CYS C 442 -17.89 -3.16 -18.12
C CYS C 442 -16.38 -3.06 -18.09
N GLY C 443 -15.79 -3.13 -16.89
CA GLY C 443 -14.35 -3.01 -16.78
C GLY C 443 -13.60 -4.25 -17.20
N TRP C 444 -14.28 -5.40 -17.28
CA TRP C 444 -13.61 -6.64 -17.62
C TRP C 444 -13.36 -6.76 -19.12
N ILE C 445 -14.12 -6.06 -19.95
CA ILE C 445 -13.95 -6.13 -21.39
C ILE C 445 -13.05 -5.02 -21.90
N VAL C 446 -13.28 -3.80 -21.41
CA VAL C 446 -12.51 -2.66 -21.91
C VAL C 446 -11.07 -2.74 -21.43
N LEU C 447 -10.88 -2.87 -20.13
CA LEU C 447 -9.56 -2.85 -19.53
C LEU C 447 -8.96 -4.24 -19.40
N GLY C 448 -9.66 -5.25 -19.91
CA GLY C 448 -9.22 -6.61 -19.88
C GLY C 448 -7.94 -6.97 -20.63
N PRO C 449 -7.87 -6.66 -21.94
CA PRO C 449 -6.68 -7.06 -22.68
C PRO C 449 -5.42 -6.34 -22.29
N TYR C 450 -5.51 -5.10 -21.84
CA TYR C 450 -4.31 -4.29 -21.72
C TYR C 450 -3.64 -4.40 -20.37
N HIS C 451 -4.26 -5.02 -19.37
CA HIS C 451 -3.71 -4.95 -18.03
C HIS C 451 -3.70 -6.33 -17.40
N VAL C 452 -3.36 -6.37 -16.12
CA VAL C 452 -3.12 -7.61 -15.41
C VAL C 452 -4.14 -7.82 -14.29
N LYS C 453 -4.45 -6.77 -13.54
CA LYS C 453 -5.40 -6.89 -12.45
C LYS C 453 -6.81 -7.14 -12.95
N PHE C 454 -7.13 -6.72 -14.17
CA PHE C 454 -8.49 -6.76 -14.68
C PHE C 454 -8.72 -7.92 -15.63
N ARG C 455 -8.18 -9.10 -15.35
CA ARG C 455 -8.20 -10.17 -16.33
C ARG C 455 -9.40 -11.11 -16.19
N SER C 456 -9.70 -11.58 -14.98
CA SER C 456 -10.88 -12.40 -14.77
C SER C 456 -11.85 -11.68 -13.84
N LEU C 457 -13.08 -12.19 -13.76
CA LEU C 457 -14.09 -11.54 -12.94
C LEU C 457 -13.77 -11.66 -11.45
N SER C 458 -13.16 -12.77 -11.05
CA SER C 458 -12.77 -12.95 -9.67
C SER C 458 -11.66 -12.02 -9.24
N MET C 459 -10.93 -11.41 -10.16
CA MET C 459 -10.00 -10.35 -9.80
C MET C 459 -10.65 -8.98 -9.87
N VAL C 460 -11.54 -8.76 -10.82
CA VAL C 460 -12.19 -7.46 -10.96
C VAL C 460 -13.11 -7.21 -9.78
N SER C 461 -13.79 -8.23 -9.29
CA SER C 461 -14.58 -8.10 -8.09
C SER C 461 -13.73 -7.95 -6.84
N GLU C 462 -12.43 -8.20 -6.92
CA GLU C 462 -11.51 -7.89 -5.84
C GLU C 462 -10.81 -6.56 -6.06
N CYS C 463 -10.41 -6.25 -7.30
CA CYS C 463 -9.69 -5.02 -7.54
C CYS C 463 -10.60 -3.81 -7.46
N LEU C 464 -11.90 -3.99 -7.68
CA LEU C 464 -12.81 -2.87 -7.47
C LEU C 464 -13.24 -2.78 -6.02
N PHE C 465 -13.46 -3.90 -5.37
CA PHE C 465 -13.97 -3.84 -4.00
C PHE C 465 -12.90 -3.41 -3.02
N SER C 466 -11.64 -3.75 -3.29
CA SER C 466 -10.56 -3.23 -2.48
C SER C 466 -10.25 -1.79 -2.78
N LEU C 467 -10.84 -1.25 -3.84
CA LEU C 467 -10.55 0.11 -4.26
C LEU C 467 -11.47 1.12 -3.62
N ILE C 468 -12.73 0.78 -3.36
CA ILE C 468 -13.63 1.73 -2.71
C ILE C 468 -13.32 1.91 -1.24
N ASN C 469 -12.60 0.98 -0.63
CA ASN C 469 -12.16 1.19 0.74
C ASN C 469 -10.89 2.02 0.79
N GLY C 470 -10.24 2.22 -0.35
CA GLY C 470 -9.04 3.03 -0.40
C GLY C 470 -7.76 2.25 -0.26
N ASP C 471 -7.56 1.25 -1.11
CA ASP C 471 -6.34 0.45 -1.05
C ASP C 471 -6.00 -0.02 -2.45
N ASP C 472 -4.71 0.07 -2.78
CA ASP C 472 -4.19 -0.14 -4.13
C ASP C 472 -4.97 0.68 -5.15
N MET C 473 -4.95 1.98 -4.94
CA MET C 473 -5.62 2.91 -5.83
C MET C 473 -4.65 3.61 -6.77
N PHE C 474 -3.54 4.13 -6.26
CA PHE C 474 -2.58 4.78 -7.14
C PHE C 474 -1.86 3.79 -8.02
N VAL C 475 -1.71 2.54 -7.57
CA VAL C 475 -1.00 1.56 -8.38
C VAL C 475 -1.80 1.19 -9.62
N THR C 476 -3.13 1.21 -9.52
CA THR C 476 -3.94 0.94 -10.69
C THR C 476 -4.05 2.14 -11.61
N PHE C 477 -3.97 3.36 -11.07
CA PHE C 477 -3.85 4.52 -11.94
C PHE C 477 -2.51 4.58 -12.63
N ALA C 478 -1.45 4.14 -11.97
CA ALA C 478 -0.13 4.16 -12.59
C ALA C 478 0.02 3.11 -13.66
N ALA C 479 -0.71 2.00 -13.57
CA ALA C 479 -0.61 0.96 -14.58
C ALA C 479 -1.35 1.33 -15.85
N MET C 480 -2.27 2.28 -15.79
CA MET C 480 -2.97 2.69 -17.00
C MET C 480 -2.08 3.55 -17.89
N GLN C 481 -1.11 4.25 -17.31
CA GLN C 481 -0.34 5.23 -18.04
C GLN C 481 0.86 4.63 -18.76
N ALA C 482 0.87 3.33 -18.99
CA ALA C 482 1.68 2.75 -20.05
C ALA C 482 0.92 2.71 -21.36
N GLN C 483 -0.26 3.31 -21.40
CA GLN C 483 -1.13 3.29 -22.56
C GLN C 483 -1.53 4.69 -23.00
N GLN C 484 -0.77 5.70 -22.62
CA GLN C 484 -1.13 7.05 -23.04
C GLN C 484 -0.72 7.30 -24.49
N GLY C 485 0.22 6.51 -25.01
CA GLY C 485 0.52 6.50 -26.42
C GLY C 485 -0.14 5.33 -27.14
N ARG C 486 -0.03 4.15 -26.54
CA ARG C 486 -0.67 2.95 -27.09
C ARG C 486 -2.17 3.03 -26.87
N SER C 487 -2.92 3.29 -27.94
CA SER C 487 -4.38 3.26 -27.97
C SER C 487 -4.98 4.26 -26.98
N SER C 488 -4.76 5.53 -27.28
CA SER C 488 -5.19 6.66 -26.47
C SER C 488 -6.68 6.79 -26.31
N LEU C 489 -7.57 5.98 -26.88
CA LEU C 489 -8.97 6.02 -26.48
C LEU C 489 -9.18 5.24 -25.19
N VAL C 490 -8.52 4.10 -25.06
CA VAL C 490 -8.71 3.24 -23.90
C VAL C 490 -8.16 3.91 -22.65
N TRP C 491 -7.14 4.76 -22.80
CA TRP C 491 -6.66 5.55 -21.68
C TRP C 491 -7.72 6.52 -21.21
N LEU C 492 -8.32 7.26 -22.15
CA LEU C 492 -9.32 8.26 -21.78
C LEU C 492 -10.59 7.63 -21.25
N PHE C 493 -10.88 6.38 -21.65
CA PHE C 493 -11.97 5.68 -20.99
C PHE C 493 -11.60 5.29 -19.57
N SER C 494 -10.34 4.91 -19.36
CA SER C 494 -9.92 4.42 -18.06
C SER C 494 -9.87 5.52 -17.02
N GLN C 495 -9.59 6.76 -17.44
CA GLN C 495 -9.68 7.87 -16.51
C GLN C 495 -11.13 8.15 -16.15
N LEU C 496 -12.04 7.99 -17.10
CA LEU C 496 -13.46 8.23 -16.85
C LEU C 496 -14.13 7.05 -16.19
N TYR C 497 -13.61 5.85 -16.39
CA TYR C 497 -14.14 4.68 -15.69
C TYR C 497 -13.80 4.74 -14.21
N LEU C 498 -12.53 4.98 -13.89
CA LEU C 498 -12.10 4.88 -12.50
C LEU C 498 -12.58 6.05 -11.66
N TYR C 499 -12.46 7.28 -12.17
CA TYR C 499 -12.87 8.46 -11.41
C TYR C 499 -14.36 8.48 -11.11
N SER C 500 -15.19 8.00 -12.02
CA SER C 500 -16.62 8.03 -11.81
C SER C 500 -17.10 6.92 -10.92
N PHE C 501 -16.23 5.97 -10.58
CA PHE C 501 -16.57 4.85 -9.72
C PHE C 501 -16.10 5.05 -8.29
N ILE C 502 -14.85 5.44 -8.10
CA ILE C 502 -14.34 5.66 -6.76
C ILE C 502 -14.96 6.89 -6.13
N SER C 503 -15.34 7.88 -6.93
CA SER C 503 -16.04 9.05 -6.43
C SER C 503 -17.54 8.86 -6.41
N LEU C 504 -18.02 7.65 -6.68
CA LEU C 504 -19.42 7.34 -6.49
C LEU C 504 -19.70 6.60 -5.21
N PHE C 505 -18.93 5.56 -4.91
CA PHE C 505 -19.21 4.75 -3.75
C PHE C 505 -18.74 5.36 -2.44
N ILE C 506 -17.75 6.24 -2.44
CA ILE C 506 -17.39 6.88 -1.19
C ILE C 506 -18.32 8.04 -0.87
N TYR C 507 -18.73 8.80 -1.87
CA TYR C 507 -19.34 10.10 -1.59
C TYR C 507 -20.86 10.08 -1.62
N MET C 508 -21.48 9.06 -2.19
CA MET C 508 -22.93 8.96 -2.17
C MET C 508 -23.46 7.61 -1.77
N VAL C 509 -22.62 6.59 -1.60
CA VAL C 509 -23.07 5.27 -1.20
C VAL C 509 -22.61 4.92 0.20
N LEU C 510 -21.35 5.23 0.52
CA LEU C 510 -20.88 5.08 1.89
C LEU C 510 -21.63 6.00 2.85
N SER C 511 -22.08 7.14 2.36
CA SER C 511 -22.81 8.07 3.22
C SER C 511 -24.19 7.57 3.62
N LEU C 512 -24.80 6.67 2.83
CA LEU C 512 -26.07 6.10 3.25
C LEU C 512 -25.90 5.20 4.44
N PHE C 513 -24.86 4.34 4.41
CA PHE C 513 -24.59 3.42 5.50
C PHE C 513 -24.26 4.12 6.80
N ILE C 514 -23.77 5.35 6.75
CA ILE C 514 -23.65 6.17 7.94
C ILE C 514 -24.99 6.83 8.29
N ALA C 515 -25.80 7.17 7.30
CA ALA C 515 -27.06 7.84 7.55
C ALA C 515 -28.15 6.91 8.04
N LEU C 516 -28.16 5.66 7.58
CA LEU C 516 -29.22 4.75 8.01
C LEU C 516 -29.04 4.34 9.46
N ILE C 517 -27.79 4.18 9.91
CA ILE C 517 -27.56 3.78 11.29
C ILE C 517 -27.85 4.94 12.23
N THR C 518 -27.47 6.15 11.83
CA THR C 518 -27.85 7.33 12.59
C THR C 518 -29.36 7.52 12.59
N GLY C 519 -29.99 7.29 11.44
CA GLY C 519 -31.44 7.35 11.35
C GLY C 519 -32.15 6.26 12.13
N ALA C 520 -31.47 5.16 12.41
CA ALA C 520 -32.06 4.12 13.23
C ALA C 520 -31.74 4.29 14.71
N TYR C 521 -30.65 4.98 15.04
CA TYR C 521 -30.31 5.16 16.44
C TYR C 521 -31.21 6.18 17.11
N ASP C 522 -31.78 7.09 16.33
CA ASP C 522 -32.76 8.00 16.89
C ASP C 522 -34.07 7.32 17.20
N THR C 523 -34.43 6.28 16.45
CA THR C 523 -35.71 5.63 16.67
C THR C 523 -35.70 4.78 17.93
N ILE C 524 -34.57 4.17 18.25
CA ILE C 524 -34.55 3.21 19.34
C ILE C 524 -34.54 3.91 20.68
N LYS C 525 -34.01 5.13 20.74
CA LYS C 525 -33.93 5.80 22.03
C LYS C 525 -34.98 6.88 22.18
N HIS C 526 -35.82 7.10 21.17
CA HIS C 526 -36.96 8.00 21.32
C HIS C 526 -38.18 7.45 20.60
N GLU D 38 -59.31 21.07 -15.31
CA GLU D 38 -58.91 19.68 -15.32
C GLU D 38 -60.12 18.75 -15.31
N GLU D 39 -61.12 19.02 -16.15
CA GLU D 39 -62.35 18.21 -16.06
C GLU D 39 -62.23 16.89 -16.83
N ASP D 40 -62.09 16.96 -18.14
CA ASP D 40 -62.23 15.76 -18.97
C ASP D 40 -60.92 15.06 -19.25
N LEU D 41 -59.79 15.65 -18.87
CA LEU D 41 -58.49 15.03 -19.09
C LEU D 41 -58.00 14.29 -17.85
N ARG D 42 -58.92 13.90 -16.97
CA ARG D 42 -58.50 13.21 -15.76
C ARG D 42 -58.10 11.77 -16.04
N ARG D 43 -58.84 11.07 -16.88
CA ARG D 43 -58.58 9.64 -17.04
C ARG D 43 -57.35 9.39 -17.90
N ARG D 44 -57.20 10.12 -18.99
CA ARG D 44 -56.07 9.90 -19.88
C ARG D 44 -54.76 10.41 -19.29
N LEU D 45 -54.78 11.51 -18.55
CA LEU D 45 -53.54 12.02 -17.96
C LEU D 45 -53.15 11.31 -16.68
N LYS D 46 -54.01 10.45 -16.14
CA LYS D 46 -53.59 9.61 -15.02
C LYS D 46 -53.23 8.19 -15.44
N TYR D 47 -53.65 7.74 -16.62
CA TYR D 47 -53.12 6.50 -17.18
C TYR D 47 -51.64 6.62 -17.45
N PHE D 48 -51.19 7.81 -17.86
CA PHE D 48 -49.78 7.99 -18.11
C PHE D 48 -48.97 7.99 -16.82
N PHE D 49 -49.59 8.32 -15.69
CA PHE D 49 -48.95 8.16 -14.39
C PHE D 49 -49.49 6.91 -13.71
N MET D 50 -49.00 5.77 -14.18
CA MET D 50 -49.35 4.48 -13.60
C MET D 50 -48.11 3.65 -13.39
N SER D 51 -48.35 2.46 -12.83
CA SER D 51 -47.32 1.47 -12.55
C SER D 51 -47.83 0.11 -12.99
N PRO D 52 -46.95 -0.74 -13.52
CA PRO D 52 -47.37 -2.08 -13.98
C PRO D 52 -47.78 -3.01 -12.86
N CYS D 53 -47.55 -2.65 -11.60
CA CYS D 53 -48.22 -3.35 -10.50
C CYS D 53 -49.71 -3.02 -10.49
N ASP D 54 -50.09 -1.87 -11.02
CA ASP D 54 -51.49 -1.46 -11.04
C ASP D 54 -52.04 -1.36 -12.46
N LYS D 55 -51.19 -1.45 -13.48
CA LYS D 55 -51.69 -1.55 -14.84
C LYS D 55 -52.43 -2.85 -15.07
N PHE D 56 -52.04 -3.90 -14.35
CA PHE D 56 -52.73 -5.19 -14.41
C PHE D 56 -54.18 -5.06 -13.98
N ARG D 57 -54.45 -4.23 -12.98
CA ARG D 57 -55.81 -3.97 -12.54
C ARG D 57 -56.33 -2.65 -13.06
N ALA D 58 -55.61 -2.00 -13.98
CA ALA D 58 -56.14 -0.74 -14.52
C ALA D 58 -57.17 -1.04 -15.61
N LYS D 59 -56.72 -1.64 -16.72
CA LYS D 59 -57.61 -1.95 -17.82
C LYS D 59 -57.38 -3.35 -18.36
N GLY D 60 -56.59 -4.18 -17.66
CA GLY D 60 -56.31 -5.51 -18.15
C GLY D 60 -55.39 -5.50 -19.34
N ARG D 61 -54.11 -5.15 -19.14
CA ARG D 61 -53.22 -4.94 -20.26
C ARG D 61 -52.30 -6.11 -20.57
N LYS D 62 -52.08 -7.01 -19.59
CA LYS D 62 -51.17 -8.17 -19.66
C LYS D 62 -49.77 -7.71 -20.05
N PRO D 63 -49.03 -7.10 -19.11
CA PRO D 63 -47.86 -6.29 -19.48
C PRO D 63 -46.65 -7.07 -19.94
N CYS D 64 -46.70 -7.59 -21.17
CA CYS D 64 -45.48 -8.08 -21.80
C CYS D 64 -44.68 -6.95 -22.43
N LYS D 65 -45.20 -5.71 -22.45
CA LYS D 65 -44.44 -4.58 -22.95
C LYS D 65 -43.33 -4.16 -21.99
N LEU D 66 -43.31 -4.72 -20.78
CA LEU D 66 -42.20 -4.57 -19.85
C LEU D 66 -41.34 -5.82 -19.76
N MET D 67 -41.91 -7.00 -19.99
CA MET D 67 -41.17 -8.24 -19.82
C MET D 67 -40.10 -8.43 -20.89
N LEU D 68 -40.27 -7.82 -22.07
CA LEU D 68 -39.27 -7.91 -23.11
C LEU D 68 -37.99 -7.20 -22.70
N GLN D 69 -38.10 -6.15 -21.91
CA GLN D 69 -36.94 -5.45 -21.36
C GLN D 69 -36.13 -6.32 -20.42
N VAL D 70 -36.76 -7.31 -19.78
CA VAL D 70 -36.04 -8.22 -18.92
C VAL D 70 -35.25 -9.22 -19.74
N VAL D 71 -35.65 -9.48 -20.98
CA VAL D 71 -34.94 -10.42 -21.84
C VAL D 71 -33.55 -9.90 -22.18
N LYS D 72 -33.41 -8.57 -22.30
CA LYS D 72 -32.12 -7.94 -22.52
C LYS D 72 -31.12 -8.24 -21.41
N ILE D 73 -31.58 -8.36 -20.17
CA ILE D 73 -30.71 -8.64 -19.04
C ILE D 73 -30.02 -9.98 -19.23
N LEU D 74 -30.74 -10.96 -19.77
CA LEU D 74 -30.10 -12.23 -20.07
C LEU D 74 -29.30 -12.20 -21.35
N VAL D 75 -29.86 -11.65 -22.42
CA VAL D 75 -29.30 -11.90 -23.74
C VAL D 75 -28.05 -11.06 -23.96
N VAL D 76 -28.07 -9.80 -23.52
CA VAL D 76 -26.91 -8.93 -23.73
C VAL D 76 -25.72 -9.36 -22.88
N THR D 77 -25.99 -9.78 -21.64
CA THR D 77 -24.92 -10.25 -20.77
C THR D 77 -24.30 -11.54 -21.30
N VAL D 78 -25.13 -12.46 -21.80
CA VAL D 78 -24.59 -13.68 -22.40
C VAL D 78 -23.90 -13.36 -23.71
N GLN D 79 -24.40 -12.38 -24.46
CA GLN D 79 -23.65 -11.85 -25.59
C GLN D 79 -22.32 -11.26 -25.16
N LEU D 80 -22.29 -10.66 -23.98
CA LEU D 80 -21.06 -10.09 -23.46
C LEU D 80 -20.08 -11.13 -22.93
N ILE D 81 -20.55 -12.10 -22.14
CA ILE D 81 -19.64 -13.01 -21.47
C ILE D 81 -18.98 -13.96 -22.45
N LEU D 82 -19.75 -14.48 -23.40
CA LEU D 82 -19.12 -15.34 -24.40
C LEU D 82 -18.43 -14.55 -25.50
N PHE D 83 -18.43 -13.23 -25.43
CA PHE D 83 -17.49 -12.44 -26.21
C PHE D 83 -16.17 -12.27 -25.49
N GLY D 84 -16.21 -12.12 -24.17
CA GLY D 84 -15.01 -11.89 -23.39
C GLY D 84 -14.12 -13.09 -23.30
N LEU D 85 -14.70 -14.28 -23.13
CA LEU D 85 -13.89 -15.48 -22.97
C LEU D 85 -13.17 -15.89 -24.25
N SER D 86 -13.78 -15.68 -25.40
CA SER D 86 -13.08 -15.91 -26.65
C SER D 86 -12.03 -14.86 -26.93
N ASN D 87 -12.17 -13.67 -26.35
CA ASN D 87 -11.21 -12.60 -26.52
C ASN D 87 -10.07 -12.68 -25.53
N GLN D 88 -10.34 -13.10 -24.29
CA GLN D 88 -9.31 -13.22 -23.27
C GLN D 88 -8.26 -14.26 -23.65
N LEU D 89 -8.71 -15.39 -24.18
CA LEU D 89 -7.81 -16.49 -24.48
C LEU D 89 -6.88 -16.16 -25.64
N ALA D 90 -7.27 -15.24 -26.51
CA ALA D 90 -6.39 -14.77 -27.56
C ALA D 90 -5.41 -13.72 -27.09
N VAL D 91 -5.71 -13.02 -26.00
CA VAL D 91 -4.79 -12.01 -25.51
C VAL D 91 -3.60 -12.66 -24.81
N THR D 92 -3.87 -13.73 -24.04
CA THR D 92 -2.78 -14.41 -23.35
C THR D 92 -1.86 -15.12 -24.33
N PHE D 93 -2.34 -15.47 -25.51
CA PHE D 93 -1.42 -15.92 -26.54
C PHE D 93 -0.65 -14.76 -27.13
N ARG D 94 -1.24 -13.56 -27.18
CA ARG D 94 -0.51 -12.42 -27.71
C ARG D 94 0.55 -11.94 -26.75
N GLU D 95 0.21 -11.82 -25.47
CA GLU D 95 1.12 -11.22 -24.51
C GLU D 95 2.09 -12.22 -23.91
N GLU D 96 2.17 -13.43 -24.45
CA GLU D 96 3.15 -14.39 -23.96
C GLU D 96 4.14 -14.79 -25.05
N ASN D 97 3.82 -14.57 -26.31
CA ASN D 97 4.85 -14.67 -27.33
C ASN D 97 5.79 -13.49 -27.33
N THR D 98 5.37 -12.34 -26.84
CA THR D 98 6.28 -11.20 -26.72
C THR D 98 7.27 -11.43 -25.61
N ILE D 99 6.79 -11.95 -24.47
CA ILE D 99 7.65 -12.34 -23.36
C ILE D 99 8.62 -13.42 -23.79
N ALA D 100 8.20 -14.28 -24.71
CA ALA D 100 9.15 -15.18 -25.33
C ALA D 100 10.14 -14.44 -26.20
N PHE D 101 9.70 -13.41 -26.91
CA PHE D 101 10.60 -12.74 -27.84
C PHE D 101 11.64 -11.89 -27.15
N ARG D 102 11.32 -11.33 -25.98
CA ARG D 102 12.29 -10.51 -25.29
C ARG D 102 13.41 -11.33 -24.70
N HIS D 103 13.13 -12.59 -24.34
CA HIS D 103 14.16 -13.49 -23.89
C HIS D 103 14.94 -14.13 -25.01
N LEU D 104 14.66 -13.78 -26.25
CA LEU D 104 15.42 -14.28 -27.38
C LEU D 104 16.11 -13.19 -28.17
N PHE D 105 15.65 -11.96 -28.09
CA PHE D 105 16.09 -10.91 -29.00
C PHE D 105 16.72 -9.74 -28.30
N LEU D 106 16.81 -9.74 -26.98
CA LEU D 106 17.38 -8.63 -26.24
C LEU D 106 18.51 -9.15 -25.37
N LEU D 107 19.70 -8.56 -25.54
CA LEU D 107 20.90 -9.10 -24.93
C LEU D 107 20.92 -8.76 -23.46
N GLY D 108 20.76 -9.76 -22.61
CA GLY D 108 20.85 -9.54 -21.18
C GLY D 108 19.58 -9.07 -20.53
N TYR D 109 18.42 -9.48 -21.01
CA TYR D 109 17.16 -9.03 -20.47
C TYR D 109 16.68 -10.02 -19.43
N SER D 110 16.75 -9.63 -18.17
CA SER D 110 16.03 -10.40 -17.17
C SER D 110 14.59 -9.92 -17.10
N ASP D 111 13.81 -10.55 -16.22
CA ASP D 111 12.41 -10.20 -16.13
C ASP D 111 12.24 -8.87 -15.39
N GLY D 112 11.04 -8.32 -15.52
CA GLY D 112 10.65 -7.14 -14.77
C GLY D 112 11.11 -5.81 -15.32
N ALA D 113 12.39 -5.71 -15.67
CA ALA D 113 12.98 -4.44 -16.09
C ALA D 113 12.58 -4.13 -17.54
N ASP D 114 11.32 -3.78 -17.73
CA ASP D 114 10.87 -3.40 -19.06
C ASP D 114 11.39 -2.02 -19.43
N ASP D 115 10.99 -1.01 -18.67
CA ASP D 115 11.24 0.37 -19.05
C ASP D 115 12.60 0.88 -18.62
N THR D 116 13.36 0.10 -17.84
CA THR D 116 14.67 0.53 -17.37
C THR D 116 15.78 -0.30 -18.01
N PHE D 117 15.56 -0.74 -19.24
CA PHE D 117 16.54 -1.52 -19.96
C PHE D 117 17.15 -0.63 -21.03
N ALA D 118 18.45 -0.38 -20.93
CA ALA D 118 19.09 0.59 -21.80
C ALA D 118 20.50 0.15 -22.12
N ALA D 119 21.15 0.91 -22.99
CA ALA D 119 22.52 0.63 -23.42
C ALA D 119 23.32 1.91 -23.30
N TYR D 120 24.44 1.87 -22.58
CA TYR D 120 25.11 3.09 -22.16
C TYR D 120 26.42 3.34 -22.88
N THR D 121 27.21 2.30 -23.14
CA THR D 121 28.47 2.49 -23.85
C THR D 121 28.21 2.45 -25.34
N ARG D 122 29.27 2.48 -26.13
CA ARG D 122 29.13 2.36 -27.57
C ARG D 122 29.19 0.92 -28.03
N GLU D 123 29.85 0.07 -27.27
CA GLU D 123 29.91 -1.35 -27.58
C GLU D 123 28.80 -2.15 -26.95
N GLN D 124 28.08 -1.58 -25.97
CA GLN D 124 26.81 -2.18 -25.60
C GLN D 124 25.78 -2.06 -26.71
N LEU D 125 25.88 -1.02 -27.52
CA LEU D 125 24.95 -0.86 -28.62
C LEU D 125 25.28 -1.77 -29.78
N TYR D 126 26.56 -2.04 -30.04
CA TYR D 126 26.90 -2.99 -31.08
C TYR D 126 26.53 -4.41 -30.70
N GLN D 127 26.80 -4.84 -29.46
CA GLN D 127 26.46 -6.19 -29.09
C GLN D 127 24.97 -6.40 -28.97
N ALA D 128 24.20 -5.33 -28.76
CA ALA D 128 22.76 -5.49 -28.71
C ALA D 128 22.19 -5.68 -30.10
N ILE D 129 22.75 -5.03 -31.11
CA ILE D 129 22.22 -5.14 -32.46
C ILE D 129 22.56 -6.49 -33.06
N PHE D 130 23.80 -6.94 -32.85
CA PHE D 130 24.27 -8.14 -33.53
C PHE D 130 23.60 -9.38 -32.94
N HIS D 131 23.40 -9.39 -31.63
CA HIS D 131 22.70 -10.48 -30.98
C HIS D 131 21.25 -10.56 -31.39
N ALA D 132 20.65 -9.45 -31.79
CA ALA D 132 19.28 -9.48 -32.27
C ALA D 132 19.17 -10.04 -33.67
N VAL D 133 20.19 -9.88 -34.51
CA VAL D 133 20.17 -10.43 -35.85
C VAL D 133 20.54 -11.91 -35.86
N ASP D 134 21.52 -12.27 -35.03
CA ASP D 134 22.04 -13.64 -35.03
C ASP D 134 21.00 -14.65 -34.58
N GLN D 135 20.20 -14.29 -33.58
CA GLN D 135 19.13 -15.18 -33.14
C GLN D 135 18.05 -15.30 -34.20
N TYR D 136 17.85 -14.26 -35.00
CA TYR D 136 16.91 -14.35 -36.10
C TYR D 136 17.42 -15.29 -37.18
N LEU D 137 18.72 -15.29 -37.42
CA LEU D 137 19.26 -16.18 -38.43
C LEU D 137 19.33 -17.62 -37.96
N ALA D 138 19.17 -17.86 -36.67
CA ALA D 138 19.31 -19.18 -36.11
C ALA D 138 18.05 -19.61 -35.36
N LEU D 139 16.89 -19.14 -35.80
CA LEU D 139 15.67 -19.35 -35.01
C LEU D 139 15.20 -20.80 -34.92
N PRO D 140 15.12 -21.60 -35.99
CA PRO D 140 14.61 -22.97 -35.79
C PRO D 140 15.57 -23.89 -35.10
N ASP D 141 16.81 -23.49 -34.87
CA ASP D 141 17.73 -24.38 -34.18
C ASP D 141 17.71 -24.17 -32.67
N VAL D 142 17.49 -22.95 -32.21
CA VAL D 142 17.64 -22.66 -30.79
C VAL D 142 16.30 -22.43 -30.08
N SER D 143 15.26 -22.04 -30.79
CA SER D 143 14.00 -21.69 -30.14
C SER D 143 12.99 -22.80 -30.32
N LEU D 144 12.23 -23.06 -29.27
CA LEU D 144 11.06 -23.90 -29.44
C LEU D 144 9.88 -23.01 -29.77
N GLY D 145 8.79 -23.63 -30.23
CA GLY D 145 7.59 -22.93 -30.60
C GLY D 145 7.29 -22.96 -32.08
N ARG D 146 8.31 -23.16 -32.92
CA ARG D 146 8.17 -23.40 -34.37
C ARG D 146 7.50 -22.21 -35.08
N TYR D 147 8.23 -21.12 -35.11
CA TYR D 147 7.87 -20.00 -35.96
C TYR D 147 8.38 -20.24 -37.37
N ALA D 148 7.99 -19.37 -38.29
CA ALA D 148 8.51 -19.42 -39.65
C ALA D 148 8.52 -18.01 -40.23
N TYR D 149 9.42 -17.82 -41.20
CA TYR D 149 9.71 -16.49 -41.70
C TYR D 149 8.58 -15.99 -42.60
N VAL D 150 8.65 -14.72 -42.96
CA VAL D 150 7.57 -14.12 -43.74
C VAL D 150 7.80 -14.23 -45.23
N ARG D 151 9.04 -14.03 -45.70
CA ARG D 151 9.37 -13.81 -47.10
C ARG D 151 8.46 -12.72 -47.69
N GLY D 152 8.59 -11.53 -47.12
CA GLY D 152 7.58 -10.50 -47.25
C GLY D 152 7.64 -9.73 -48.56
N GLY D 153 6.72 -8.78 -48.67
CA GLY D 153 6.63 -7.92 -49.85
C GLY D 153 6.17 -6.51 -49.52
N GLY D 154 6.30 -6.11 -48.27
CA GLY D 154 5.82 -4.82 -47.81
C GLY D 154 6.78 -3.68 -48.13
N ASP D 155 6.53 -2.54 -47.48
CA ASP D 155 7.24 -1.31 -47.80
C ASP D 155 8.63 -1.21 -47.18
N PRO D 156 8.87 -1.49 -45.85
CA PRO D 156 10.26 -1.45 -45.39
C PRO D 156 10.97 -2.78 -45.59
N TRP D 157 10.75 -3.42 -46.74
CA TRP D 157 11.45 -4.65 -47.10
C TRP D 157 11.51 -4.71 -48.61
N THR D 158 12.70 -4.94 -49.17
CA THR D 158 12.77 -5.30 -50.57
C THR D 158 12.39 -6.76 -50.75
N ASN D 159 12.30 -7.19 -52.00
CA ASN D 159 11.70 -8.48 -52.30
C ASN D 159 12.65 -9.59 -51.94
N GLY D 160 12.15 -10.56 -51.18
CA GLY D 160 12.98 -11.62 -50.64
C GLY D 160 13.38 -11.35 -49.20
N SER D 161 13.58 -10.08 -48.89
CA SER D 161 14.08 -9.66 -47.59
C SER D 161 13.00 -9.80 -46.52
N GLY D 162 13.43 -10.23 -45.33
CA GLY D 162 12.54 -10.31 -44.19
C GLY D 162 12.94 -9.45 -43.02
N LEU D 163 14.23 -9.26 -42.84
CA LEU D 163 14.75 -8.47 -41.74
C LEU D 163 15.46 -7.25 -42.30
N ALA D 164 15.27 -6.10 -41.66
CA ALA D 164 15.89 -4.87 -42.15
C ALA D 164 16.24 -3.98 -40.96
N LEU D 165 17.51 -3.76 -40.73
CA LEU D 165 17.93 -2.82 -39.72
C LEU D 165 18.28 -1.50 -40.40
N CYS D 166 17.66 -0.42 -39.94
CA CYS D 166 17.68 0.83 -40.67
C CYS D 166 18.09 1.95 -39.72
N GLN D 167 19.17 2.66 -40.05
CA GLN D 167 19.53 3.80 -39.24
C GLN D 167 18.62 4.96 -39.53
N ARG D 168 18.75 6.00 -38.72
CA ARG D 168 18.17 7.30 -39.02
C ARG D 168 19.15 8.34 -38.52
N TYR D 169 19.58 9.25 -39.38
CA TYR D 169 20.42 10.33 -38.92
C TYR D 169 20.16 11.56 -39.77
N TYR D 170 20.72 12.67 -39.33
CA TYR D 170 20.47 13.95 -39.98
C TYR D 170 21.21 14.02 -41.31
N HIS D 171 20.76 14.92 -42.18
CA HIS D 171 21.41 15.10 -43.47
C HIS D 171 22.81 15.65 -43.31
N ARG D 172 22.92 16.80 -42.64
CA ARG D 172 24.20 17.45 -42.46
C ARG D 172 24.14 18.18 -41.13
N GLY D 173 25.07 17.85 -40.25
CA GLY D 173 25.11 18.45 -38.94
C GLY D 173 26.45 18.27 -38.25
N HIS D 174 27.01 19.37 -37.76
CA HIS D 174 28.33 19.37 -37.14
C HIS D 174 28.19 20.03 -35.78
N VAL D 175 27.80 19.23 -34.80
CA VAL D 175 27.75 19.75 -33.43
C VAL D 175 29.09 19.49 -32.76
N ASP D 176 29.57 20.50 -32.06
CA ASP D 176 30.85 20.42 -31.38
C ASP D 176 30.86 21.43 -30.23
N PRO D 177 30.91 20.97 -28.99
CA PRO D 177 31.14 21.90 -27.88
C PRO D 177 32.57 22.42 -27.90
N ALA D 178 32.73 23.62 -27.35
CA ALA D 178 33.93 24.48 -27.31
C ALA D 178 34.33 25.03 -28.68
N ASN D 179 33.66 24.62 -29.78
CA ASN D 179 33.74 25.29 -31.07
C ASN D 179 32.31 25.26 -31.60
N ASP D 180 31.51 26.26 -31.24
CA ASP D 180 30.06 26.19 -31.35
C ASP D 180 29.55 26.72 -32.69
N THR D 181 30.14 26.22 -33.79
CA THR D 181 29.65 26.49 -35.14
C THR D 181 28.83 25.27 -35.55
N PHE D 182 27.58 25.24 -35.11
CA PHE D 182 26.77 24.04 -35.20
C PHE D 182 25.57 24.25 -36.10
N ASP D 183 25.35 23.28 -36.99
CA ASP D 183 24.27 23.32 -37.97
C ASP D 183 23.27 22.21 -37.69
N ILE D 184 21.99 22.57 -37.71
CA ILE D 184 20.91 21.65 -37.42
C ILE D 184 19.83 21.90 -38.47
N ASP D 185 19.58 20.92 -39.32
CA ASP D 185 18.47 20.98 -40.26
C ASP D 185 17.79 19.62 -40.34
N PRO D 186 16.51 19.54 -40.04
CA PRO D 186 15.82 18.24 -40.03
C PRO D 186 15.64 17.67 -41.42
N MET D 187 16.46 16.69 -41.77
CA MET D 187 16.31 15.97 -43.02
C MET D 187 16.91 14.59 -42.80
N VAL D 188 16.06 13.64 -42.52
CA VAL D 188 16.49 12.34 -42.05
C VAL D 188 16.55 11.36 -43.22
N VAL D 189 17.56 10.49 -43.20
CA VAL D 189 17.78 9.54 -44.28
C VAL D 189 17.69 8.14 -43.71
N THR D 190 16.93 7.27 -44.36
CA THR D 190 16.68 5.91 -43.90
C THR D 190 17.61 4.96 -44.63
N ASP D 191 18.75 4.63 -44.00
CA ASP D 191 19.73 3.71 -44.58
C ASP D 191 19.46 2.31 -44.08
N CYS D 192 18.77 1.52 -44.88
CA CYS D 192 18.42 0.16 -44.49
C CYS D 192 19.47 -0.83 -44.98
N ILE D 193 19.63 -1.89 -44.20
CA ILE D 193 20.49 -3.01 -44.57
C ILE D 193 19.57 -4.21 -44.72
N GLN D 194 19.72 -4.91 -45.83
CA GLN D 194 18.77 -5.96 -46.18
C GLN D 194 19.35 -7.31 -45.87
N VAL D 195 18.55 -8.17 -45.25
CA VAL D 195 18.93 -9.54 -44.97
C VAL D 195 17.68 -10.41 -44.99
N ASP D 196 17.77 -11.51 -45.69
CA ASP D 196 16.80 -12.57 -45.85
C ASP D 196 17.26 -13.84 -45.13
N PRO D 197 16.34 -14.63 -44.59
CA PRO D 197 16.75 -15.83 -43.88
C PRO D 197 17.24 -16.88 -44.86
N PRO D 198 18.20 -17.71 -44.46
CA PRO D 198 18.70 -18.74 -45.36
C PRO D 198 17.69 -19.86 -45.53
N GLU D 199 17.76 -20.52 -46.68
CA GLU D 199 16.83 -21.58 -47.02
C GLU D 199 17.20 -22.90 -46.41
N ARG D 200 18.45 -23.33 -46.59
CA ARG D 200 18.91 -24.66 -46.19
C ARG D 200 20.14 -24.58 -45.30
N PRO D 201 20.34 -25.57 -44.40
CA PRO D 201 21.55 -25.66 -43.59
C PRO D 201 22.83 -25.88 -44.40
N SER D 216 24.81 -11.30 -44.40
CA SER D 216 25.99 -11.10 -45.23
C SER D 216 26.87 -10.00 -44.66
N SER D 217 26.84 -8.83 -45.28
CA SER D 217 27.73 -7.73 -44.96
C SER D 217 27.23 -6.87 -43.81
N TYR D 218 26.26 -7.35 -43.04
CA TYR D 218 25.66 -6.53 -42.00
C TYR D 218 26.60 -6.32 -40.82
N LYS D 219 27.54 -7.24 -40.60
CA LYS D 219 28.59 -7.02 -39.61
C LYS D 219 29.45 -5.82 -39.97
N ASN D 220 29.72 -5.64 -41.26
CA ASN D 220 30.34 -4.40 -41.72
C ASN D 220 29.31 -3.30 -41.59
N LEU D 221 29.43 -2.50 -40.52
CA LEU D 221 28.45 -1.49 -40.20
C LEU D 221 29.08 -0.41 -39.33
N THR D 222 28.84 0.84 -39.66
CA THR D 222 29.15 1.96 -38.79
C THR D 222 27.85 2.68 -38.44
N LEU D 223 27.88 3.47 -37.37
CA LEU D 223 26.63 4.02 -36.87
C LEU D 223 26.55 5.53 -36.84
N LYS D 224 27.68 6.25 -36.75
CA LYS D 224 27.75 7.72 -36.78
C LYS D 224 26.93 8.33 -35.63
N PHE D 225 27.43 8.09 -34.41
CA PHE D 225 26.65 8.31 -33.20
C PHE D 225 26.32 9.76 -32.92
N HIS D 226 27.19 10.69 -33.28
CA HIS D 226 26.96 12.11 -33.02
C HIS D 226 25.80 12.69 -33.82
N LYS D 227 25.29 11.96 -34.80
CA LYS D 227 24.19 12.37 -35.64
C LYS D 227 23.01 11.41 -35.54
N LEU D 228 23.15 10.34 -34.75
CA LEU D 228 22.20 9.22 -34.76
C LEU D 228 20.89 9.57 -34.09
N VAL D 229 19.78 9.13 -34.69
CA VAL D 229 18.44 9.41 -34.17
C VAL D 229 17.82 8.17 -33.56
N ASN D 230 17.59 7.13 -34.35
CA ASN D 230 17.12 5.85 -33.82
C ASN D 230 17.42 4.76 -34.83
N VAL D 231 17.63 3.56 -34.31
CA VAL D 231 17.91 2.37 -35.11
C VAL D 231 16.77 1.41 -34.88
N THR D 232 16.08 1.03 -35.94
CA THR D 232 14.94 0.14 -35.82
C THR D 232 15.22 -1.17 -36.53
N ILE D 233 14.48 -2.20 -36.14
CA ILE D 233 14.62 -3.53 -36.70
C ILE D 233 13.21 -4.09 -36.91
N HIS D 234 12.91 -4.51 -38.12
CA HIS D 234 11.57 -4.94 -38.52
C HIS D 234 11.64 -6.37 -39.03
N PHE D 235 10.77 -7.24 -38.53
CA PHE D 235 10.55 -8.53 -39.16
C PHE D 235 9.19 -9.06 -38.78
N ARG D 236 8.79 -10.14 -39.45
CA ARG D 236 7.47 -10.72 -39.28
C ARG D 236 7.59 -12.23 -39.17
N LEU D 237 6.66 -12.84 -38.44
CA LEU D 237 6.69 -14.27 -38.18
C LEU D 237 5.28 -14.81 -38.16
N LYS D 238 5.00 -15.78 -39.02
CA LYS D 238 3.74 -16.49 -38.93
C LYS D 238 3.85 -17.65 -37.96
N THR D 239 2.71 -18.13 -37.49
CA THR D 239 2.64 -19.29 -36.63
C THR D 239 1.25 -19.88 -36.69
N ILE D 240 1.09 -20.99 -35.98
CA ILE D 240 -0.19 -21.68 -35.85
C ILE D 240 -0.51 -21.73 -34.37
N ASN D 241 -1.65 -21.17 -33.99
CA ASN D 241 -2.13 -21.39 -32.64
C ASN D 241 -2.54 -22.85 -32.51
N LEU D 242 -2.30 -23.44 -31.36
CA LEU D 242 -2.53 -24.86 -31.17
C LEU D 242 -3.39 -25.07 -29.94
N GLN D 243 -4.36 -24.19 -29.76
CA GLN D 243 -5.38 -24.33 -28.74
C GLN D 243 -6.72 -24.65 -29.38
N SER D 244 -6.66 -25.52 -30.39
CA SER D 244 -7.81 -25.91 -31.19
C SER D 244 -8.64 -27.00 -30.55
N LEU D 245 -8.30 -27.38 -29.32
CA LEU D 245 -8.93 -28.54 -28.70
C LEU D 245 -10.18 -28.16 -27.91
N ILE D 246 -10.10 -27.11 -27.11
CA ILE D 246 -11.28 -26.63 -26.38
C ILE D 246 -12.21 -25.83 -27.29
N ASN D 247 -11.71 -25.34 -28.43
CA ASN D 247 -12.56 -24.83 -29.50
C ASN D 247 -13.15 -25.95 -30.33
N ASN D 248 -12.48 -27.12 -30.34
CA ASN D 248 -12.80 -28.38 -31.02
C ASN D 248 -12.65 -28.28 -32.54
N GLU D 249 -12.35 -27.10 -33.09
CA GLU D 249 -12.24 -26.95 -34.53
C GLU D 249 -11.02 -26.13 -34.93
N ILE D 250 -10.95 -25.80 -36.22
CA ILE D 250 -9.75 -25.30 -36.88
C ILE D 250 -9.33 -23.94 -36.32
N PRO D 251 -8.12 -23.83 -35.80
CA PRO D 251 -7.74 -22.66 -35.02
C PRO D 251 -7.37 -21.48 -35.91
N ASP D 252 -7.04 -20.39 -35.26
CA ASP D 252 -6.59 -19.17 -35.93
C ASP D 252 -5.14 -19.35 -36.36
N CYS D 253 -4.67 -18.46 -37.22
CA CYS D 253 -3.31 -18.58 -37.75
C CYS D 253 -2.70 -17.18 -37.84
N TYR D 254 -1.70 -16.92 -36.98
CA TYR D 254 -1.25 -15.56 -36.67
C TYR D 254 -0.11 -15.10 -37.56
N THR D 255 0.24 -13.83 -37.40
CA THR D 255 1.38 -13.22 -38.08
C THR D 255 1.84 -12.06 -37.20
N PHE D 256 2.91 -12.26 -36.45
CA PHE D 256 3.38 -11.20 -35.59
C PHE D 256 4.21 -10.20 -36.38
N SER D 257 4.37 -9.00 -35.82
CA SER D 257 5.17 -7.95 -36.45
C SER D 257 6.03 -7.30 -35.38
N VAL D 258 7.31 -7.66 -35.37
CA VAL D 258 8.23 -7.25 -34.32
C VAL D 258 8.89 -5.94 -34.72
N LEU D 259 8.99 -5.00 -33.77
CA LEU D 259 9.76 -3.78 -33.95
C LEU D 259 10.67 -3.61 -32.74
N ILE D 260 11.96 -3.86 -32.93
CA ILE D 260 12.95 -3.60 -31.90
C ILE D 260 13.49 -2.20 -32.11
N THR D 261 13.35 -1.35 -31.11
CA THR D 261 13.59 0.08 -31.27
C THR D 261 14.75 0.51 -30.39
N PHE D 262 15.80 1.03 -31.02
CA PHE D 262 16.91 1.63 -30.30
C PHE D 262 16.75 3.15 -30.35
N ASP D 263 15.91 3.69 -29.48
CA ASP D 263 15.51 5.08 -29.59
C ASP D 263 16.50 6.01 -28.91
N ASN D 264 16.91 7.05 -29.62
CA ASN D 264 17.77 8.08 -29.07
C ASN D 264 17.19 9.44 -29.44
N LYS D 265 16.21 9.90 -28.67
CA LYS D 265 15.69 11.23 -28.96
C LYS D 265 16.40 12.30 -28.15
N ALA D 266 16.57 12.07 -26.86
CA ALA D 266 17.04 13.11 -25.97
C ALA D 266 18.51 13.44 -26.14
N HIS D 267 19.27 12.59 -26.85
CA HIS D 267 20.71 12.72 -27.03
C HIS D 267 21.44 12.86 -25.71
N SER D 268 20.99 12.07 -24.73
CA SER D 268 21.43 12.25 -23.37
C SER D 268 22.45 11.21 -22.93
N GLY D 269 23.03 10.46 -23.84
CA GLY D 269 23.96 9.43 -23.44
C GLY D 269 23.30 8.23 -22.85
N ARG D 270 22.06 7.94 -23.24
CA ARG D 270 21.32 6.80 -22.71
C ARG D 270 20.30 6.38 -23.75
N ILE D 271 20.46 5.19 -24.31
CA ILE D 271 19.54 4.73 -25.34
C ILE D 271 18.63 3.65 -24.79
N PRO D 272 17.32 3.90 -24.69
CA PRO D 272 16.39 2.82 -24.32
C PRO D 272 16.26 1.79 -25.43
N ILE D 273 15.82 0.60 -25.03
CA ILE D 273 15.60 -0.51 -25.95
C ILE D 273 14.18 -1.02 -25.71
N SER D 274 13.44 -1.25 -26.78
CA SER D 274 12.03 -1.58 -26.68
C SER D 274 11.70 -2.78 -27.56
N LEU D 275 10.45 -3.23 -27.49
CA LEU D 275 9.95 -4.26 -28.38
C LEU D 275 8.44 -4.14 -28.49
N GLU D 276 7.90 -4.36 -29.69
CA GLU D 276 6.47 -4.22 -29.97
C GLU D 276 6.00 -5.36 -30.84
N THR D 277 4.73 -5.73 -30.71
CA THR D 277 4.08 -6.67 -31.62
C THR D 277 2.70 -6.19 -31.98
N GLN D 278 2.23 -6.61 -33.15
CA GLN D 278 0.82 -6.47 -33.53
C GLN D 278 0.40 -7.79 -34.16
N ALA D 279 -0.48 -8.53 -33.49
CA ALA D 279 -0.93 -9.79 -34.04
C ALA D 279 -1.98 -9.56 -35.12
N HIS D 280 -1.53 -9.46 -36.37
CA HIS D 280 -2.44 -9.41 -37.51
C HIS D 280 -2.98 -10.80 -37.79
N ILE D 281 -4.26 -11.03 -37.51
CA ILE D 281 -4.85 -12.36 -37.58
C ILE D 281 -5.63 -12.47 -38.88
N GLN D 282 -5.51 -13.62 -39.54
CA GLN D 282 -6.45 -14.03 -40.57
C GLN D 282 -6.47 -15.54 -40.61
N GLU D 283 -7.45 -16.10 -41.30
CA GLU D 283 -7.55 -17.55 -41.40
C GLU D 283 -6.50 -18.08 -42.34
N CYS D 284 -6.14 -19.33 -42.12
CA CYS D 284 -5.12 -20.01 -42.90
C CYS D 284 -5.74 -21.06 -43.83
N LYS D 285 -4.96 -21.48 -44.81
CA LYS D 285 -5.48 -22.25 -45.94
C LYS D 285 -5.85 -23.67 -45.53
N HIS D 286 -7.03 -24.12 -45.99
CA HIS D 286 -7.52 -25.47 -45.74
C HIS D 286 -8.63 -25.83 -46.74
N PRO D 287 -8.65 -27.06 -47.24
CA PRO D 287 -9.87 -27.57 -47.91
C PRO D 287 -10.79 -28.38 -47.01
N SER D 288 -10.56 -28.41 -45.70
CA SER D 288 -11.29 -29.28 -44.79
C SER D 288 -12.62 -28.64 -44.36
N VAL D 289 -13.48 -29.44 -43.73
CA VAL D 289 -14.87 -29.12 -43.45
C VAL D 289 -15.16 -29.60 -42.02
N PHE D 290 -16.45 -29.53 -41.62
CA PHE D 290 -17.04 -29.90 -40.31
C PHE D 290 -16.78 -28.87 -39.21
N GLN D 291 -16.47 -27.62 -39.55
CA GLN D 291 -16.12 -26.66 -38.51
C GLN D 291 -17.36 -26.07 -37.85
N HIS D 292 -18.37 -25.73 -38.64
CA HIS D 292 -19.51 -24.97 -38.13
C HIS D 292 -20.69 -25.85 -37.73
N GLY D 293 -20.43 -27.04 -37.19
CA GLY D 293 -21.49 -27.83 -36.59
C GLY D 293 -22.01 -27.21 -35.30
N ASP D 294 -21.14 -26.49 -34.59
CA ASP D 294 -21.53 -25.73 -33.41
C ASP D 294 -21.13 -24.26 -33.48
N ASN D 295 -20.27 -23.88 -34.43
CA ASN D 295 -19.74 -22.53 -34.48
C ASN D 295 -20.79 -21.54 -35.00
N SER D 296 -21.66 -21.97 -35.91
CA SER D 296 -22.74 -21.11 -36.36
C SER D 296 -23.81 -20.91 -35.28
N PHE D 297 -23.83 -21.75 -34.24
CA PHE D 297 -24.67 -21.50 -33.07
C PHE D 297 -24.13 -20.38 -32.18
N ARG D 298 -22.96 -19.83 -32.49
CA ARG D 298 -22.58 -18.52 -31.99
C ARG D 298 -22.82 -17.44 -33.03
N LEU D 299 -22.61 -17.76 -34.30
CA LEU D 299 -22.75 -16.80 -35.38
C LEU D 299 -24.18 -16.33 -35.58
N LEU D 300 -25.14 -17.13 -35.17
CA LEU D 300 -26.55 -16.78 -35.23
C LEU D 300 -27.14 -16.66 -33.84
N PHE D 301 -26.34 -16.22 -32.87
CA PHE D 301 -26.89 -15.78 -31.60
C PHE D 301 -27.01 -14.29 -31.50
N ASP D 302 -26.06 -13.54 -32.07
CA ASP D 302 -26.14 -12.09 -32.09
C ASP D 302 -27.33 -11.58 -32.89
N VAL D 303 -27.87 -12.40 -33.81
CA VAL D 303 -29.09 -12.02 -34.50
C VAL D 303 -30.28 -11.95 -33.55
N VAL D 304 -30.22 -12.70 -32.45
CA VAL D 304 -31.23 -12.54 -31.41
C VAL D 304 -31.01 -11.22 -30.70
N VAL D 305 -29.76 -10.82 -30.50
CA VAL D 305 -29.46 -9.50 -29.95
C VAL D 305 -29.88 -8.44 -30.94
N ILE D 306 -29.72 -8.72 -32.24
CA ILE D 306 -30.20 -7.82 -33.28
C ILE D 306 -31.73 -7.72 -33.23
N LEU D 307 -32.42 -8.82 -32.94
CA LEU D 307 -33.87 -8.77 -32.87
C LEU D 307 -34.36 -8.03 -31.63
N THR D 308 -33.96 -8.49 -30.45
CA THR D 308 -34.63 -8.09 -29.22
C THR D 308 -34.36 -6.64 -28.86
N CYS D 309 -33.14 -6.17 -29.08
CA CYS D 309 -32.86 -4.77 -28.79
C CYS D 309 -33.54 -3.86 -29.79
N SER D 310 -33.68 -4.31 -31.04
CA SER D 310 -34.38 -3.50 -32.02
C SER D 310 -35.87 -3.50 -31.79
N LEU D 311 -36.45 -4.66 -31.48
CA LEU D 311 -37.88 -4.73 -31.18
C LEU D 311 -38.22 -3.96 -29.92
N SER D 312 -37.27 -3.83 -28.99
CA SER D 312 -37.43 -2.94 -27.86
C SER D 312 -37.13 -1.49 -28.20
N PHE D 313 -36.29 -1.25 -29.20
CA PHE D 313 -36.12 0.11 -29.68
C PHE D 313 -37.36 0.62 -30.39
N LEU D 314 -38.13 -0.30 -30.98
CA LEU D 314 -39.40 0.09 -31.57
C LEU D 314 -40.44 0.36 -30.51
N LEU D 315 -40.43 -0.44 -29.44
CA LEU D 315 -41.52 -0.38 -28.48
C LEU D 315 -41.39 0.82 -27.57
N CYS D 316 -40.19 1.06 -27.05
CA CYS D 316 -40.03 2.09 -26.03
C CYS D 316 -40.15 3.48 -26.62
N ALA D 317 -39.78 3.64 -27.89
CA ALA D 317 -39.83 4.94 -28.52
C ALA D 317 -41.25 5.32 -28.89
N ARG D 318 -42.15 4.34 -29.00
CA ARG D 318 -43.55 4.64 -29.23
C ARG D 318 -44.15 5.35 -28.03
N SER D 319 -43.66 5.03 -26.84
CA SER D 319 -44.06 5.78 -25.65
C SER D 319 -43.45 7.17 -25.65
N LEU D 320 -42.24 7.31 -26.19
CA LEU D 320 -41.69 8.64 -26.40
C LEU D 320 -42.52 9.40 -27.42
N LEU D 321 -42.98 8.70 -28.46
CA LEU D 321 -43.91 9.30 -29.41
C LEU D 321 -45.23 9.62 -28.76
N ARG D 322 -45.62 8.86 -27.73
CA ARG D 322 -46.87 9.14 -27.05
C ARG D 322 -46.74 10.32 -26.11
N GLY D 323 -45.59 10.44 -25.44
CA GLY D 323 -45.45 11.48 -24.43
C GLY D 323 -45.34 12.87 -25.02
N PHE D 324 -44.64 12.99 -26.15
CA PHE D 324 -44.53 14.29 -26.80
C PHE D 324 -45.85 14.68 -27.45
N LEU D 325 -46.59 13.70 -27.97
CA LEU D 325 -47.90 13.95 -28.56
C LEU D 325 -48.90 14.48 -27.55
N LEU D 326 -48.83 14.03 -26.29
CA LEU D 326 -49.72 14.47 -25.25
C LEU D 326 -49.25 15.75 -24.57
N GLN D 327 -48.26 16.42 -25.14
CA GLN D 327 -47.87 17.72 -24.60
C GLN D 327 -48.68 18.86 -25.19
N ASN D 328 -49.16 18.71 -26.42
CA ASN D 328 -49.86 19.79 -27.10
C ASN D 328 -51.18 20.12 -26.43
N GLU D 329 -51.77 19.16 -25.74
CA GLU D 329 -53.07 19.37 -25.11
C GLU D 329 -52.97 20.09 -23.78
N PHE D 330 -51.90 19.88 -23.02
CA PHE D 330 -51.76 20.53 -21.73
C PHE D 330 -51.32 21.98 -21.86
N VAL D 331 -50.88 22.40 -23.04
CA VAL D 331 -50.36 23.76 -23.20
C VAL D 331 -51.49 24.79 -23.12
N GLY D 332 -52.44 24.72 -24.03
CA GLY D 332 -53.56 25.65 -24.00
C GLY D 332 -54.50 25.27 -22.87
N PHE D 333 -55.14 24.11 -23.03
CA PHE D 333 -55.71 23.27 -21.99
C PHE D 333 -56.97 23.81 -21.31
N MET D 334 -57.16 25.14 -21.31
CA MET D 334 -58.47 25.73 -21.09
C MET D 334 -58.56 27.06 -21.82
N TRP D 335 -57.78 27.22 -22.92
CA TRP D 335 -57.61 28.47 -23.65
C TRP D 335 -57.05 29.52 -22.68
N ARG D 336 -55.74 29.49 -22.44
CA ARG D 336 -55.06 29.50 -21.16
C ARG D 336 -55.81 30.09 -19.97
N GLN D 337 -55.92 29.28 -18.93
CA GLN D 337 -56.43 29.67 -17.62
C GLN D 337 -55.30 30.15 -16.73
N ARG D 338 -54.33 29.27 -16.48
CA ARG D 338 -53.13 29.63 -15.73
C ARG D 338 -52.03 30.15 -16.65
N GLY D 339 -51.79 29.47 -17.76
CA GLY D 339 -50.98 30.03 -18.84
C GLY D 339 -49.49 30.10 -18.58
N ARG D 340 -49.10 30.94 -17.64
CA ARG D 340 -47.71 31.18 -17.30
C ARG D 340 -47.15 30.14 -16.34
N VAL D 341 -47.98 29.19 -15.88
CA VAL D 341 -47.53 28.21 -14.92
C VAL D 341 -46.66 27.15 -15.60
N ILE D 342 -47.00 26.79 -16.84
CA ILE D 342 -46.11 25.99 -17.66
C ILE D 342 -44.84 26.78 -17.94
N SER D 343 -43.69 26.23 -17.55
CA SER D 343 -42.48 27.03 -17.51
C SER D 343 -41.25 26.29 -17.98
N LEU D 344 -41.42 25.24 -18.81
CA LEU D 344 -40.35 24.44 -19.42
C LEU D 344 -39.51 23.64 -18.41
N TRP D 345 -39.86 23.72 -17.12
CA TRP D 345 -39.41 22.76 -16.13
C TRP D 345 -40.55 21.95 -15.58
N GLU D 346 -41.77 22.50 -15.55
CA GLU D 346 -42.95 21.66 -15.37
C GLU D 346 -43.30 20.89 -16.63
N ARG D 347 -42.68 21.20 -17.76
CA ARG D 347 -42.76 20.31 -18.92
C ARG D 347 -41.85 19.10 -18.80
N LEU D 348 -40.87 19.14 -17.90
CA LEU D 348 -39.81 18.15 -17.89
C LEU D 348 -40.29 16.79 -17.37
N GLU D 349 -41.34 16.76 -16.55
CA GLU D 349 -41.77 15.51 -15.95
C GLU D 349 -42.72 14.72 -16.86
N PHE D 350 -42.75 15.03 -18.15
CA PHE D 350 -43.53 14.27 -19.11
C PHE D 350 -42.73 13.10 -19.67
N VAL D 351 -41.60 13.39 -20.29
CA VAL D 351 -40.77 12.36 -20.90
C VAL D 351 -40.04 11.63 -19.78
N ASN D 352 -40.23 10.32 -19.70
CA ASN D 352 -39.67 9.55 -18.61
C ASN D 352 -38.18 9.32 -18.83
N GLY D 353 -37.40 9.59 -17.80
CA GLY D 353 -35.95 9.48 -17.92
C GLY D 353 -35.45 8.05 -18.04
N TRP D 354 -36.27 7.09 -17.64
CA TRP D 354 -35.84 5.70 -17.75
C TRP D 354 -35.91 5.23 -19.20
N TYR D 355 -36.82 5.77 -19.99
CA TYR D 355 -36.96 5.29 -21.36
C TYR D 355 -35.85 5.79 -22.25
N ILE D 356 -35.41 7.04 -22.06
CA ILE D 356 -34.34 7.59 -22.88
C ILE D 356 -33.01 6.89 -22.58
N LEU D 357 -32.87 6.35 -21.38
CA LEU D 357 -31.72 5.50 -21.07
C LEU D 357 -31.84 4.15 -21.75
N LEU D 358 -33.05 3.62 -21.86
CA LEU D 358 -33.25 2.36 -22.58
C LEU D 358 -33.13 2.55 -24.08
N VAL D 359 -33.43 3.74 -24.58
CA VAL D 359 -33.17 4.03 -25.99
C VAL D 359 -31.68 4.15 -26.24
N THR D 360 -30.95 4.68 -25.25
CA THR D 360 -29.53 4.98 -25.42
C THR D 360 -28.71 3.72 -25.59
N SER D 361 -28.96 2.72 -24.74
CA SER D 361 -28.24 1.46 -24.82
C SER D 361 -28.51 0.73 -26.13
N ASP D 362 -29.77 0.70 -26.56
CA ASP D 362 -30.15 0.03 -27.79
C ASP D 362 -29.56 0.67 -29.03
N VAL D 363 -29.29 1.97 -29.00
CA VAL D 363 -28.47 2.57 -30.04
C VAL D 363 -27.07 1.97 -29.99
N LEU D 364 -26.49 1.88 -28.79
CA LEU D 364 -25.12 1.39 -28.66
C LEU D 364 -25.04 -0.11 -28.88
N THR D 365 -26.06 -0.85 -28.43
CA THR D 365 -25.96 -2.31 -28.42
C THR D 365 -26.03 -2.87 -29.83
N ILE D 366 -27.00 -2.41 -30.62
CA ILE D 366 -27.08 -2.91 -31.99
C ILE D 366 -26.01 -2.27 -32.87
N SER D 367 -25.44 -1.14 -32.45
CA SER D 367 -24.23 -0.66 -33.10
C SER D 367 -23.02 -1.46 -32.64
N GLY D 368 -23.05 -1.97 -31.41
CA GLY D 368 -21.92 -2.73 -30.91
C GLY D 368 -21.83 -4.10 -31.56
N THR D 369 -22.93 -4.86 -31.49
CA THR D 369 -22.89 -6.23 -31.98
C THR D 369 -22.78 -6.32 -33.49
N ILE D 370 -23.17 -5.27 -34.22
CA ILE D 370 -22.94 -5.28 -35.66
C ILE D 370 -21.46 -5.06 -35.97
N MET D 371 -20.71 -4.46 -35.04
CA MET D 371 -19.28 -4.35 -35.18
C MET D 371 -18.61 -5.64 -34.72
N LYS D 372 -19.26 -6.36 -33.82
CA LYS D 372 -18.74 -7.63 -33.32
C LYS D 372 -18.81 -8.73 -34.37
N ILE D 373 -19.63 -8.54 -35.43
CA ILE D 373 -19.66 -9.45 -36.56
C ILE D 373 -18.31 -9.48 -37.28
N GLY D 374 -17.55 -8.39 -37.21
CA GLY D 374 -16.21 -8.34 -37.75
C GLY D 374 -15.19 -9.15 -36.96
N ILE D 375 -15.41 -10.45 -36.85
CA ILE D 375 -14.41 -11.38 -36.35
C ILE D 375 -14.26 -12.61 -37.25
N GLU D 376 -15.19 -12.87 -38.16
CA GLU D 376 -15.06 -14.03 -39.06
C GLU D 376 -14.08 -13.73 -40.18
N ALA D 377 -14.42 -12.76 -41.03
CA ALA D 377 -13.65 -12.51 -42.23
C ALA D 377 -13.28 -11.06 -42.45
N LYS D 378 -13.78 -10.14 -41.63
CA LYS D 378 -13.43 -8.74 -41.80
C LYS D 378 -12.05 -8.49 -41.26
N ASN D 379 -11.26 -7.73 -42.02
CA ASN D 379 -9.85 -7.47 -41.72
C ASN D 379 -9.63 -6.44 -40.63
N LEU D 380 -10.68 -5.98 -39.96
CA LEU D 380 -10.50 -5.01 -38.89
C LEU D 380 -9.86 -5.68 -37.68
N ALA D 381 -8.96 -4.95 -37.04
CA ALA D 381 -8.46 -5.33 -35.72
C ALA D 381 -8.98 -4.38 -34.65
N SER D 382 -10.14 -3.77 -34.90
CA SER D 382 -10.67 -2.70 -34.06
C SER D 382 -11.29 -3.28 -32.79
N TYR D 383 -10.42 -3.82 -31.94
CA TYR D 383 -10.83 -4.43 -30.69
C TYR D 383 -10.98 -3.44 -29.56
N ASP D 384 -11.10 -2.15 -29.87
CA ASP D 384 -11.37 -1.14 -28.85
C ASP D 384 -12.73 -0.50 -29.05
N VAL D 385 -13.07 -0.15 -30.28
CA VAL D 385 -14.36 0.47 -30.57
C VAL D 385 -15.50 -0.50 -30.37
N CYS D 386 -15.33 -1.76 -30.77
CA CYS D 386 -16.37 -2.75 -30.56
C CYS D 386 -16.49 -3.16 -29.10
N SER D 387 -15.49 -2.87 -28.28
CA SER D 387 -15.49 -3.27 -26.88
C SER D 387 -16.07 -2.22 -25.96
N ILE D 388 -15.82 -0.94 -26.24
CA ILE D 388 -16.36 0.11 -25.38
C ILE D 388 -17.87 0.20 -25.53
N LEU D 389 -18.37 -0.02 -26.74
CA LEU D 389 -19.81 0.08 -26.98
C LEU D 389 -20.58 -1.02 -26.27
N LEU D 390 -20.02 -2.23 -26.24
CA LEU D 390 -20.72 -3.33 -25.58
C LEU D 390 -20.68 -3.21 -24.06
N GLY D 391 -19.55 -2.74 -23.53
CA GLY D 391 -19.45 -2.62 -22.09
C GLY D 391 -20.27 -1.48 -21.54
N THR D 392 -20.26 -0.33 -22.22
CA THR D 392 -21.03 0.83 -21.77
C THR D 392 -22.51 0.58 -21.89
N SER D 393 -22.94 -0.26 -22.83
CA SER D 393 -24.33 -0.69 -22.87
C SER D 393 -24.66 -1.50 -21.62
N THR D 394 -23.84 -2.52 -21.33
CA THR D 394 -24.11 -3.41 -20.21
C THR D 394 -23.98 -2.70 -18.88
N LEU D 395 -23.07 -1.73 -18.80
CA LEU D 395 -23.01 -0.85 -17.64
C LEU D 395 -24.28 -0.05 -17.46
N LEU D 396 -24.95 0.26 -18.56
CA LEU D 396 -26.13 1.10 -18.54
C LEU D 396 -27.41 0.31 -18.74
N VAL D 397 -27.33 -0.94 -19.17
CA VAL D 397 -28.51 -1.81 -19.13
C VAL D 397 -28.81 -2.23 -17.71
N TRP D 398 -27.79 -2.69 -16.97
CA TRP D 398 -27.96 -3.16 -15.61
C TRP D 398 -28.41 -2.10 -14.63
N VAL D 399 -28.12 -0.82 -14.86
CA VAL D 399 -28.66 0.19 -13.96
C VAL D 399 -30.15 0.41 -14.18
N GLY D 400 -30.71 -0.08 -15.28
CA GLY D 400 -32.13 0.03 -15.50
C GLY D 400 -32.96 -0.88 -14.63
N VAL D 401 -32.32 -1.83 -13.94
CA VAL D 401 -33.00 -2.72 -13.03
C VAL D 401 -33.53 -1.97 -11.82
N ILE D 402 -32.90 -0.84 -11.48
CA ILE D 402 -33.28 -0.06 -10.30
C ILE D 402 -34.69 0.49 -10.42
N ARG D 403 -35.16 0.69 -11.65
CA ARG D 403 -36.54 1.07 -11.90
C ARG D 403 -37.52 0.06 -11.34
N TYR D 404 -37.17 -1.22 -11.44
CA TYR D 404 -38.07 -2.26 -10.96
C TYR D 404 -38.05 -2.33 -9.44
N LEU D 405 -36.98 -1.83 -8.83
CA LEU D 405 -36.94 -1.77 -7.38
C LEU D 405 -37.77 -0.61 -6.85
N THR D 406 -37.93 0.44 -7.66
CA THR D 406 -38.72 1.59 -7.22
C THR D 406 -40.22 1.34 -7.25
N PHE D 407 -40.65 0.20 -7.77
CA PHE D 407 -42.07 -0.13 -7.72
C PHE D 407 -42.49 -0.56 -6.33
N PHE D 408 -41.55 -0.92 -5.48
CA PHE D 408 -41.88 -1.30 -4.12
C PHE D 408 -41.80 -0.10 -3.19
N HIS D 409 -42.61 -0.12 -2.14
CA HIS D 409 -42.75 1.05 -1.30
C HIS D 409 -41.58 1.28 -0.37
N ASN D 410 -40.77 0.26 -0.14
CA ASN D 410 -39.62 0.39 0.74
C ASN D 410 -38.40 0.93 0.02
N TYR D 411 -38.09 0.37 -1.15
CA TYR D 411 -36.87 0.70 -1.86
C TYR D 411 -36.92 2.07 -2.52
N ASN D 412 -38.12 2.63 -2.69
CA ASN D 412 -38.28 3.97 -3.24
C ASN D 412 -37.69 5.02 -2.33
N ILE D 413 -37.64 4.75 -1.02
CA ILE D 413 -37.17 5.75 -0.07
C ILE D 413 -35.68 5.99 -0.23
N LEU D 414 -34.92 4.91 -0.41
CA LEU D 414 -33.48 5.03 -0.51
C LEU D 414 -33.06 5.64 -1.84
N ILE D 415 -33.77 5.32 -2.91
CA ILE D 415 -33.40 5.83 -4.23
C ILE D 415 -33.77 7.30 -4.37
N ALA D 416 -34.97 7.67 -3.92
CA ALA D 416 -35.35 9.07 -3.98
C ALA D 416 -34.60 9.92 -2.97
N THR D 417 -33.95 9.31 -1.99
CA THR D 417 -33.00 10.04 -1.15
C THR D 417 -31.80 10.47 -1.97
N LEU D 418 -31.34 9.62 -2.89
CA LEU D 418 -30.29 10.04 -3.80
C LEU D 418 -30.77 11.10 -4.76
N ARG D 419 -32.04 11.02 -5.18
CA ARG D 419 -32.52 11.95 -6.20
C ARG D 419 -32.70 13.34 -5.65
N VAL D 420 -33.10 13.47 -4.38
CA VAL D 420 -33.20 14.80 -3.79
C VAL D 420 -31.86 15.32 -3.31
N ALA D 421 -30.82 14.50 -3.31
CA ALA D 421 -29.52 14.91 -2.83
C ALA D 421 -28.47 15.03 -3.94
N LEU D 422 -28.71 14.42 -5.09
CA LEU D 422 -27.86 14.58 -6.27
C LEU D 422 -27.72 16.03 -6.74
N PRO D 423 -28.73 16.94 -6.58
CA PRO D 423 -28.40 18.35 -6.79
C PRO D 423 -27.40 18.92 -5.81
N SER D 424 -27.61 18.69 -4.50
CA SER D 424 -26.79 19.36 -3.50
C SER D 424 -25.36 18.86 -3.49
N VAL D 425 -25.13 17.62 -3.88
CA VAL D 425 -23.76 17.13 -4.00
C VAL D 425 -23.08 17.75 -5.21
N MET D 426 -23.80 17.81 -6.34
CA MET D 426 -23.21 18.31 -7.57
C MET D 426 -23.02 19.82 -7.54
N ARG D 427 -23.74 20.52 -6.66
CA ARG D 427 -23.39 21.90 -6.38
C ARG D 427 -22.05 21.99 -5.68
N PHE D 428 -21.89 21.23 -4.60
CA PHE D 428 -20.69 21.33 -3.77
C PHE D 428 -19.49 20.71 -4.44
N CYS D 429 -19.71 19.76 -5.36
CA CYS D 429 -18.59 19.17 -6.10
C CYS D 429 -17.93 20.18 -7.00
N CYS D 430 -18.65 21.21 -7.43
CA CYS D 430 -18.04 22.32 -8.13
C CYS D 430 -17.26 23.22 -7.18
N CYS D 431 -17.69 23.31 -5.92
CA CYS D 431 -16.98 24.14 -4.96
C CYS D 431 -15.65 23.54 -4.54
N VAL D 432 -15.50 22.23 -4.68
CA VAL D 432 -14.27 21.57 -4.25
C VAL D 432 -13.31 21.51 -5.41
N ALA D 433 -13.83 21.28 -6.62
CA ALA D 433 -12.99 21.10 -7.80
C ALA D 433 -12.23 22.37 -8.15
N VAL D 434 -12.77 23.53 -7.75
CA VAL D 434 -12.04 24.78 -7.92
C VAL D 434 -10.80 24.80 -7.03
N ILE D 435 -10.93 24.39 -5.78
CA ILE D 435 -9.78 24.33 -4.89
C ILE D 435 -8.88 23.17 -5.28
N TYR D 436 -9.45 22.09 -5.78
CA TYR D 436 -8.67 20.93 -6.17
C TYR D 436 -7.79 21.21 -7.37
N LEU D 437 -8.26 22.03 -8.32
CA LEU D 437 -7.37 22.43 -9.40
C LEU D 437 -6.33 23.42 -8.93
N GLY D 438 -6.55 24.07 -7.78
CA GLY D 438 -5.54 24.97 -7.26
C GLY D 438 -4.29 24.23 -6.82
N TYR D 439 -4.44 23.16 -6.06
CA TYR D 439 -3.29 22.40 -5.63
C TYR D 439 -2.64 21.61 -6.74
N CYS D 440 -3.39 21.27 -7.79
CA CYS D 440 -2.77 20.57 -8.90
C CYS D 440 -1.84 21.45 -9.71
N PHE D 441 -2.13 22.73 -9.85
CA PHE D 441 -1.19 23.60 -10.53
C PHE D 441 -0.06 24.05 -9.63
N CYS D 442 -0.31 24.14 -8.32
CA CYS D 442 0.74 24.59 -7.42
C CYS D 442 1.76 23.48 -7.18
N GLY D 443 1.29 22.25 -7.02
CA GLY D 443 2.21 21.16 -6.76
C GLY D 443 2.96 20.69 -7.96
N TRP D 444 2.52 21.03 -9.17
CA TRP D 444 3.18 20.58 -10.38
C TRP D 444 4.43 21.38 -10.69
N ILE D 445 4.54 22.61 -10.20
CA ILE D 445 5.69 23.44 -10.46
C ILE D 445 6.73 23.32 -9.35
N VAL D 446 6.27 23.37 -8.11
CA VAL D 446 7.20 23.34 -6.98
C VAL D 446 7.84 21.97 -6.86
N LEU D 447 7.03 20.92 -6.77
CA LEU D 447 7.50 19.58 -6.55
C LEU D 447 7.75 18.84 -7.84
N GLY D 448 7.60 19.50 -8.96
CA GLY D 448 7.83 18.93 -10.27
C GLY D 448 9.23 18.47 -10.60
N PRO D 449 10.24 19.34 -10.49
CA PRO D 449 11.59 18.92 -10.88
C PRO D 449 12.21 17.87 -9.99
N TYR D 450 11.86 17.84 -8.72
CA TYR D 450 12.63 17.03 -7.78
C TYR D 450 12.11 15.62 -7.63
N HIS D 451 10.94 15.29 -8.16
CA HIS D 451 10.34 14.01 -7.84
C HIS D 451 9.84 13.34 -9.11
N VAL D 452 9.13 12.23 -8.93
CA VAL D 452 8.73 11.36 -10.03
C VAL D 452 7.22 11.31 -10.16
N LYS D 453 6.50 11.21 -9.05
CA LYS D 453 5.05 11.15 -9.10
C LYS D 453 4.43 12.45 -9.54
N PHE D 454 5.12 13.57 -9.35
CA PHE D 454 4.55 14.89 -9.59
C PHE D 454 5.04 15.50 -10.88
N ARG D 455 5.15 14.73 -11.96
CA ARG D 455 5.81 15.22 -13.15
C ARG D 455 4.84 15.83 -14.16
N SER D 456 3.75 15.15 -14.49
CA SER D 456 2.75 15.73 -15.37
C SER D 456 1.44 15.92 -14.63
N LEU D 457 0.51 16.67 -15.23
CA LEU D 457 -0.77 16.95 -14.57
C LEU D 457 -1.62 15.70 -14.44
N SER D 458 -1.53 14.81 -15.41
CA SER D 458 -2.28 13.57 -15.36
C SER D 458 -1.80 12.64 -14.26
N MET D 459 -0.60 12.83 -13.75
CA MET D 459 -0.18 12.10 -12.55
C MET D 459 -0.52 12.83 -11.27
N VAL D 460 -0.44 14.16 -11.29
CA VAL D 460 -0.72 14.93 -10.08
C VAL D 460 -2.20 14.85 -9.74
N SER D 461 -3.05 14.84 -10.75
CA SER D 461 -4.47 14.62 -10.52
C SER D 461 -4.79 13.19 -10.12
N GLU D 462 -3.85 12.27 -10.25
CA GLU D 462 -3.98 10.93 -9.69
C GLU D 462 -3.29 10.79 -8.36
N CYS D 463 -2.11 11.40 -8.20
CA CYS D 463 -1.38 11.24 -6.94
C CYS D 463 -2.01 12.05 -5.83
N LEU D 464 -2.75 13.10 -6.15
CA LEU D 464 -3.48 13.80 -5.11
C LEU D 464 -4.83 13.16 -4.86
N PHE D 465 -5.50 12.68 -5.89
CA PHE D 465 -6.83 12.15 -5.67
C PHE D 465 -6.79 10.79 -5.00
N SER D 466 -5.75 10.00 -5.26
CA SER D 466 -5.58 8.76 -4.52
C SER D 466 -5.08 9.00 -3.12
N LEU D 467 -4.70 10.22 -2.80
CA LEU D 467 -4.13 10.52 -1.51
C LEU D 467 -5.18 10.93 -0.50
N ILE D 468 -6.26 11.59 -0.92
CA ILE D 468 -7.30 11.98 0.03
C ILE D 468 -8.15 10.79 0.45
N ASN D 469 -8.14 9.70 -0.31
CA ASN D 469 -8.82 8.49 0.14
C ASN D 469 -7.95 7.70 1.08
N GLY D 470 -6.67 8.02 1.17
CA GLY D 470 -5.78 7.33 2.08
C GLY D 470 -5.04 6.17 1.45
N ASP D 471 -4.32 6.43 0.37
CA ASP D 471 -3.57 5.38 -0.30
C ASP D 471 -2.33 5.99 -0.93
N ASP D 472 -1.20 5.31 -0.77
CA ASP D 472 0.14 5.81 -1.12
C ASP D 472 0.38 7.20 -0.55
N MET D 473 0.28 7.26 0.77
CA MET D 473 0.50 8.49 1.50
C MET D 473 1.89 8.55 2.13
N PHE D 474 2.30 7.49 2.83
CA PHE D 474 3.62 7.50 3.44
C PHE D 474 4.72 7.41 2.39
N VAL D 475 4.45 6.80 1.25
CA VAL D 475 5.48 6.65 0.22
C VAL D 475 5.81 8.00 -0.39
N THR D 476 4.83 8.90 -0.49
CA THR D 476 5.10 10.23 -0.99
C THR D 476 5.74 11.13 0.05
N PHE D 477 5.46 10.91 1.33
CA PHE D 477 6.22 11.61 2.36
C PHE D 477 7.65 11.11 2.44
N ALA D 478 7.88 9.83 2.20
CA ALA D 478 9.23 9.30 2.25
C ALA D 478 10.08 9.74 1.08
N ALA D 479 9.45 10.00 -0.07
CA ALA D 479 10.22 10.44 -1.23
C ALA D 479 10.65 11.90 -1.12
N MET D 480 10.01 12.68 -0.26
CA MET D 480 10.43 14.07 -0.10
C MET D 480 11.71 14.17 0.70
N GLN D 481 11.99 13.19 1.56
CA GLN D 481 13.10 13.30 2.49
C GLN D 481 14.41 12.81 1.92
N ALA D 482 14.53 12.75 0.60
CA ALA D 482 15.83 12.77 -0.04
C ALA D 482 16.26 14.20 -0.36
N GLN D 483 15.50 15.18 0.12
CA GLN D 483 15.74 16.59 -0.15
C GLN D 483 15.84 17.40 1.13
N GLN D 484 16.13 16.76 2.26
CA GLN D 484 16.25 17.54 3.49
C GLN D 484 17.58 18.25 3.56
N GLY D 485 18.57 17.79 2.80
CA GLY D 485 19.81 18.54 2.61
C GLY D 485 19.83 19.29 1.30
N ARG D 486 19.42 18.61 0.22
CA ARG D 486 19.33 19.24 -1.09
C ARG D 486 18.15 20.19 -1.12
N SER D 487 18.42 21.50 -1.10
CA SER D 487 17.43 22.57 -1.27
C SER D 487 16.34 22.49 -0.20
N SER D 488 16.77 22.75 1.03
CA SER D 488 15.94 22.70 2.23
C SER D 488 14.80 23.69 2.24
N LEU D 489 14.56 24.59 1.27
CA LEU D 489 13.32 25.32 1.23
C LEU D 489 12.20 24.49 0.63
N VAL D 490 12.51 23.72 -0.41
CA VAL D 490 11.50 22.93 -1.10
C VAL D 490 11.01 21.81 -0.21
N TRP D 491 11.85 21.32 0.70
CA TRP D 491 11.40 20.36 1.69
C TRP D 491 10.37 20.97 2.62
N LEU D 492 10.66 22.15 3.16
CA LEU D 492 9.76 22.79 4.09
C LEU D 492 8.48 23.24 3.42
N PHE D 493 8.51 23.52 2.12
CA PHE D 493 7.26 23.74 1.41
C PHE D 493 6.47 22.45 1.28
N SER D 494 7.17 21.34 1.05
CA SER D 494 6.48 20.08 0.80
C SER D 494 5.82 19.52 2.04
N GLN D 495 6.35 19.81 3.22
CA GLN D 495 5.66 19.44 4.44
C GLN D 495 4.42 20.29 4.64
N LEU D 496 4.49 21.55 4.26
CA LEU D 496 3.35 22.45 4.40
C LEU D 496 2.34 22.29 3.27
N TYR D 497 2.80 21.84 2.10
CA TYR D 497 1.88 21.56 1.00
C TYR D 497 1.04 20.34 1.31
N LEU D 498 1.68 19.24 1.71
CA LEU D 498 0.98 17.98 1.85
C LEU D 498 0.09 17.96 3.08
N TYR D 499 0.59 18.43 4.24
CA TYR D 499 -0.20 18.41 5.48
C TYR D 499 -1.43 19.28 5.39
N SER D 500 -1.36 20.41 4.70
CA SER D 500 -2.50 21.31 4.62
C SER D 500 -3.53 20.86 3.62
N PHE D 501 -3.21 19.85 2.82
CA PHE D 501 -4.12 19.33 1.81
C PHE D 501 -4.82 18.06 2.26
N ILE D 502 -4.09 17.10 2.79
CA ILE D 502 -4.71 15.86 3.24
C ILE D 502 -5.53 16.10 4.50
N SER D 503 -5.16 17.08 5.31
CA SER D 503 -5.95 17.44 6.47
C SER D 503 -7.01 18.47 6.14
N LEU D 504 -7.20 18.80 4.87
CA LEU D 504 -8.31 19.64 4.47
C LEU D 504 -9.46 18.84 3.89
N PHE D 505 -9.19 17.91 2.99
CA PHE D 505 -10.27 17.19 2.33
C PHE D 505 -10.87 16.08 3.17
N ILE D 506 -10.15 15.52 4.13
CA ILE D 506 -10.78 14.52 4.97
C ILE D 506 -11.61 15.18 6.07
N TYR D 507 -11.14 16.26 6.64
CA TYR D 507 -11.69 16.73 7.90
C TYR D 507 -12.72 17.85 7.74
N MET D 508 -12.77 18.50 6.58
CA MET D 508 -13.79 19.51 6.36
C MET D 508 -14.50 19.42 5.03
N VAL D 509 -14.09 18.52 4.14
CA VAL D 509 -14.74 18.35 2.85
C VAL D 509 -15.46 17.02 2.75
N LEU D 510 -14.81 15.94 3.23
CA LEU D 510 -15.49 14.66 3.32
C LEU D 510 -16.66 14.71 4.30
N SER D 511 -16.57 15.55 5.31
CA SER D 511 -17.65 15.67 6.28
C SER D 511 -18.90 16.30 5.70
N LEU D 512 -18.79 17.13 4.66
CA LEU D 512 -20.00 17.66 4.04
C LEU D 512 -20.78 16.57 3.33
N PHE D 513 -20.08 15.71 2.59
CA PHE D 513 -20.71 14.62 1.87
C PHE D 513 -21.41 13.63 2.77
N ILE D 514 -20.99 13.53 4.03
CA ILE D 514 -21.74 12.77 5.02
C ILE D 514 -22.88 13.61 5.58
N ALA D 515 -22.69 14.92 5.70
CA ALA D 515 -23.73 15.76 6.29
C ALA D 515 -24.87 16.07 5.33
N LEU D 516 -24.59 16.18 4.03
CA LEU D 516 -25.66 16.49 3.10
C LEU D 516 -26.62 15.32 2.93
N ILE D 517 -26.09 14.10 2.95
CA ILE D 517 -26.95 12.93 2.77
C ILE D 517 -27.78 12.70 4.03
N THR D 518 -27.18 12.90 5.21
CA THR D 518 -27.95 12.87 6.45
C THR D 518 -28.98 13.98 6.48
N GLY D 519 -28.58 15.17 6.03
CA GLY D 519 -29.51 16.28 5.94
C GLY D 519 -30.61 16.09 4.91
N ALA D 520 -30.39 15.23 3.93
CA ALA D 520 -31.44 14.92 2.97
C ALA D 520 -32.28 13.73 3.38
N TYR D 521 -31.74 12.83 4.21
CA TYR D 521 -32.52 11.67 4.63
C TYR D 521 -33.57 12.05 5.65
N ASP D 522 -33.36 13.13 6.37
CA ASP D 522 -34.40 13.61 7.26
C ASP D 522 -35.56 14.24 6.51
N THR D 523 -35.31 14.83 5.34
CA THR D 523 -36.38 15.49 4.62
C THR D 523 -37.32 14.50 3.97
N ILE D 524 -36.80 13.36 3.51
CA ILE D 524 -37.61 12.45 2.73
C ILE D 524 -38.56 11.65 3.62
N LYS D 525 -38.18 11.45 4.88
CA LYS D 525 -39.03 10.64 5.73
C LYS D 525 -39.82 11.47 6.72
N HIS D 526 -39.66 12.79 6.71
CA HIS D 526 -40.50 13.67 7.50
C HIS D 526 -40.85 14.94 6.74
#